data_9J03
#
_entry.id   9J03
#
_cell.length_a   1.00
_cell.length_b   1.00
_cell.length_c   1.00
_cell.angle_alpha   90.00
_cell.angle_beta   90.00
_cell.angle_gamma   90.00
#
_symmetry.space_group_name_H-M   'P 1'
#
loop_
_entity.id
_entity.type
_entity.pdbx_description
1 polymer 'Lymphocyte antigen 96'
2 polymer 'Toll-like receptor 4'
3 branched 2-acetamido-2-deoxy-beta-D-glucopyranose-(1-4)-2-acetamido-2-deoxy-beta-D-glucopyranose
4 branched beta-D-mannopyranose-(1-4)-2-acetamido-2-deoxy-beta-D-glucopyranose-(1-4)-2-acetamido-2-deoxy-beta-D-glucopyranose
5 branched 2-acetamido-2-deoxy-beta-D-glucopyranose-(1-4)-2-acetamido-2-deoxy-beta-D-glucopyranose-(1-4)-2-acetamido-2-deoxy-beta-D-glucopyranose
6 non-polymer '(3R)-3-(dodecanoyloxy)tetradecanoic acid'
7 non-polymer 2-acetamido-2-deoxy-beta-D-glucopyranose
8 non-polymer 2-amino-2-deoxy-4-O-phosphono-alpha-D-glucopyranose
9 non-polymer '[(2~{R},3~{S},4~{S},5~{S})-5-methoxy-3,4,6-tris(oxidanyl)oxan-2-yl]methyl dihydrogen phosphate'
#
loop_
_entity_poly.entity_id
_entity_poly.type
_entity_poly.pdbx_seq_one_letter_code
_entity_poly.pdbx_strand_id
1 'polypeptide(L)'
;QKQYWVCNSSDASISYTYCDKMQYPISINVNPCIELKGSKGLLHIFYIPRRDLKQLYFNLYITVNTMNLPKRKEVICRGS
DDDYSFCRALKGETVNTTISFSFKGIKFSKGKYKCVVEAISGSPEEMLFCLEFVILHQPNSN
;
C,D
2 'polypeptide(L)'
;EPCVEVVPNITYQCMELNFYKIPDNLPFSTKNLDLSFNPLRHLGSYSFFSFPELQVLDLSRCEIQTIEDGAYQSLSHLST
LILTGNPIQSLALGAFSGLSSLQKLVAVETNLASLENFPIGHLKTLKELNVAHNLIQSFKLPEYFSNLTNLEHLDLSSNK
IQSIYCTDLRVLHQMPLLNLSLDLSLNPMNFIQPGAFKEIRLHKLTLRNNFDSLNVMKTCIQGLAGLEVHRLVLGEFRNE
GNLEKFDKSALEGLCNLTIEEFRLAYLDYYLDDIIDLFNCLTNVSSFSLVSVTIERVKDFSYNFGWQHLELVNCKFGQFP
TLKLKSLKRLTFTSNKGGNAFSEVDLPSLEFLDLSRNGLSFKGCCSQSDFGTTSLKYLDLSFNGVITMSSNFLGLEQLEH
LDFQHSNLKQMSEFSVFLSLRNLIYLDISHTHTRVAFNGIFNGLSSLEVLKMAGNSFQENFLPDIFTELRNLTFLDLSQC
QLEQLSPTAFNSLSSLQVLNMSHNNFFSLDTFPYKCLNSLQVLDYSLNHIMTSKKQELQHFPSSLAFLNLTQNDFACTCE
HQSFLQWIKDQRQLLVEVERMECATPSDKQGMPVLSLNITCQMNK
;
B,A
#
loop_
_chem_comp.id
_chem_comp.type
_chem_comp.name
_chem_comp.formula
2IL non-polymer '(3R)-3-(dodecanoyloxy)tetradecanoic acid' 'C26 H50 O4'
BMA D-saccharide, beta linking beta-D-mannopyranose 'C6 H12 O6'
GP4 D-saccharide, alpha linking 2-amino-2-deoxy-4-O-phosphono-alpha-D-glucopyranose 'C6 H14 N O8 P'
NAG D-saccharide, beta linking 2-acetamido-2-deoxy-beta-D-glucopyranose 'C8 H15 N O6'
X6Z D-saccharide, alpha linking '[(2~{R},3~{S},4~{S},5~{S})-5-methoxy-3,4,6-tris(oxidanyl)oxan-2-yl]methyl dihydrogen phosphate' 'C7 H15 O9 P'
#
# COMPACT_ATOMS: atom_id res chain seq x y z
N GLN A 1 31.71 -5.69 -35.00
CA GLN A 1 30.37 -6.13 -34.64
C GLN A 1 29.39 -5.92 -35.78
N LYS A 2 28.78 -7.00 -36.24
CA LYS A 2 27.83 -6.92 -37.34
C LYS A 2 26.44 -6.56 -36.80
N GLN A 3 25.74 -5.70 -37.52
CA GLN A 3 24.43 -5.21 -37.11
C GLN A 3 23.34 -6.12 -37.66
N TYR A 4 22.40 -6.50 -36.81
CA TYR A 4 21.28 -7.37 -37.19
C TYR A 4 19.99 -6.55 -37.12
N TRP A 5 19.39 -6.31 -38.28
CA TRP A 5 18.12 -5.58 -38.35
C TRP A 5 16.95 -6.53 -38.06
N VAL A 6 15.84 -5.94 -37.63
CA VAL A 6 14.64 -6.72 -37.38
C VAL A 6 13.47 -6.19 -38.20
N CYS A 7 13.06 -4.95 -37.95
CA CYS A 7 11.90 -4.40 -38.66
C CYS A 7 11.83 -2.90 -38.44
N ASN A 8 11.23 -2.22 -39.41
CA ASN A 8 10.89 -0.81 -39.31
C ASN A 8 9.38 -0.65 -39.16
N SER A 9 8.98 0.46 -38.55
CA SER A 9 7.59 0.86 -38.49
C SER A 9 7.53 2.37 -38.67
N SER A 10 6.38 2.95 -38.37
CA SER A 10 6.27 4.41 -38.47
C SER A 10 7.15 5.11 -37.45
N ASP A 11 7.30 4.54 -36.25
CA ASP A 11 8.13 5.15 -35.21
C ASP A 11 9.00 4.10 -34.52
N ALA A 12 9.69 3.27 -35.29
CA ALA A 12 10.63 2.31 -34.71
C ALA A 12 11.64 1.86 -35.75
N SER A 13 12.86 1.55 -35.28
CA SER A 13 13.94 1.10 -36.13
C SER A 13 14.77 0.01 -35.44
N ILE A 14 14.09 -1.00 -34.89
CA ILE A 14 14.74 -2.03 -34.07
C ILE A 14 15.96 -2.62 -34.79
N SER A 15 17.00 -2.94 -34.00
CA SER A 15 18.17 -3.68 -34.47
C SER A 15 18.88 -4.25 -33.25
N TYR A 16 19.90 -5.09 -33.50
CA TYR A 16 20.64 -5.65 -32.37
C TYR A 16 21.98 -6.22 -32.84
N THR A 17 22.88 -6.37 -31.87
CA THR A 17 24.21 -6.98 -32.07
C THR A 17 24.51 -7.91 -30.90
N TYR A 18 25.73 -8.43 -30.85
CA TYR A 18 26.14 -9.41 -29.85
C TYR A 18 27.04 -8.80 -28.79
N CYS A 19 26.93 -9.33 -27.57
CA CYS A 19 27.81 -8.95 -26.47
C CYS A 19 29.06 -9.82 -26.41
N ASP A 20 28.84 -11.11 -26.19
CA ASP A 20 29.82 -11.97 -25.55
C ASP A 20 30.72 -12.66 -26.58
N LYS A 21 31.53 -13.60 -26.09
CA LYS A 21 32.54 -14.24 -26.93
C LYS A 21 31.90 -15.15 -27.97
N MET A 22 30.98 -16.01 -27.53
CA MET A 22 30.31 -16.93 -28.43
C MET A 22 29.18 -16.22 -29.18
N GLN A 23 29.02 -16.58 -30.46
CA GLN A 23 28.10 -15.88 -31.35
C GLN A 23 27.20 -16.88 -32.06
N TYR A 24 26.59 -17.78 -31.29
CA TYR A 24 25.68 -18.77 -31.85
C TYR A 24 24.48 -18.09 -32.49
N PRO A 25 24.13 -18.44 -33.72
CA PRO A 25 23.07 -17.71 -34.44
C PRO A 25 21.71 -17.91 -33.79
N ILE A 26 20.77 -17.07 -34.24
CA ILE A 26 19.39 -17.07 -33.77
C ILE A 26 18.58 -16.34 -34.82
N SER A 27 17.29 -16.66 -34.90
CA SER A 27 16.42 -16.01 -35.89
C SER A 27 15.18 -15.47 -35.20
N ILE A 28 15.01 -14.16 -35.24
CA ILE A 28 13.89 -13.47 -34.60
C ILE A 28 13.15 -12.66 -35.66
N ASN A 29 11.83 -12.78 -35.67
CA ASN A 29 10.99 -11.97 -36.55
C ASN A 29 9.78 -11.50 -35.77
N VAL A 30 9.25 -10.34 -36.16
CA VAL A 30 8.05 -9.76 -35.55
C VAL A 30 7.15 -9.25 -36.66
N ASN A 31 5.88 -9.65 -36.62
CA ASN A 31 4.94 -9.25 -37.66
C ASN A 31 3.58 -8.90 -37.06
N PRO A 32 3.08 -7.67 -37.23
CA PRO A 32 3.78 -6.56 -37.89
C PRO A 32 4.65 -5.79 -36.90
N CYS A 33 5.54 -4.94 -37.44
CA CYS A 33 6.56 -4.30 -36.61
C CYS A 33 5.92 -3.50 -35.49
N ILE A 34 6.66 -3.40 -34.38
CA ILE A 34 6.16 -2.74 -33.19
C ILE A 34 6.10 -1.23 -33.41
N GLU A 35 4.92 -0.66 -33.21
CA GLU A 35 4.75 0.78 -33.15
C GLU A 35 4.82 1.16 -31.68
N LEU A 36 5.83 1.97 -31.31
CA LEU A 36 6.18 2.18 -29.92
C LEU A 36 5.15 3.15 -29.34
N LYS A 37 3.91 2.70 -29.41
CA LYS A 37 2.73 3.52 -29.15
C LYS A 37 1.59 2.69 -28.59
N GLY A 38 1.79 1.40 -28.37
CA GLY A 38 0.71 0.45 -28.20
C GLY A 38 0.55 -0.35 -29.47
N SER A 39 1.01 -1.60 -29.47
CA SER A 39 1.02 -2.42 -30.67
C SER A 39 0.50 -3.82 -30.35
N LYS A 40 0.39 -4.62 -31.41
CA LYS A 40 0.01 -6.02 -31.37
C LYS A 40 0.82 -6.75 -32.44
N GLY A 41 0.96 -8.06 -32.28
CA GLY A 41 1.60 -8.82 -33.35
C GLY A 41 2.08 -10.18 -32.88
N LEU A 42 2.84 -10.82 -33.77
CA LEU A 42 3.43 -12.14 -33.56
C LEU A 42 4.94 -12.04 -33.54
N LEU A 43 5.56 -13.01 -32.89
CA LEU A 43 7.01 -13.07 -32.69
C LEU A 43 7.44 -14.50 -33.00
N HIS A 44 8.15 -14.68 -34.11
CA HIS A 44 8.56 -15.99 -34.60
C HIS A 44 10.03 -16.18 -34.30
N ILE A 45 10.35 -17.29 -33.64
CA ILE A 45 11.71 -17.56 -33.15
C ILE A 45 12.17 -18.91 -33.68
N PHE A 46 13.37 -18.94 -34.24
CA PHE A 46 14.01 -20.16 -34.70
C PHE A 46 15.40 -20.22 -34.06
N TYR A 47 15.64 -21.26 -33.26
CA TYR A 47 16.83 -21.32 -32.43
C TYR A 47 17.25 -22.78 -32.26
N ILE A 48 18.53 -22.97 -31.95
CA ILE A 48 19.07 -24.28 -31.58
C ILE A 48 19.98 -24.07 -30.38
N PRO A 49 19.49 -24.27 -29.17
CA PRO A 49 20.25 -23.87 -27.99
C PRO A 49 21.52 -24.69 -27.80
N ARG A 50 22.47 -24.08 -27.11
CA ARG A 50 23.67 -24.79 -26.64
C ARG A 50 23.54 -25.23 -25.20
N ARG A 51 22.42 -24.89 -24.54
CA ARG A 51 22.09 -25.39 -23.23
C ARG A 51 20.63 -25.83 -23.24
N ASP A 52 20.09 -26.11 -22.07
CA ASP A 52 18.69 -26.50 -21.99
C ASP A 52 17.90 -25.21 -21.80
N LEU A 53 16.81 -25.07 -22.56
CA LEU A 53 15.90 -23.93 -22.39
C LEU A 53 15.01 -24.24 -21.19
N LYS A 54 15.64 -24.36 -20.03
CA LYS A 54 14.97 -24.75 -18.81
C LYS A 54 15.33 -23.73 -17.74
N GLN A 55 14.31 -23.22 -17.04
CA GLN A 55 14.49 -22.13 -16.09
C GLN A 55 15.15 -20.93 -16.76
N LEU A 56 14.75 -20.68 -18.00
CA LEU A 56 15.24 -19.54 -18.75
C LEU A 56 14.72 -18.24 -18.17
N TYR A 57 15.55 -17.21 -18.21
CA TYR A 57 15.10 -15.87 -17.84
C TYR A 57 16.03 -14.85 -18.47
N PHE A 58 15.60 -13.60 -18.40
CA PHE A 58 16.26 -12.47 -19.04
C PHE A 58 16.65 -11.44 -18.01
N ASN A 59 17.86 -10.90 -18.16
CA ASN A 59 18.29 -9.68 -17.49
C ASN A 59 18.32 -8.59 -18.55
N LEU A 60 17.58 -7.51 -18.31
CA LEU A 60 17.48 -6.40 -19.23
C LEU A 60 18.10 -5.16 -18.60
N TYR A 61 19.06 -4.57 -19.30
CA TYR A 61 19.70 -3.33 -18.91
C TYR A 61 19.24 -2.26 -19.88
N ILE A 62 18.27 -1.45 -19.47
CA ILE A 62 17.63 -0.50 -20.35
C ILE A 62 18.28 0.86 -20.17
N THR A 63 18.33 1.63 -21.25
CA THR A 63 19.01 2.92 -21.28
C THR A 63 18.15 3.88 -22.11
N VAL A 64 17.57 4.86 -21.42
CA VAL A 64 16.67 5.84 -22.02
C VAL A 64 17.49 7.07 -22.35
N ASN A 65 18.06 7.09 -23.56
CA ASN A 65 18.75 8.27 -24.07
C ASN A 65 19.83 8.74 -23.11
N THR A 66 20.84 7.88 -22.93
CA THR A 66 21.99 8.12 -22.06
C THR A 66 21.60 8.24 -20.59
N MET A 67 20.41 7.76 -20.23
CA MET A 67 19.99 7.69 -18.83
C MET A 67 19.65 6.24 -18.52
N ASN A 68 20.42 5.62 -17.65
CA ASN A 68 20.12 4.25 -17.26
C ASN A 68 18.80 4.16 -16.51
N LEU A 69 18.18 3.01 -16.58
CA LEU A 69 17.04 2.63 -15.77
C LEU A 69 17.56 1.62 -14.76
N PRO A 70 16.74 1.14 -13.83
CA PRO A 70 17.14 -0.03 -13.04
C PRO A 70 17.26 -1.27 -13.91
N LYS A 71 17.61 -2.40 -13.32
CA LYS A 71 17.76 -3.66 -14.04
C LYS A 71 16.47 -4.45 -13.97
N ARG A 72 16.05 -5.01 -15.10
CA ARG A 72 14.84 -5.81 -15.19
C ARG A 72 15.18 -7.30 -15.20
N LYS A 73 14.34 -8.10 -14.57
CA LYS A 73 14.52 -9.55 -14.52
C LYS A 73 13.20 -10.22 -14.87
N GLU A 74 13.18 -10.94 -15.99
CA GLU A 74 11.97 -11.55 -16.52
C GLU A 74 12.12 -13.06 -16.56
N VAL A 75 11.29 -13.77 -15.81
CA VAL A 75 11.30 -15.23 -15.81
C VAL A 75 10.33 -15.71 -16.89
N ILE A 76 10.87 -16.34 -17.93
CA ILE A 76 10.02 -16.86 -19.01
C ILE A 76 9.36 -18.15 -18.59
N CYS A 77 10.16 -19.15 -18.23
CA CYS A 77 9.66 -20.45 -17.81
C CYS A 77 10.23 -20.84 -16.45
N ARG A 78 9.34 -21.26 -15.56
CA ARG A 78 9.70 -21.80 -14.26
C ARG A 78 9.36 -23.29 -14.26
N GLY A 79 10.36 -24.12 -14.00
CA GLY A 79 10.13 -25.48 -13.54
C GLY A 79 9.04 -26.27 -14.23
N SER A 80 8.00 -26.59 -13.47
CA SER A 80 6.92 -27.48 -13.89
C SER A 80 5.87 -26.75 -14.72
N ASP A 81 5.43 -27.40 -15.79
CA ASP A 81 4.21 -27.04 -16.52
C ASP A 81 4.24 -25.58 -16.97
N ASP A 82 5.18 -25.30 -17.88
CA ASP A 82 5.30 -23.96 -18.41
C ASP A 82 4.08 -23.60 -19.27
N ASP A 83 3.82 -22.30 -19.35
CA ASP A 83 2.82 -21.83 -20.29
C ASP A 83 3.22 -22.12 -21.72
N TYR A 84 4.51 -22.28 -21.98
CA TYR A 84 5.05 -22.45 -23.32
C TYR A 84 5.56 -23.87 -23.51
N SER A 85 5.56 -24.31 -24.77
CA SER A 85 6.10 -25.61 -25.12
C SER A 85 7.60 -25.57 -25.40
N PHE A 86 8.14 -24.43 -25.82
CA PHE A 86 9.54 -24.38 -26.21
C PHE A 86 10.50 -24.49 -25.02
N CYS A 87 10.03 -24.26 -23.80
CA CYS A 87 10.88 -24.39 -22.63
C CYS A 87 10.98 -25.81 -22.12
N ARG A 88 10.68 -26.80 -22.96
CA ARG A 88 11.00 -28.19 -22.70
C ARG A 88 12.12 -28.69 -23.61
N ALA A 89 12.81 -27.78 -24.28
CA ALA A 89 13.86 -28.16 -25.20
C ALA A 89 15.08 -28.66 -24.44
N LEU A 90 15.96 -29.34 -25.17
CA LEU A 90 17.27 -29.77 -24.70
C LEU A 90 18.33 -29.17 -25.60
N LYS A 91 19.60 -29.46 -25.28
CA LYS A 91 20.67 -29.03 -26.16
C LYS A 91 20.50 -29.66 -27.54
N GLY A 92 20.96 -28.96 -28.57
CA GLY A 92 20.88 -29.46 -29.91
C GLY A 92 19.49 -29.59 -30.49
N GLU A 93 18.44 -29.41 -29.70
CA GLU A 93 17.07 -29.60 -30.16
C GLU A 93 16.54 -28.34 -30.81
N THR A 94 15.92 -28.50 -31.97
CA THR A 94 15.37 -27.38 -32.72
C THR A 94 14.20 -26.77 -31.97
N VAL A 95 14.28 -25.46 -31.69
CA VAL A 95 13.16 -24.68 -31.20
C VAL A 95 12.64 -23.85 -32.36
N ASN A 96 11.34 -23.98 -32.63
CA ASN A 96 10.70 -23.29 -33.75
C ASN A 96 9.32 -22.86 -33.25
N THR A 97 9.25 -21.65 -32.72
CA THR A 97 8.11 -21.24 -31.91
C THR A 97 7.54 -19.90 -32.38
N THR A 98 6.35 -19.58 -31.87
CA THR A 98 5.61 -18.39 -32.22
C THR A 98 4.84 -17.90 -31.01
N ILE A 99 5.04 -16.63 -30.63
CA ILE A 99 4.42 -16.04 -29.46
C ILE A 99 3.86 -14.68 -29.83
N SER A 100 2.59 -14.45 -29.51
CA SER A 100 1.98 -13.17 -29.83
C SER A 100 2.04 -12.23 -28.62
N PHE A 101 2.04 -10.93 -28.91
CA PHE A 101 2.21 -9.90 -27.89
C PHE A 101 1.36 -8.69 -28.23
N SER A 102 1.08 -7.89 -27.20
CA SER A 102 0.41 -6.61 -27.38
C SER A 102 0.60 -5.75 -26.13
N PHE A 103 0.64 -4.43 -26.32
CA PHE A 103 0.77 -3.49 -25.22
C PHE A 103 0.16 -2.16 -25.63
N LYS A 104 -0.14 -1.32 -24.63
CA LYS A 104 -0.66 0.03 -24.87
C LYS A 104 -0.69 0.79 -23.56
N GLY A 105 -0.72 2.10 -23.68
CA GLY A 105 -0.97 2.98 -22.55
C GLY A 105 0.22 3.75 -21.98
N ILE A 106 1.29 3.93 -22.75
CA ILE A 106 2.48 4.63 -22.28
C ILE A 106 3.00 5.51 -23.40
N LYS A 107 3.50 6.69 -23.05
CA LYS A 107 4.15 7.59 -23.98
C LYS A 107 5.65 7.54 -23.78
N PHE A 108 6.38 7.49 -24.89
CA PHE A 108 7.82 7.56 -24.88
C PHE A 108 8.24 8.87 -25.55
N SER A 109 9.53 9.12 -25.65
CA SER A 109 10.02 10.32 -26.30
C SER A 109 11.16 9.90 -27.23
N LYS A 110 11.76 10.85 -27.91
CA LYS A 110 12.79 10.56 -28.89
C LYS A 110 14.09 10.16 -28.20
N GLY A 111 14.98 9.55 -28.97
CA GLY A 111 16.32 9.26 -28.49
C GLY A 111 16.80 7.84 -28.70
N LYS A 112 18.11 7.65 -28.62
CA LYS A 112 18.71 6.33 -28.68
C LYS A 112 18.27 5.52 -27.45
N TYR A 113 17.37 4.57 -27.65
CA TYR A 113 16.97 3.63 -26.60
C TYR A 113 17.78 2.35 -26.75
N LYS A 114 18.31 1.85 -25.65
CA LYS A 114 19.09 0.62 -25.71
C LYS A 114 18.63 -0.35 -24.63
N CYS A 115 18.88 -1.63 -24.86
CA CYS A 115 18.54 -2.66 -23.89
C CYS A 115 19.49 -3.82 -24.07
N VAL A 116 20.27 -4.12 -23.04
CA VAL A 116 21.16 -5.27 -23.04
C VAL A 116 20.36 -6.48 -22.56
N VAL A 117 20.38 -7.54 -23.36
CA VAL A 117 19.57 -8.74 -23.15
C VAL A 117 20.50 -9.88 -22.77
N GLU A 118 20.32 -10.44 -21.57
CA GLU A 118 21.13 -11.56 -21.09
C GLU A 118 20.20 -12.72 -20.78
N ALA A 119 20.29 -13.80 -21.55
CA ALA A 119 19.51 -15.00 -21.28
C ALA A 119 20.31 -15.92 -20.38
N ILE A 120 19.65 -16.49 -19.37
CA ILE A 120 20.27 -17.44 -18.46
C ILE A 120 19.36 -18.65 -18.34
N SER A 121 19.95 -19.85 -18.34
CA SER A 121 19.18 -21.08 -18.23
C SER A 121 20.09 -22.18 -17.71
N GLY A 122 19.55 -23.39 -17.61
CA GLY A 122 20.36 -24.56 -17.39
C GLY A 122 20.40 -25.06 -15.95
N SER A 123 21.30 -26.03 -15.73
CA SER A 123 21.46 -26.69 -14.43
C SER A 123 22.29 -25.86 -13.46
N PRO A 124 23.49 -25.37 -13.85
CA PRO A 124 24.21 -24.45 -12.96
C PRO A 124 23.94 -22.99 -13.25
N GLU A 125 22.92 -22.68 -14.07
CA GLU A 125 22.54 -21.31 -14.39
C GLU A 125 23.66 -20.53 -15.08
N GLU A 126 24.16 -21.04 -16.20
CA GLU A 126 25.11 -20.29 -17.00
C GLU A 126 24.40 -19.61 -18.17
N MET A 127 24.99 -18.52 -18.66
CA MET A 127 24.32 -17.73 -19.67
C MET A 127 24.17 -18.50 -20.97
N LEU A 128 23.15 -18.13 -21.73
CA LEU A 128 22.86 -18.72 -23.03
C LEU A 128 23.29 -17.81 -24.17
N PHE A 129 23.15 -16.50 -24.01
CA PHE A 129 23.73 -15.53 -24.93
C PHE A 129 23.41 -14.14 -24.41
N CYS A 130 24.12 -13.15 -24.95
CA CYS A 130 23.81 -11.76 -24.73
C CYS A 130 23.51 -11.11 -26.08
N LEU A 131 22.56 -10.19 -26.07
CA LEU A 131 22.21 -9.42 -27.24
C LEU A 131 22.00 -7.99 -26.82
N GLU A 132 22.18 -7.08 -27.79
CA GLU A 132 22.16 -5.65 -27.53
C GLU A 132 21.21 -5.00 -28.53
N PHE A 133 20.09 -4.48 -28.04
CA PHE A 133 19.02 -3.96 -28.87
C PHE A 133 19.08 -2.44 -28.94
N VAL A 134 18.98 -1.92 -30.15
CA VAL A 134 18.95 -0.48 -30.40
C VAL A 134 17.61 -0.17 -31.03
N ILE A 135 16.83 0.70 -30.38
CA ILE A 135 15.49 1.04 -30.79
C ILE A 135 15.42 2.56 -30.88
N LEU A 136 15.59 3.10 -32.08
CA LEU A 136 15.35 4.52 -32.24
C LEU A 136 13.85 4.79 -32.12
N HIS A 137 13.50 6.06 -32.01
CA HIS A 137 12.08 6.42 -31.88
C HIS A 137 11.90 7.88 -32.26
N GLN A 138 10.91 8.15 -33.09
CA GLN A 138 10.59 9.52 -33.52
C GLN A 138 9.13 9.53 -33.91
N PRO A 139 8.24 9.94 -33.01
CA PRO A 139 6.80 9.80 -33.27
C PRO A 139 6.34 10.64 -34.44
N ASN A 140 5.99 9.98 -35.54
CA ASN A 140 5.50 10.61 -36.76
C ASN A 140 6.34 11.84 -37.17
N GLN B 1 -6.39 16.30 44.21
CA GLN B 1 -7.17 15.84 43.06
C GLN B 1 -8.20 14.79 43.49
N LYS B 2 -9.46 15.08 43.24
CA LYS B 2 -10.53 14.14 43.59
C LYS B 2 -10.72 13.12 42.48
N GLN B 3 -10.93 11.87 42.87
CA GLN B 3 -11.07 10.77 41.92
C GLN B 3 -12.54 10.60 41.53
N TYR B 4 -12.80 10.48 40.23
CA TYR B 4 -14.15 10.29 39.71
C TYR B 4 -14.26 8.90 39.12
N TRP B 5 -15.07 8.05 39.76
CA TRP B 5 -15.31 6.70 39.29
C TRP B 5 -16.36 6.70 38.18
N VAL B 6 -16.33 5.66 37.35
CA VAL B 6 -17.31 5.51 36.29
C VAL B 6 -18.04 4.18 36.42
N CYS B 7 -17.33 3.08 36.27
CA CYS B 7 -17.97 1.77 36.32
C CYS B 7 -16.92 0.67 36.46
N ASN B 8 -17.33 -0.44 37.07
CA ASN B 8 -16.55 -1.66 37.12
C ASN B 8 -17.16 -2.71 36.19
N SER B 9 -16.32 -3.63 35.74
CA SER B 9 -16.76 -4.80 35.00
C SER B 9 -15.92 -5.98 35.48
N SER B 10 -15.98 -7.08 34.73
CA SER B 10 -15.15 -8.23 35.09
C SER B 10 -13.67 -7.93 34.94
N ASP B 11 -13.29 -7.14 33.94
CA ASP B 11 -11.88 -6.80 33.71
C ASP B 11 -11.70 -5.31 33.41
N ALA B 12 -12.31 -4.45 34.21
CA ALA B 12 -12.11 -3.01 34.04
C ALA B 12 -12.46 -2.27 35.33
N SER B 13 -11.75 -1.17 35.58
CA SER B 13 -11.96 -0.33 36.76
C SER B 13 -11.84 1.16 36.40
N ILE B 14 -12.53 1.58 35.34
CA ILE B 14 -12.39 2.95 34.83
C ILE B 14 -12.54 4.00 35.93
N SER B 15 -11.76 5.08 35.82
CA SER B 15 -11.88 6.26 36.67
C SER B 15 -11.20 7.43 35.97
N TYR B 16 -11.35 8.63 36.54
CA TYR B 16 -10.69 9.78 35.93
C TYR B 16 -10.61 10.95 36.92
N THR B 17 -9.70 11.87 36.61
CA THR B 17 -9.51 13.11 37.37
C THR B 17 -9.30 14.26 36.39
N TYR B 18 -8.97 15.44 36.92
CA TYR B 18 -8.82 16.65 36.12
C TYR B 18 -7.37 17.03 35.93
N CYS B 19 -7.08 17.64 34.78
CA CYS B 19 -5.76 18.19 34.49
C CYS B 19 -5.64 19.64 34.93
N ASP B 20 -6.45 20.49 34.33
CA ASP B 20 -6.13 21.90 34.17
C ASP B 20 -6.68 22.74 35.32
N LYS B 21 -6.59 24.06 35.17
CA LYS B 21 -6.95 24.97 36.25
C LYS B 21 -8.44 24.98 36.49
N MET B 22 -9.23 25.12 35.44
CA MET B 22 -10.68 25.14 35.56
C MET B 22 -11.23 23.73 35.69
N GLN B 23 -12.25 23.58 36.53
CA GLN B 23 -12.79 22.27 36.89
C GLN B 23 -14.30 22.25 36.71
N TYR B 24 -14.77 22.70 35.54
CA TYR B 24 -16.20 22.71 35.24
C TYR B 24 -16.74 21.29 35.25
N PRO B 25 -17.84 21.02 35.95
CA PRO B 25 -18.32 19.64 36.09
C PRO B 25 -18.81 19.06 34.77
N ILE B 26 -19.01 17.74 34.80
CA ILE B 26 -19.47 16.96 33.65
C ILE B 26 -20.02 15.67 34.21
N SER B 27 -20.94 15.04 33.48
CA SER B 27 -21.52 13.78 33.92
C SER B 27 -21.44 12.77 32.81
N ILE B 28 -20.71 11.68 33.05
CA ILE B 28 -20.50 10.61 32.07
C ILE B 28 -20.96 9.30 32.69
N ASN B 29 -21.73 8.53 31.94
CA ASN B 29 -22.14 7.20 32.36
C ASN B 29 -22.03 6.26 31.17
N VAL B 30 -21.79 4.98 31.46
CA VAL B 30 -21.69 3.94 30.44
C VAL B 30 -22.46 2.72 30.92
N ASN B 31 -23.37 2.21 30.10
CA ASN B 31 -24.18 1.06 30.48
C ASN B 31 -24.33 0.08 29.32
N PRO B 32 -23.89 -1.18 29.49
CA PRO B 32 -23.18 -1.69 30.66
C PRO B 32 -21.68 -1.46 30.54
N CYS B 33 -20.97 -1.63 31.66
CA CYS B 33 -19.56 -1.26 31.72
C CYS B 33 -18.74 -1.98 30.67
N ILE B 34 -17.68 -1.32 30.22
CA ILE B 34 -16.85 -1.83 29.15
C ILE B 34 -16.04 -3.02 29.65
N GLU B 35 -16.18 -4.16 28.96
CA GLU B 35 -15.30 -5.30 29.16
C GLU B 35 -14.20 -5.18 28.12
N LEU B 36 -12.95 -5.05 28.58
CA LEU B 36 -11.85 -4.63 27.72
C LEU B 36 -11.44 -5.87 26.91
N LYS B 37 -12.42 -6.36 26.17
CA LYS B 37 -12.37 -7.64 25.50
C LYS B 37 -13.17 -7.64 24.22
N GLY B 38 -13.79 -6.52 23.85
CA GLY B 38 -14.86 -6.48 22.89
C GLY B 38 -16.17 -6.30 23.62
N SER B 39 -16.74 -5.10 23.58
CA SER B 39 -17.93 -4.78 24.35
C SER B 39 -18.92 -4.01 23.48
N LYS B 40 -20.08 -3.75 24.07
CA LYS B 40 -21.17 -2.96 23.49
C LYS B 40 -21.80 -2.16 24.62
N GLY B 41 -22.49 -1.08 24.27
CA GLY B 41 -23.24 -0.37 25.29
C GLY B 41 -23.59 1.04 24.88
N LEU B 42 -24.10 1.79 25.85
CA LEU B 42 -24.54 3.17 25.71
C LEU B 42 -23.67 4.08 26.56
N LEU B 43 -23.60 5.34 26.16
CA LEU B 43 -22.77 6.36 26.81
C LEU B 43 -23.64 7.61 26.95
N HIS B 44 -24.00 7.93 28.19
CA HIS B 44 -24.91 9.02 28.50
C HIS B 44 -24.10 10.19 29.04
N ILE B 45 -24.27 11.37 28.44
CA ILE B 45 -23.46 12.54 28.74
C ILE B 45 -24.37 13.70 29.10
N PHE B 46 -24.08 14.35 30.22
CA PHE B 46 -24.79 15.55 30.66
C PHE B 46 -23.75 16.63 30.91
N TYR B 47 -23.84 17.73 30.16
CA TYR B 47 -22.80 18.75 30.15
C TYR B 47 -23.41 20.11 29.91
N ILE B 48 -22.69 21.15 30.34
CA ILE B 48 -23.05 22.53 30.05
C ILE B 48 -21.77 23.25 29.65
N PRO B 49 -21.48 23.37 28.35
CA PRO B 49 -20.16 23.84 27.95
C PRO B 49 -19.92 25.30 28.32
N ARG B 50 -18.64 25.65 28.44
CA ARG B 50 -18.20 27.03 28.58
C ARG B 50 -17.75 27.60 27.25
N ARG B 51 -17.75 26.80 26.19
CA ARG B 51 -17.50 27.27 24.84
C ARG B 51 -18.56 26.65 23.93
N ASP B 52 -18.36 26.78 22.63
CA ASP B 52 -19.30 26.19 21.68
C ASP B 52 -18.79 24.78 21.39
N LEU B 53 -19.69 23.80 21.42
CA LEU B 53 -19.34 22.43 21.04
C LEU B 53 -19.33 22.36 19.52
N LYS B 54 -18.43 23.14 18.93
CA LYS B 54 -18.35 23.27 17.48
C LYS B 54 -16.90 23.00 17.08
N GLN B 55 -16.72 22.17 16.07
CA GLN B 55 -15.40 21.70 15.67
C GLN B 55 -14.65 21.09 16.86
N LEU B 56 -15.40 20.36 17.68
CA LEU B 56 -14.83 19.67 18.82
C LEU B 56 -13.94 18.52 18.36
N TYR B 57 -12.87 18.29 19.11
CA TYR B 57 -12.04 17.12 18.88
C TYR B 57 -11.25 16.81 20.14
N PHE B 58 -10.62 15.65 20.13
CA PHE B 58 -9.91 15.11 21.28
C PHE B 58 -8.46 14.85 20.93
N ASN B 59 -7.58 15.19 21.85
CA ASN B 59 -6.18 14.73 21.85
C ASN B 59 -6.06 13.71 22.95
N LEU B 60 -5.62 12.50 22.60
CA LEU B 60 -5.47 11.41 23.54
C LEU B 60 -4.00 11.06 23.68
N TYR B 61 -3.52 11.07 24.91
CA TYR B 61 -2.16 10.67 25.26
C TYR B 61 -2.25 9.37 26.02
N ILE B 62 -2.02 8.26 25.34
CA ILE B 62 -2.23 6.94 25.90
C ILE B 62 -0.91 6.40 26.45
N THR B 63 -1.00 5.62 27.52
CA THR B 63 0.17 5.11 28.22
C THR B 63 -0.12 3.67 28.62
N VAL B 64 0.59 2.75 27.99
CA VAL B 64 0.41 1.31 28.19
C VAL B 64 1.44 0.86 29.21
N ASN B 65 1.08 0.92 30.48
CA ASN B 65 1.90 0.39 31.56
C ASN B 65 3.33 0.97 31.50
N THR B 66 3.40 2.28 31.73
CA THR B 66 4.64 3.05 31.73
C THR B 66 5.33 3.06 30.38
N MET B 67 4.61 2.74 29.31
CA MET B 67 5.12 2.85 27.94
C MET B 67 4.17 3.75 27.17
N ASN B 68 4.67 4.92 26.75
CA ASN B 68 3.85 5.82 25.97
C ASN B 68 3.54 5.21 24.61
N LEU B 69 2.42 5.63 24.05
CA LEU B 69 2.04 5.37 22.67
C LEU B 69 2.22 6.67 21.92
N PRO B 70 2.01 6.71 20.62
CA PRO B 70 1.92 8.01 19.94
C PRO B 70 0.68 8.78 20.40
N LYS B 71 0.47 9.99 19.85
CA LYS B 71 -0.66 10.82 20.23
C LYS B 71 -1.81 10.59 19.25
N ARG B 72 -3.02 10.47 19.79
CA ARG B 72 -4.22 10.25 18.99
C ARG B 72 -5.00 11.55 18.85
N LYS B 73 -5.60 11.75 17.68
CA LYS B 73 -6.42 12.92 17.40
C LYS B 73 -7.74 12.48 16.79
N GLU B 74 -8.83 12.73 17.50
CA GLU B 74 -10.16 12.27 17.09
C GLU B 74 -11.07 13.46 16.85
N VAL B 75 -11.55 13.62 15.62
CA VAL B 75 -12.48 14.68 15.28
C VAL B 75 -13.89 14.16 15.50
N ILE B 76 -14.61 14.71 16.47
CA ILE B 76 -15.97 14.29 16.73
C ILE B 76 -16.93 14.91 15.73
N CYS B 77 -16.94 16.25 15.65
CA CYS B 77 -17.80 16.97 14.73
C CYS B 77 -17.00 17.94 13.88
N ARG B 78 -17.23 17.88 12.58
CA ARG B 78 -16.66 18.82 11.61
C ARG B 78 -17.79 19.68 11.08
N GLY B 79 -17.66 21.00 11.23
CA GLY B 79 -18.41 21.94 10.42
C GLY B 79 -19.87 21.65 10.17
N SER B 80 -20.19 21.40 8.90
CA SER B 80 -21.56 21.26 8.43
C SER B 80 -22.11 19.86 8.67
N ASP B 81 -23.37 19.79 9.12
CA ASP B 81 -24.17 18.58 9.10
C ASP B 81 -23.48 17.42 9.82
N ASP B 82 -23.31 17.61 11.13
CA ASP B 82 -22.68 16.59 11.95
C ASP B 82 -23.57 15.34 12.02
N ASP B 83 -22.92 14.20 12.26
CA ASP B 83 -23.66 12.99 12.54
C ASP B 83 -24.44 13.11 13.84
N TYR B 84 -24.01 14.01 14.73
CA TYR B 84 -24.59 14.17 16.05
C TYR B 84 -25.34 15.48 16.16
N SER B 85 -26.33 15.50 17.06
CA SER B 85 -27.08 16.71 17.35
C SER B 85 -26.43 17.58 18.40
N PHE B 86 -25.64 16.99 19.30
CA PHE B 86 -25.10 17.77 20.41
C PHE B 86 -24.00 18.74 19.98
N CYS B 87 -23.42 18.56 18.79
CA CYS B 87 -22.39 19.48 18.32
C CYS B 87 -22.97 20.70 17.62
N ARG B 88 -24.24 21.02 17.90
CA ARG B 88 -24.81 22.32 17.55
C ARG B 88 -25.05 23.18 18.78
N ALA B 89 -24.49 22.79 19.91
CA ALA B 89 -24.69 23.53 21.15
C ALA B 89 -23.96 24.87 21.10
N LEU B 90 -24.34 25.75 22.02
CA LEU B 90 -23.67 27.01 22.27
C LEU B 90 -23.23 27.04 23.72
N LYS B 91 -22.58 28.14 24.12
CA LYS B 91 -22.24 28.31 25.51
C LYS B 91 -23.49 28.34 26.36
N GLY B 92 -23.37 27.87 27.60
CA GLY B 92 -24.49 27.86 28.51
C GLY B 92 -25.64 26.95 28.16
N GLU B 93 -25.62 26.32 26.98
CA GLU B 93 -26.72 25.48 26.54
C GLU B 93 -26.55 24.06 27.07
N THR B 94 -27.64 23.50 27.59
CA THR B 94 -27.62 22.16 28.14
C THR B 94 -27.41 21.13 27.04
N VAL B 95 -26.38 20.30 27.17
CA VAL B 95 -26.19 19.13 26.33
C VAL B 95 -26.56 17.90 27.15
N ASN B 96 -27.48 17.10 26.61
CA ASN B 96 -28.00 15.93 27.32
C ASN B 96 -28.17 14.85 26.24
N THR B 97 -27.13 14.03 26.06
CA THR B 97 -27.01 13.20 24.87
C THR B 97 -26.70 11.76 25.25
N THR B 98 -26.84 10.88 24.25
CA THR B 98 -26.66 9.44 24.39
C THR B 98 -26.07 8.88 23.11
N ILE B 99 -24.94 8.17 23.23
CA ILE B 99 -24.22 7.63 22.09
C ILE B 99 -23.86 6.19 22.39
N SER B 100 -24.19 5.28 21.48
CA SER B 100 -23.86 3.88 21.70
C SER B 100 -22.55 3.53 20.99
N PHE B 101 -21.88 2.50 21.52
CA PHE B 101 -20.56 2.10 21.04
C PHE B 101 -20.41 0.59 21.13
N SER B 102 -19.47 0.07 20.34
CA SER B 102 -19.09 -1.33 20.42
C SER B 102 -17.75 -1.54 19.73
N PHE B 103 -16.99 -2.52 20.21
CA PHE B 103 -15.70 -2.87 19.63
C PHE B 103 -15.39 -4.32 19.93
N LYS B 104 -14.45 -4.89 19.16
CA LYS B 104 -14.00 -6.26 19.38
C LYS B 104 -12.78 -6.52 18.50
N GLY B 105 -12.01 -7.53 18.88
CA GLY B 105 -10.95 -8.06 18.06
C GLY B 105 -9.52 -7.72 18.44
N ILE B 106 -9.27 -7.36 19.70
CA ILE B 106 -7.93 -6.99 20.16
C ILE B 106 -7.73 -7.56 21.55
N LYS B 107 -6.51 -8.01 21.82
CA LYS B 107 -6.12 -8.48 23.14
C LYS B 107 -5.25 -7.43 23.82
N PHE B 108 -5.52 -7.18 25.09
CA PHE B 108 -4.72 -6.31 25.91
C PHE B 108 -4.02 -7.16 26.98
N SER B 109 -3.24 -6.52 27.84
CA SER B 109 -2.59 -7.24 28.92
C SER B 109 -2.78 -6.42 30.19
N LYS B 110 -2.23 -6.89 31.29
CA LYS B 110 -2.42 -6.24 32.58
C LYS B 110 -1.61 -4.96 32.67
N GLY B 111 -1.98 -4.13 33.64
CA GLY B 111 -1.20 -2.95 33.93
C GLY B 111 -1.97 -1.65 34.03
N LYS B 112 -1.36 -0.65 34.65
CA LYS B 112 -1.93 0.68 34.73
C LYS B 112 -1.99 1.28 33.32
N TYR B 113 -3.18 1.36 32.76
CA TYR B 113 -3.41 2.02 31.48
C TYR B 113 -3.89 3.44 31.75
N LYS B 114 -3.33 4.41 31.04
CA LYS B 114 -3.73 5.80 31.24
C LYS B 114 -4.00 6.46 29.90
N CYS B 115 -4.82 7.51 29.93
CA CYS B 115 -5.12 8.26 28.72
C CYS B 115 -5.47 9.68 29.12
N VAL B 116 -4.68 10.64 28.66
CA VAL B 116 -4.96 12.05 28.90
C VAL B 116 -5.88 12.53 27.79
N VAL B 117 -7.00 13.12 28.18
CA VAL B 117 -8.07 13.53 27.28
C VAL B 117 -8.12 15.06 27.23
N GLU B 118 -7.89 15.62 26.04
CA GLU B 118 -7.93 17.07 25.86
C GLU B 118 -8.97 17.40 24.80
N ALA B 119 -10.05 18.06 25.22
CA ALA B 119 -11.09 18.49 24.29
C ALA B 119 -10.76 19.89 23.80
N ILE B 120 -10.91 20.12 22.50
CA ILE B 120 -10.68 21.43 21.89
C ILE B 120 -11.87 21.76 21.01
N SER B 121 -12.34 23.00 21.06
CA SER B 121 -13.46 23.44 20.24
C SER B 121 -13.40 24.96 20.09
N GLY B 122 -14.41 25.51 19.41
CA GLY B 122 -14.62 26.94 19.42
C GLY B 122 -14.12 27.66 18.18
N SER B 123 -14.14 29.00 18.29
CA SER B 123 -13.76 29.90 17.19
C SER B 123 -12.24 30.06 17.08
N PRO B 124 -11.52 30.38 18.17
CA PRO B 124 -10.06 30.38 18.09
C PRO B 124 -9.42 29.06 18.51
N GLU B 125 -10.20 28.00 18.66
CA GLU B 125 -9.70 26.67 19.02
C GLU B 125 -9.00 26.67 20.38
N GLU B 126 -9.70 27.09 21.44
CA GLU B 126 -9.16 26.96 22.78
C GLU B 126 -9.75 25.74 23.47
N MET B 127 -9.02 25.21 24.44
CA MET B 127 -9.41 23.96 25.06
C MET B 127 -10.72 24.12 25.83
N LEU B 128 -11.45 23.02 25.94
CA LEU B 128 -12.70 22.94 26.67
C LEU B 128 -12.53 22.29 28.04
N PHE B 129 -11.67 21.29 28.15
CA PHE B 129 -11.26 20.73 29.43
C PHE B 129 -10.23 19.63 29.16
N CYS B 130 -9.54 19.24 30.22
CA CYS B 130 -8.69 18.07 30.20
C CYS B 130 -9.18 17.10 31.25
N LEU B 131 -9.09 15.81 30.93
CA LEU B 131 -9.42 14.76 31.86
C LEU B 131 -8.37 13.67 31.74
N GLU B 132 -8.24 12.90 32.81
CA GLU B 132 -7.20 11.90 32.93
C GLU B 132 -7.83 10.59 33.36
N PHE B 133 -7.80 9.61 32.46
CA PHE B 133 -8.49 8.33 32.63
C PHE B 133 -7.53 7.26 33.08
N VAL B 134 -7.92 6.52 34.11
CA VAL B 134 -7.15 5.39 34.63
C VAL B 134 -8.00 4.15 34.45
N ILE B 135 -7.48 3.18 33.71
CA ILE B 135 -8.20 1.96 33.36
C ILE B 135 -7.30 0.80 33.75
N LEU B 136 -7.54 0.22 34.93
CA LEU B 136 -6.84 -1.00 35.24
C LEU B 136 -7.39 -2.13 34.38
N HIS B 137 -6.70 -3.27 34.40
CA HIS B 137 -7.13 -4.40 33.58
C HIS B 137 -6.49 -5.67 34.13
N GLN B 138 -7.31 -6.70 34.30
CA GLN B 138 -6.83 -8.00 34.77
C GLN B 138 -7.81 -9.04 34.27
N PRO B 139 -7.51 -9.70 33.15
CA PRO B 139 -8.49 -10.59 32.52
C PRO B 139 -8.85 -11.77 33.40
N ASN B 140 -10.08 -11.77 33.91
CA ASN B 140 -10.60 -12.84 34.77
C ASN B 140 -9.62 -13.30 35.84
N GLU C 1 -11.56 39.97 42.59
CA GLU C 1 -12.42 40.05 41.42
C GLU C 1 -11.83 40.89 40.29
N PRO C 2 -10.67 40.49 39.76
CA PRO C 2 -10.07 41.23 38.65
C PRO C 2 -10.64 40.78 37.30
N CYS C 3 -11.33 41.71 36.62
CA CYS C 3 -11.73 41.42 35.25
C CYS C 3 -10.53 41.38 34.34
N VAL C 4 -10.35 40.24 33.68
CA VAL C 4 -9.24 40.04 32.76
C VAL C 4 -9.34 41.01 31.60
N GLU C 5 -8.24 41.71 31.33
CA GLU C 5 -8.17 42.65 30.22
C GLU C 5 -7.61 41.91 29.01
N VAL C 6 -8.51 41.53 28.09
CA VAL C 6 -8.08 40.74 26.94
C VAL C 6 -7.34 41.60 25.93
N VAL C 7 -7.95 42.70 25.49
CA VAL C 7 -7.33 43.63 24.57
C VAL C 7 -7.25 44.98 25.25
N PRO C 8 -6.07 45.60 25.33
CA PRO C 8 -5.83 46.70 26.27
C PRO C 8 -6.84 47.82 26.13
N ASN C 9 -7.67 47.98 27.17
CA ASN C 9 -8.76 48.94 27.17
C ASN C 9 -9.60 48.87 25.91
N ILE C 10 -9.79 47.68 25.36
CA ILE C 10 -10.79 47.49 24.32
C ILE C 10 -11.76 46.41 24.78
N THR C 11 -11.26 45.21 25.06
CA THR C 11 -12.16 44.13 25.48
C THR C 11 -11.71 43.53 26.80
N TYR C 12 -12.65 43.47 27.74
CA TYR C 12 -12.50 42.86 29.05
C TYR C 12 -13.49 41.71 29.14
N GLN C 13 -13.08 40.60 29.76
CA GLN C 13 -13.98 39.50 30.01
C GLN C 13 -14.02 39.19 31.50
N CYS C 14 -15.23 39.05 32.03
CA CYS C 14 -15.46 38.80 33.45
C CYS C 14 -16.35 37.56 33.51
N MET C 15 -15.75 36.38 33.43
CA MET C 15 -16.48 35.13 33.36
C MET C 15 -16.27 34.35 34.64
N GLU C 16 -17.37 33.89 35.25
CA GLU C 16 -17.36 33.10 36.47
C GLU C 16 -16.85 33.88 37.67
N LEU C 17 -16.35 35.09 37.43
CA LEU C 17 -16.06 36.01 38.53
C LEU C 17 -17.37 36.32 39.24
N ASN C 18 -17.51 35.88 40.47
CA ASN C 18 -18.82 35.86 41.08
C ASN C 18 -19.16 37.33 41.26
N PHE C 19 -20.00 37.84 40.37
CA PHE C 19 -20.46 39.22 40.38
C PHE C 19 -21.91 39.20 40.83
N TYR C 20 -22.42 40.39 41.14
CA TYR C 20 -23.85 40.60 41.29
C TYR C 20 -24.32 41.86 40.61
N LYS C 21 -23.42 42.72 40.14
CA LYS C 21 -23.76 43.97 39.47
C LYS C 21 -22.78 44.20 38.35
N ILE C 22 -23.16 45.07 37.42
CA ILE C 22 -22.28 45.36 36.28
C ILE C 22 -21.00 46.00 36.80
N PRO C 23 -19.83 45.60 36.33
CA PRO C 23 -18.60 46.28 36.76
C PRO C 23 -18.41 47.62 36.08
N ASP C 24 -19.10 48.65 36.59
CA ASP C 24 -18.97 49.98 36.00
C ASP C 24 -17.70 50.68 36.45
N ASN C 25 -16.88 50.04 37.29
CA ASN C 25 -15.53 50.52 37.54
C ASN C 25 -14.57 49.96 36.50
N LEU C 26 -15.00 50.05 35.24
CA LEU C 26 -14.28 49.57 34.08
C LEU C 26 -14.11 50.73 33.11
N PRO C 27 -13.13 50.66 32.22
CA PRO C 27 -12.85 51.81 31.35
C PRO C 27 -14.08 52.30 30.61
N PHE C 28 -14.05 53.57 30.21
CA PHE C 28 -15.28 54.23 29.77
C PHE C 28 -15.64 53.92 28.33
N SER C 29 -14.65 53.59 27.49
CA SER C 29 -14.92 53.27 26.09
C SER C 29 -14.63 51.78 25.90
N THR C 30 -15.66 50.97 26.09
CA THR C 30 -15.54 49.52 25.99
C THR C 30 -16.14 49.02 24.68
N LYS C 31 -15.65 47.86 24.26
CA LYS C 31 -16.25 47.08 23.19
C LYS C 31 -16.08 45.60 23.53
N ASN C 32 -17.10 44.80 23.23
CA ASN C 32 -17.07 43.35 23.45
C ASN C 32 -16.89 42.92 24.91
N LEU C 33 -17.78 43.43 25.76
CA LEU C 33 -17.80 43.04 27.16
C LEU C 33 -18.41 41.66 27.36
N ASP C 34 -17.57 40.68 27.70
CA ASP C 34 -18.07 39.35 28.06
C ASP C 34 -18.47 39.35 29.53
N LEU C 35 -19.68 38.88 29.79
CA LEU C 35 -20.20 38.82 31.16
C LEU C 35 -21.16 37.64 31.19
N SER C 36 -20.66 36.46 31.57
CA SER C 36 -21.44 35.24 31.53
C SER C 36 -21.07 34.37 32.72
N PHE C 37 -22.05 33.58 33.18
CA PHE C 37 -21.98 32.76 34.38
C PHE C 37 -21.83 33.59 35.66
N ASN C 38 -22.03 34.90 35.58
CA ASN C 38 -22.09 35.73 36.78
C ASN C 38 -23.55 35.87 37.19
N PRO C 39 -23.93 35.59 38.43
CA PRO C 39 -25.36 35.61 38.79
C PRO C 39 -25.90 37.03 38.80
N LEU C 40 -26.86 37.28 37.90
CA LEU C 40 -27.59 38.55 37.84
C LEU C 40 -29.08 38.19 37.79
N ARG C 41 -29.69 38.03 38.97
CA ARG C 41 -31.04 37.49 39.02
C ARG C 41 -32.10 38.46 38.51
N HIS C 42 -31.72 39.68 38.14
CA HIS C 42 -32.67 40.68 37.66
C HIS C 42 -31.89 41.88 37.15
N LEU C 43 -32.43 42.55 36.13
CA LEU C 43 -31.82 43.75 35.57
C LEU C 43 -32.73 44.95 35.79
N GLY C 44 -32.12 46.13 35.76
CA GLY C 44 -32.86 47.36 35.94
C GLY C 44 -32.68 48.32 34.79
N SER C 45 -33.55 49.33 34.71
CA SER C 45 -33.48 50.30 33.62
C SER C 45 -32.13 51.02 33.64
N TYR C 46 -31.61 51.30 32.44
CA TYR C 46 -30.31 51.96 32.27
C TYR C 46 -29.21 51.19 33.00
N SER C 47 -29.27 49.86 32.92
CA SER C 47 -28.27 49.04 33.61
C SER C 47 -26.87 49.32 33.06
N PHE C 48 -26.73 49.37 31.74
CA PHE C 48 -25.43 49.56 31.10
C PHE C 48 -25.26 51.02 30.68
N PHE C 49 -25.10 51.88 31.69
CA PHE C 49 -24.96 53.31 31.43
C PHE C 49 -23.52 53.77 31.31
N SER C 50 -22.60 53.23 32.12
CA SER C 50 -21.21 53.63 32.01
C SER C 50 -20.53 53.06 30.78
N PHE C 51 -21.25 52.33 29.93
CA PHE C 51 -20.75 51.81 28.67
C PHE C 51 -21.52 52.47 27.54
N PRO C 52 -21.24 53.74 27.25
CA PRO C 52 -21.96 54.41 26.14
C PRO C 52 -21.66 53.78 24.79
N GLU C 53 -20.47 53.23 24.62
CA GLU C 53 -20.10 52.50 23.41
C GLU C 53 -20.03 51.03 23.76
N LEU C 54 -20.67 50.19 22.93
CA LEU C 54 -20.63 48.75 23.14
C LEU C 54 -21.05 48.04 21.86
N GLN C 55 -20.18 47.19 21.33
CA GLN C 55 -20.50 46.43 20.12
C GLN C 55 -21.15 45.09 20.44
N VAL C 56 -20.49 44.28 21.26
CA VAL C 56 -20.94 42.92 21.57
C VAL C 56 -21.17 42.81 23.07
N LEU C 57 -22.29 42.20 23.44
CA LEU C 57 -22.63 41.97 24.84
C LEU C 57 -23.13 40.55 25.00
N ASP C 58 -22.63 39.85 26.02
CA ASP C 58 -22.96 38.45 26.26
C ASP C 58 -23.54 38.33 27.65
N LEU C 59 -24.73 37.74 27.77
CA LEU C 59 -25.31 37.37 29.06
C LEU C 59 -25.79 35.93 28.92
N SER C 60 -24.87 35.00 29.12
CA SER C 60 -25.15 33.56 28.99
C SER C 60 -25.12 32.94 30.37
N ARG C 61 -26.19 32.23 30.73
CA ARG C 61 -26.32 31.57 32.02
C ARG C 61 -26.22 32.57 33.18
N CYS C 62 -26.41 33.86 32.91
CA CYS C 62 -26.47 34.83 33.99
C CYS C 62 -27.78 34.78 34.76
N GLU C 63 -28.60 33.76 34.54
CA GLU C 63 -29.86 33.50 35.24
C GLU C 63 -30.67 34.79 35.47
N ILE C 64 -31.03 35.41 34.36
CA ILE C 64 -31.87 36.60 34.36
C ILE C 64 -33.33 36.16 34.44
N GLN C 65 -33.97 36.41 35.57
CA GLN C 65 -35.37 36.05 35.71
C GLN C 65 -36.28 37.01 34.93
N THR C 66 -36.07 38.32 35.07
CA THR C 66 -36.91 39.32 34.44
C THR C 66 -36.05 40.44 33.89
N ILE C 67 -36.36 40.87 32.67
CA ILE C 67 -35.76 42.06 32.06
C ILE C 67 -36.78 43.18 32.16
N GLU C 68 -36.52 44.16 33.01
CA GLU C 68 -37.45 45.25 33.25
C GLU C 68 -37.52 46.18 32.05
N ASP C 69 -38.57 47.00 32.03
CA ASP C 69 -38.79 47.97 30.96
C ASP C 69 -37.56 48.85 30.77
N GLY C 70 -37.41 49.37 29.56
CA GLY C 70 -36.45 50.43 29.32
C GLY C 70 -35.00 50.02 29.48
N ALA C 71 -34.74 48.76 29.83
CA ALA C 71 -33.37 48.29 29.95
C ALA C 71 -32.64 48.46 28.62
N TYR C 72 -31.31 48.40 28.68
CA TYR C 72 -30.45 48.57 27.51
C TYR C 72 -30.63 49.92 26.83
N GLN C 73 -31.27 50.89 27.51
CA GLN C 73 -31.71 52.10 26.83
C GLN C 73 -30.54 52.92 26.30
N SER C 74 -29.64 53.33 27.19
CA SER C 74 -28.55 54.20 26.76
C SER C 74 -27.46 53.37 26.08
N LEU C 75 -27.85 52.56 25.11
CA LEU C 75 -26.96 51.54 24.56
C LEU C 75 -27.31 51.33 23.09
N SER C 76 -26.60 52.04 22.22
CA SER C 76 -26.63 51.80 20.79
C SER C 76 -25.24 51.42 20.32
N HIS C 77 -25.13 51.15 19.02
CA HIS C 77 -23.97 50.49 18.40
C HIS C 77 -23.87 49.04 18.86
N LEU C 78 -24.87 48.58 19.61
CA LEU C 78 -24.87 47.22 20.14
C LEU C 78 -25.35 46.27 19.06
N SER C 79 -24.41 45.56 18.44
CA SER C 79 -24.71 44.67 17.32
C SER C 79 -25.16 43.28 17.75
N THR C 80 -24.87 42.86 18.98
CA THR C 80 -25.10 41.47 19.35
C THR C 80 -25.59 41.37 20.78
N LEU C 81 -26.60 40.55 21.01
CA LEU C 81 -27.01 40.13 22.34
C LEU C 81 -27.10 38.62 22.36
N ILE C 82 -26.61 38.01 23.44
CA ILE C 82 -26.61 36.56 23.59
C ILE C 82 -27.28 36.27 24.92
N LEU C 83 -28.59 36.09 24.91
CA LEU C 83 -29.36 35.79 26.12
C LEU C 83 -29.59 34.28 26.24
N THR C 84 -28.51 33.53 26.24
CA THR C 84 -28.60 32.07 26.21
C THR C 84 -28.71 31.49 27.62
N GLY C 85 -29.66 30.59 27.80
CA GLY C 85 -29.80 29.87 29.05
C GLY C 85 -30.40 30.65 30.18
N ASN C 86 -30.80 31.90 29.97
CA ASN C 86 -31.42 32.70 31.01
C ASN C 86 -32.90 32.37 31.07
N PRO C 87 -33.41 31.79 32.15
CA PRO C 87 -34.84 31.48 32.19
C PRO C 87 -35.66 32.73 32.47
N ILE C 88 -36.31 33.26 31.43
CA ILE C 88 -37.04 34.51 31.52
C ILE C 88 -38.52 34.18 31.71
N GLN C 89 -39.04 34.47 32.89
CA GLN C 89 -40.44 34.25 33.20
C GLN C 89 -41.29 35.51 33.10
N SER C 90 -40.65 36.68 33.05
CA SER C 90 -41.38 37.95 32.88
C SER C 90 -40.51 38.87 32.02
N LEU C 91 -40.70 38.81 30.72
CA LEU C 91 -40.08 39.75 29.80
C LEU C 91 -41.07 40.89 29.59
N ALA C 92 -40.76 42.05 30.17
CA ALA C 92 -41.71 43.15 30.16
C ALA C 92 -41.87 43.71 28.77
N LEU C 93 -43.11 44.10 28.44
CA LEU C 93 -43.39 44.78 27.19
C LEU C 93 -42.48 45.99 27.03
N GLY C 94 -42.12 46.30 25.79
CA GLY C 94 -41.25 47.42 25.54
C GLY C 94 -39.82 47.23 25.98
N ALA C 95 -39.45 46.06 26.49
CA ALA C 95 -38.05 45.75 26.69
C ALA C 95 -37.31 45.79 25.36
N PHE C 96 -35.99 45.79 25.42
CA PHE C 96 -35.16 45.96 24.23
C PHE C 96 -35.49 47.28 23.53
N SER C 97 -35.91 48.28 24.29
CA SER C 97 -36.45 49.50 23.71
C SER C 97 -35.45 50.27 22.87
N GLY C 98 -34.43 50.85 23.50
CA GLY C 98 -33.50 51.65 22.72
C GLY C 98 -32.32 50.86 22.23
N LEU C 99 -32.40 50.37 21.01
CA LEU C 99 -31.34 49.57 20.39
C LEU C 99 -31.32 49.94 18.91
N SER C 100 -30.45 50.89 18.55
CA SER C 100 -30.52 51.49 17.23
C SER C 100 -30.04 50.55 16.14
N SER C 101 -28.93 49.85 16.37
CA SER C 101 -28.33 48.98 15.36
C SER C 101 -28.10 47.61 15.98
N LEU C 102 -29.15 46.78 15.98
CA LEU C 102 -29.07 45.42 16.49
C LEU C 102 -29.34 44.45 15.36
N GLN C 103 -28.41 43.53 15.14
CA GLN C 103 -28.49 42.55 14.06
C GLN C 103 -28.71 41.13 14.58
N LYS C 104 -27.86 40.66 15.47
CA LYS C 104 -27.95 39.31 15.99
C LYS C 104 -28.71 39.32 17.30
N LEU C 105 -29.49 38.25 17.53
CA LEU C 105 -30.30 38.15 18.74
C LEU C 105 -30.49 36.66 19.02
N VAL C 106 -29.76 36.15 20.00
CA VAL C 106 -29.76 34.73 20.34
C VAL C 106 -30.51 34.58 21.65
N ALA C 107 -31.66 33.91 21.60
CA ALA C 107 -32.45 33.61 22.80
C ALA C 107 -32.70 32.10 22.79
N VAL C 108 -31.73 31.35 23.28
CA VAL C 108 -31.78 29.90 23.31
C VAL C 108 -31.99 29.47 24.75
N GLU C 109 -32.74 28.37 24.93
CA GLU C 109 -33.00 27.80 26.24
C GLU C 109 -33.79 28.78 27.11
N THR C 110 -34.21 29.89 26.52
CA THR C 110 -35.14 30.78 27.20
C THR C 110 -36.55 30.19 27.12
N ASN C 111 -37.27 30.23 28.24
CA ASN C 111 -38.58 29.58 28.33
C ASN C 111 -39.62 30.41 27.58
N LEU C 112 -39.50 30.41 26.25
CA LEU C 112 -40.50 31.06 25.42
C LEU C 112 -41.77 30.22 25.34
N ALA C 113 -42.85 30.86 24.91
CA ALA C 113 -44.12 30.18 24.73
C ALA C 113 -44.78 30.43 23.37
N SER C 114 -44.52 31.57 22.73
CA SER C 114 -45.01 31.87 21.40
C SER C 114 -44.31 33.14 20.93
N LEU C 115 -44.54 33.49 19.66
CA LEU C 115 -43.86 34.61 19.03
C LEU C 115 -44.74 35.84 18.85
N GLU C 116 -46.02 35.78 19.18
CA GLU C 116 -46.87 36.95 19.03
C GLU C 116 -46.71 37.94 20.18
N ASN C 117 -46.52 37.44 21.40
CA ASN C 117 -46.20 38.29 22.53
C ASN C 117 -44.69 38.34 22.76
N PHE C 118 -43.94 38.62 21.70
CA PHE C 118 -42.49 38.72 21.78
C PHE C 118 -42.08 40.15 21.43
N PRO C 119 -41.47 40.88 22.36
CA PRO C 119 -41.37 42.34 22.23
C PRO C 119 -40.63 42.86 21.01
N ILE C 120 -39.99 42.02 20.19
CA ILE C 120 -39.37 42.57 18.99
C ILE C 120 -40.38 42.88 17.87
N GLY C 121 -41.03 44.03 17.97
CA GLY C 121 -41.86 44.49 16.89
C GLY C 121 -41.24 45.70 16.24
N HIS C 122 -40.68 46.57 17.08
CA HIS C 122 -40.01 47.79 16.65
C HIS C 122 -38.65 47.54 16.00
N LEU C 123 -38.18 46.30 16.01
CA LEU C 123 -36.81 46.03 15.61
C LEU C 123 -36.63 46.19 14.11
N LYS C 124 -35.42 46.57 13.73
CA LYS C 124 -34.98 46.61 12.35
C LYS C 124 -33.48 46.35 12.35
N THR C 125 -32.94 46.07 11.17
CA THR C 125 -31.55 45.69 10.98
C THR C 125 -31.32 44.30 11.59
N LEU C 126 -32.35 43.76 12.25
CA LEU C 126 -32.27 42.44 12.87
C LEU C 126 -32.22 41.38 11.79
N LYS C 127 -31.08 40.68 11.69
CA LYS C 127 -30.87 39.66 10.67
C LYS C 127 -31.11 38.25 11.21
N GLU C 128 -30.35 37.85 12.22
CA GLU C 128 -30.53 36.54 12.81
C GLU C 128 -31.52 36.60 13.96
N LEU C 129 -32.26 35.52 14.14
CA LEU C 129 -33.15 35.36 15.30
C LEU C 129 -33.13 33.87 15.59
N ASN C 130 -32.24 33.46 16.50
CA ASN C 130 -32.08 32.05 16.83
C ASN C 130 -32.90 31.77 18.08
N VAL C 131 -34.07 31.19 17.90
CA VAL C 131 -34.93 30.76 18.99
C VAL C 131 -35.02 29.25 19.00
N ALA C 132 -34.02 28.60 19.58
CA ALA C 132 -33.93 27.16 19.60
C ALA C 132 -34.11 26.62 21.01
N HIS C 133 -34.52 25.35 21.08
CA HIS C 133 -34.67 24.65 22.36
C HIS C 133 -35.70 25.32 23.26
N ASN C 134 -36.75 25.88 22.67
CA ASN C 134 -37.78 26.62 23.40
C ASN C 134 -39.03 25.75 23.56
N LEU C 135 -40.10 26.35 24.06
CA LEU C 135 -41.41 25.70 24.22
C LEU C 135 -42.41 26.47 23.37
N ILE C 136 -42.50 26.14 22.09
CA ILE C 136 -43.40 26.80 21.15
C ILE C 136 -44.30 25.73 20.55
N GLN C 137 -45.61 26.02 20.47
CA GLN C 137 -46.58 24.96 20.20
C GLN C 137 -47.18 24.98 18.82
N SER C 138 -47.21 26.12 18.12
CA SER C 138 -47.78 26.15 16.76
C SER C 138 -47.04 27.17 15.91
N PHE C 139 -46.74 26.76 14.68
CA PHE C 139 -45.93 27.53 13.73
C PHE C 139 -46.78 28.58 13.02
N LYS C 140 -47.43 29.46 13.77
CA LYS C 140 -48.24 30.53 13.19
C LYS C 140 -47.45 31.83 13.31
N LEU C 141 -46.98 32.34 12.18
CA LEU C 141 -46.14 33.53 12.20
C LEU C 141 -46.94 34.77 12.55
N PRO C 142 -46.57 35.49 13.60
CA PRO C 142 -47.32 36.69 13.98
C PRO C 142 -47.16 37.81 12.95
N GLU C 143 -48.03 38.81 13.07
CA GLU C 143 -48.21 39.77 12.00
C GLU C 143 -47.10 40.82 11.96
N TYR C 144 -46.45 41.10 13.11
CA TYR C 144 -45.41 42.12 13.11
C TYR C 144 -44.23 41.76 12.22
N PHE C 145 -44.13 40.49 11.79
CA PHE C 145 -43.13 40.12 10.79
C PHE C 145 -43.26 40.97 9.53
N SER C 146 -44.42 41.59 9.31
CA SER C 146 -44.59 42.48 8.17
C SER C 146 -43.62 43.64 8.25
N ASN C 147 -43.59 44.33 9.39
CA ASN C 147 -42.65 45.43 9.59
C ASN C 147 -41.21 44.94 9.64
N LEU C 148 -41.00 43.68 10.00
CA LEU C 148 -39.67 43.15 10.26
C LEU C 148 -39.08 42.65 8.95
N THR C 149 -38.31 43.51 8.28
CA THR C 149 -37.55 43.09 7.12
C THR C 149 -36.14 42.71 7.55
N ASN C 150 -35.30 42.38 6.56
CA ASN C 150 -33.89 42.07 6.76
C ASN C 150 -33.68 40.76 7.51
N LEU C 151 -34.76 40.12 7.96
CA LEU C 151 -34.64 38.84 8.65
C LEU C 151 -34.18 37.78 7.67
N GLU C 152 -33.00 37.21 7.91
CA GLU C 152 -32.42 36.23 7.00
C GLU C 152 -32.41 34.82 7.56
N HIS C 153 -32.14 34.65 8.85
CA HIS C 153 -32.22 33.34 9.48
C HIS C 153 -33.38 33.32 10.47
N LEU C 154 -33.99 32.15 10.61
CA LEU C 154 -34.98 31.91 11.66
C LEU C 154 -34.87 30.44 12.04
N ASP C 155 -34.06 30.16 13.05
CA ASP C 155 -33.75 28.79 13.43
C ASP C 155 -34.53 28.45 14.69
N LEU C 156 -35.67 27.79 14.52
CA LEU C 156 -36.46 27.30 15.65
C LEU C 156 -36.45 25.79 15.56
N SER C 157 -35.42 25.19 16.14
CA SER C 157 -35.22 23.76 16.18
C SER C 157 -35.60 23.26 17.58
N SER C 158 -35.78 21.95 17.68
CA SER C 158 -36.00 21.29 18.97
C SER C 158 -37.24 21.82 19.69
N ASN C 159 -38.20 22.36 18.95
CA ASN C 159 -39.40 22.89 19.56
C ASN C 159 -40.50 21.83 19.58
N LYS C 160 -41.61 22.15 20.25
CA LYS C 160 -42.70 21.20 20.42
C LYS C 160 -43.85 21.45 19.44
N ILE C 161 -43.51 21.92 18.25
CA ILE C 161 -44.50 22.24 17.23
C ILE C 161 -45.03 20.92 16.66
N GLN C 162 -46.34 20.71 16.77
CA GLN C 162 -46.94 19.42 16.44
C GLN C 162 -47.46 19.33 15.02
N SER C 163 -48.14 20.34 14.51
CA SER C 163 -48.66 20.29 13.15
C SER C 163 -49.00 21.69 12.65
N ILE C 164 -49.37 21.76 11.38
CA ILE C 164 -49.52 23.00 10.64
C ILE C 164 -50.89 23.01 9.95
N TYR C 165 -51.42 24.20 9.72
CA TYR C 165 -52.70 24.38 9.06
C TYR C 165 -52.57 25.36 7.91
N CYS C 166 -53.68 25.59 7.20
CA CYS C 166 -53.63 26.33 5.94
C CYS C 166 -53.27 27.79 6.16
N THR C 167 -54.05 28.50 6.96
CA THR C 167 -53.86 29.93 7.13
C THR C 167 -52.74 30.26 8.11
N ASP C 168 -52.14 29.26 8.74
CA ASP C 168 -50.79 29.50 9.24
C ASP C 168 -49.92 29.89 8.07
N LEU C 169 -49.02 30.84 8.31
CA LEU C 169 -48.25 31.44 7.23
C LEU C 169 -49.17 32.14 6.22
N ARG C 170 -50.25 32.79 6.69
CA ARG C 170 -50.93 33.79 5.87
C ARG C 170 -50.04 34.98 5.60
N VAL C 171 -49.15 35.29 6.54
CA VAL C 171 -48.02 36.18 6.29
C VAL C 171 -47.17 35.45 5.26
N LEU C 172 -46.20 36.14 4.65
CA LEU C 172 -45.34 35.66 3.59
C LEU C 172 -46.07 35.60 2.26
N HIS C 173 -47.33 36.03 2.19
CA HIS C 173 -48.03 36.16 0.91
C HIS C 173 -48.04 37.63 0.55
N GLN C 174 -47.32 38.45 1.31
CA GLN C 174 -47.29 39.90 1.19
C GLN C 174 -45.85 40.39 1.10
N MET C 175 -44.92 39.47 0.84
CA MET C 175 -43.50 39.76 0.87
C MET C 175 -42.96 39.74 -0.55
N PRO C 176 -42.78 40.90 -1.20
CA PRO C 176 -42.09 40.90 -2.49
C PRO C 176 -40.67 40.36 -2.39
N LEU C 177 -39.98 40.68 -1.31
CA LEU C 177 -38.62 40.24 -1.08
C LEU C 177 -38.54 39.61 0.30
N LEU C 178 -38.10 38.36 0.37
CA LEU C 178 -38.00 37.66 1.65
C LEU C 178 -37.00 36.52 1.51
N ASN C 179 -35.88 36.64 2.21
CA ASN C 179 -34.93 35.55 2.37
C ASN C 179 -35.09 35.01 3.78
N LEU C 180 -35.56 33.77 3.89
CA LEU C 180 -35.79 33.16 5.20
C LEU C 180 -35.21 31.74 5.18
N SER C 181 -33.94 31.62 5.60
CA SER C 181 -33.29 30.31 5.69
C SER C 181 -33.84 29.61 6.92
N LEU C 182 -35.06 29.09 6.79
CA LEU C 182 -35.76 28.45 7.89
C LEU C 182 -35.16 27.08 8.17
N ASP C 183 -35.21 26.68 9.44
CA ASP C 183 -34.66 25.39 9.87
C ASP C 183 -35.53 24.85 11.00
N LEU C 184 -36.30 23.80 10.73
CA LEU C 184 -37.23 23.18 11.69
C LEU C 184 -36.77 21.73 11.82
N SER C 185 -36.00 21.43 12.86
CA SER C 185 -35.47 20.09 13.04
C SER C 185 -35.83 19.60 14.43
N LEU C 186 -36.03 18.29 14.54
CA LEU C 186 -36.30 17.61 15.81
C LEU C 186 -37.65 18.01 16.40
N ASN C 187 -38.59 18.43 15.54
CA ASN C 187 -39.93 18.80 15.99
C ASN C 187 -40.86 17.62 15.80
N PRO C 188 -41.39 17.01 16.86
CA PRO C 188 -42.21 15.81 16.64
C PRO C 188 -43.54 16.19 16.00
N MET C 189 -43.66 15.96 14.69
CA MET C 189 -44.82 16.42 13.95
C MET C 189 -45.40 15.27 13.14
N ASN C 190 -46.73 15.20 13.14
CA ASN C 190 -47.43 14.03 12.61
C ASN C 190 -48.59 14.41 11.70
N PHE C 191 -48.65 15.66 11.23
CA PHE C 191 -49.73 16.09 10.35
C PHE C 191 -49.38 17.41 9.69
N ILE C 192 -49.54 17.48 8.37
CA ILE C 192 -49.43 18.73 7.62
C ILE C 192 -50.62 18.75 6.68
N GLN C 193 -51.69 19.42 7.07
CA GLN C 193 -52.87 19.42 6.24
C GLN C 193 -52.57 20.13 4.93
N PRO C 194 -53.09 19.63 3.81
CA PRO C 194 -52.64 20.11 2.49
C PRO C 194 -52.90 21.60 2.29
N GLY C 195 -52.23 22.15 1.28
CA GLY C 195 -52.39 23.53 0.90
C GLY C 195 -51.78 24.55 1.84
N ALA C 196 -51.26 24.13 2.99
CA ALA C 196 -50.68 25.07 3.95
C ALA C 196 -49.54 25.86 3.34
N PHE C 197 -48.45 25.17 3.00
CA PHE C 197 -47.37 25.80 2.25
C PHE C 197 -47.80 25.93 0.80
N LYS C 198 -47.87 27.16 0.30
CA LYS C 198 -48.36 27.39 -1.05
C LYS C 198 -48.04 28.80 -1.51
N GLU C 199 -47.48 28.93 -2.71
CA GLU C 199 -46.95 30.20 -3.22
C GLU C 199 -45.91 30.80 -2.27
N ILE C 200 -45.29 29.96 -1.45
CA ILE C 200 -44.33 30.39 -0.46
C ILE C 200 -42.93 30.22 -1.02
N ARG C 201 -41.97 30.92 -0.45
CA ARG C 201 -40.58 30.80 -0.86
C ARG C 201 -39.69 30.72 0.36
N LEU C 202 -38.61 29.94 0.25
CA LEU C 202 -37.60 29.84 1.29
C LEU C 202 -36.22 29.91 0.64
N HIS C 203 -35.19 29.79 1.46
CA HIS C 203 -33.82 29.71 0.97
C HIS C 203 -33.06 28.56 1.63
N LYS C 204 -33.69 27.87 2.56
CA LYS C 204 -33.24 26.59 3.10
C LYS C 204 -34.38 26.03 3.93
N LEU C 205 -34.43 24.72 4.07
CA LEU C 205 -35.45 24.09 4.90
C LEU C 205 -34.86 22.79 5.44
N THR C 206 -34.73 22.69 6.75
CA THR C 206 -33.99 21.60 7.39
C THR C 206 -34.94 20.85 8.30
N LEU C 207 -35.34 19.64 7.89
CA LEU C 207 -36.18 18.76 8.70
C LEU C 207 -35.46 17.43 8.88
N ARG C 208 -34.79 17.26 10.02
CA ARG C 208 -34.07 16.03 10.30
C ARG C 208 -34.53 15.47 11.63
N ASN C 209 -34.84 14.18 11.65
CA ASN C 209 -35.22 13.46 12.87
C ASN C 209 -36.50 13.99 13.48
N ASN C 210 -37.58 13.99 12.72
CA ASN C 210 -38.86 14.48 13.24
C ASN C 210 -40.05 13.57 12.96
N PHE C 211 -39.97 12.68 11.99
CA PHE C 211 -41.06 11.78 11.65
C PHE C 211 -40.75 10.39 12.20
N ASP C 212 -41.72 9.80 12.88
CA ASP C 212 -41.48 8.57 13.63
C ASP C 212 -41.68 7.29 12.82
N SER C 213 -42.22 7.39 11.61
CA SER C 213 -42.46 6.21 10.79
C SER C 213 -42.41 6.62 9.32
N LEU C 214 -42.67 5.67 8.43
CA LEU C 214 -42.68 5.93 7.01
C LEU C 214 -43.99 6.54 6.53
N ASN C 215 -45.12 6.17 7.15
CA ASN C 215 -46.41 6.70 6.73
C ASN C 215 -46.55 8.17 7.15
N VAL C 216 -46.17 8.49 8.39
CA VAL C 216 -46.15 9.87 8.84
C VAL C 216 -45.35 10.73 7.88
N MET C 217 -44.10 10.33 7.63
CA MET C 217 -43.24 11.08 6.72
C MET C 217 -43.86 11.20 5.35
N LYS C 218 -44.44 10.11 4.83
CA LYS C 218 -45.00 10.12 3.48
C LYS C 218 -46.11 11.16 3.37
N THR C 219 -47.11 11.07 4.23
CA THR C 219 -48.26 11.96 4.06
C THR C 219 -47.94 13.38 4.50
N CYS C 220 -46.91 13.59 5.32
CA CYS C 220 -46.52 14.96 5.64
C CYS C 220 -45.75 15.59 4.49
N ILE C 221 -44.92 14.79 3.80
CA ILE C 221 -44.35 15.23 2.53
C ILE C 221 -45.47 15.57 1.56
N GLN C 222 -46.57 14.79 1.60
CA GLN C 222 -47.76 15.14 0.86
C GLN C 222 -48.35 16.46 1.34
N GLY C 223 -48.13 16.80 2.61
CA GLY C 223 -48.62 18.07 3.12
C GLY C 223 -47.97 19.28 2.45
N LEU C 224 -46.65 19.27 2.35
CA LEU C 224 -45.94 20.33 1.67
C LEU C 224 -46.15 20.20 0.17
N ALA C 225 -46.69 21.23 -0.45
CA ALA C 225 -47.11 21.14 -1.85
C ALA C 225 -46.82 22.46 -2.56
N GLY C 226 -45.97 22.41 -3.58
CA GLY C 226 -45.60 23.63 -4.29
C GLY C 226 -44.81 24.59 -3.42
N LEU C 227 -43.79 24.09 -2.72
CA LEU C 227 -43.08 24.91 -1.75
C LEU C 227 -42.04 25.82 -2.41
N GLU C 228 -41.25 25.29 -3.34
CA GLU C 228 -40.11 25.99 -3.94
C GLU C 228 -39.11 26.41 -2.86
N VAL C 229 -38.48 25.41 -2.26
CA VAL C 229 -37.34 25.61 -1.38
C VAL C 229 -36.07 25.53 -2.21
N HIS C 230 -35.17 26.49 -2.02
CA HIS C 230 -33.93 26.51 -2.81
C HIS C 230 -32.90 25.51 -2.31
N ARG C 231 -33.06 24.98 -1.09
CA ARG C 231 -32.15 23.96 -0.59
C ARG C 231 -32.86 23.19 0.52
N LEU C 232 -33.06 21.90 0.32
CA LEU C 232 -33.73 21.05 1.29
C LEU C 232 -32.74 20.14 1.98
N VAL C 233 -32.95 19.89 3.27
CA VAL C 233 -32.06 19.04 4.05
C VAL C 233 -32.91 18.13 4.93
N LEU C 234 -33.01 16.86 4.57
CA LEU C 234 -33.66 15.84 5.38
C LEU C 234 -32.62 14.88 5.94
N GLY C 235 -33.06 13.99 6.82
CA GLY C 235 -32.19 12.99 7.37
C GLY C 235 -32.63 12.50 8.73
N GLU C 236 -31.69 12.40 9.66
CA GLU C 236 -31.95 12.16 11.07
C GLU C 236 -30.64 12.38 11.80
N PHE C 237 -30.61 12.05 13.09
CA PHE C 237 -29.42 12.25 13.90
C PHE C 237 -29.03 10.94 14.58
N ARG C 238 -27.74 10.61 14.51
CA ARG C 238 -27.17 9.39 15.07
C ARG C 238 -27.47 9.33 16.57
N ASN C 239 -27.75 10.48 17.15
CA ASN C 239 -27.92 10.61 18.59
C ASN C 239 -29.16 10.03 19.26
N GLU C 240 -30.27 9.88 18.54
CA GLU C 240 -31.52 9.42 19.13
C GLU C 240 -32.16 8.29 18.33
N GLY C 241 -33.41 7.95 18.68
CA GLY C 241 -34.15 6.96 17.92
C GLY C 241 -34.44 7.43 16.51
N ASN C 242 -34.62 6.46 15.61
CA ASN C 242 -34.63 6.73 14.18
C ASN C 242 -35.70 5.90 13.49
N LEU C 243 -35.85 6.15 12.19
CA LEU C 243 -36.74 5.35 11.36
C LEU C 243 -36.23 3.91 11.28
N GLU C 244 -37.17 2.97 11.17
CA GLU C 244 -36.82 1.56 11.01
C GLU C 244 -37.21 1.02 9.64
N LYS C 245 -37.46 1.89 8.67
CA LYS C 245 -37.83 1.45 7.33
C LYS C 245 -37.64 2.61 6.37
N PHE C 246 -37.10 2.32 5.19
CA PHE C 246 -36.87 3.34 4.18
C PHE C 246 -36.69 2.63 2.84
N ASP C 247 -37.66 2.74 1.95
CA ASP C 247 -37.50 2.19 0.61
C ASP C 247 -38.36 2.99 -0.37
N LYS C 248 -38.64 2.38 -1.52
CA LYS C 248 -38.91 3.12 -2.75
C LYS C 248 -40.02 4.16 -2.62
N SER C 249 -41.18 3.79 -2.06
CA SER C 249 -42.32 4.69 -2.09
C SER C 249 -42.30 5.68 -0.93
N ALA C 250 -41.40 5.50 0.04
CA ALA C 250 -41.03 6.64 0.86
C ALA C 250 -40.35 7.68 -0.04
N LEU C 251 -40.32 8.92 0.44
CA LEU C 251 -39.74 10.02 -0.33
C LEU C 251 -40.57 10.32 -1.57
N GLU C 252 -41.63 9.56 -1.79
CA GLU C 252 -42.57 9.88 -2.86
C GLU C 252 -43.45 11.04 -2.43
N GLY C 253 -44.08 11.68 -3.41
CA GLY C 253 -44.84 12.88 -3.15
C GLY C 253 -43.99 14.12 -2.99
N LEU C 254 -42.68 13.98 -2.85
CA LEU C 254 -41.65 15.01 -2.85
C LEU C 254 -41.48 15.65 -4.19
N CYS C 255 -42.30 15.09 -5.06
CA CYS C 255 -42.30 15.37 -6.48
C CYS C 255 -43.16 16.57 -6.91
N ASN C 256 -43.83 17.23 -5.97
CA ASN C 256 -44.58 18.44 -6.26
C ASN C 256 -43.80 19.71 -5.96
N LEU C 257 -42.69 19.61 -5.24
CA LEU C 257 -41.94 20.79 -4.84
C LEU C 257 -41.08 21.29 -6.01
N THR C 258 -40.32 22.35 -5.75
CA THR C 258 -39.35 22.88 -6.71
C THR C 258 -38.03 23.02 -5.95
N ILE C 259 -37.27 21.93 -5.90
CA ILE C 259 -36.00 21.89 -5.20
C ILE C 259 -34.89 22.23 -6.18
N GLU C 260 -33.77 22.72 -5.64
CA GLU C 260 -32.59 22.90 -6.48
C GLU C 260 -31.36 22.28 -5.83
N GLU C 261 -31.34 22.20 -4.51
CA GLU C 261 -30.22 21.61 -3.78
C GLU C 261 -30.77 20.69 -2.70
N PHE C 262 -30.36 19.43 -2.73
CA PHE C 262 -30.85 18.43 -1.81
C PHE C 262 -29.72 17.97 -0.88
N ARG C 263 -30.10 17.51 0.31
CA ARG C 263 -29.14 16.81 1.16
C ARG C 263 -29.88 15.89 2.11
N LEU C 264 -29.71 14.58 1.93
CA LEU C 264 -30.03 13.60 2.97
C LEU C 264 -28.78 13.42 3.81
N ALA C 265 -28.91 13.57 5.13
CA ALA C 265 -27.72 13.75 5.96
C ALA C 265 -27.44 12.61 6.93
N TYR C 266 -28.30 11.60 7.01
CA TYR C 266 -28.01 10.38 7.76
C TYR C 266 -29.13 9.36 7.54
N LEU C 267 -28.82 8.08 7.68
CA LEU C 267 -29.82 7.03 7.56
C LEU C 267 -29.29 5.78 8.24
N ASP C 268 -29.96 5.34 9.30
CA ASP C 268 -29.61 4.13 10.03
C ASP C 268 -29.99 2.85 9.31
N TYR C 269 -30.64 2.94 8.15
CA TYR C 269 -31.12 1.78 7.41
C TYR C 269 -30.19 1.47 6.26
N TYR C 270 -29.80 0.19 6.14
CA TYR C 270 -28.91 -0.26 5.07
C TYR C 270 -29.68 -0.29 3.74
N LEU C 271 -29.92 0.91 3.21
CA LEU C 271 -30.61 1.05 1.94
C LEU C 271 -29.88 0.27 0.85
N ASP C 272 -30.64 -0.33 -0.06
CA ASP C 272 -30.07 -1.28 -1.01
C ASP C 272 -30.42 -1.04 -2.48
N ASP C 273 -30.94 0.14 -2.83
CA ASP C 273 -31.17 0.50 -4.23
C ASP C 273 -31.43 2.00 -4.30
N ILE C 274 -31.00 2.62 -5.41
CA ILE C 274 -30.92 4.08 -5.48
C ILE C 274 -31.81 4.72 -6.53
N ILE C 275 -32.54 3.95 -7.35
CA ILE C 275 -33.48 4.55 -8.29
C ILE C 275 -34.82 3.82 -8.23
N ASP C 276 -35.88 4.58 -8.52
CA ASP C 276 -37.24 4.38 -8.05
C ASP C 276 -37.27 4.76 -6.58
N LEU C 277 -36.08 5.02 -6.06
CA LEU C 277 -35.84 5.81 -4.87
C LEU C 277 -35.00 7.00 -5.31
N PHE C 278 -35.10 8.09 -4.58
CA PHE C 278 -34.61 9.39 -5.07
C PHE C 278 -35.09 9.63 -6.50
N ASN C 279 -36.32 9.22 -6.80
CA ASN C 279 -36.78 9.21 -8.19
C ASN C 279 -37.16 10.61 -8.65
N CYS C 280 -37.97 11.32 -7.87
CA CYS C 280 -38.30 12.69 -8.21
C CYS C 280 -37.34 13.69 -7.59
N LEU C 281 -36.20 13.22 -7.11
CA LEU C 281 -35.07 14.10 -6.79
C LEU C 281 -34.08 14.17 -7.94
N THR C 282 -34.58 14.41 -9.15
CA THR C 282 -33.73 14.78 -10.26
C THR C 282 -33.92 16.27 -10.57
N ASN C 283 -33.08 16.78 -11.46
CA ASN C 283 -33.09 18.19 -11.84
C ASN C 283 -32.60 19.06 -10.68
N VAL C 284 -32.33 18.45 -9.52
CA VAL C 284 -31.67 19.16 -8.44
C VAL C 284 -30.20 19.32 -8.78
N SER C 285 -29.77 20.57 -8.95
CA SER C 285 -28.43 20.82 -9.47
C SER C 285 -27.32 20.49 -8.48
N SER C 286 -27.66 20.06 -7.27
CA SER C 286 -26.66 19.70 -6.26
C SER C 286 -27.22 18.58 -5.41
N PHE C 287 -26.68 17.38 -5.57
CA PHE C 287 -27.05 16.20 -4.79
C PHE C 287 -25.98 15.97 -3.74
N SER C 288 -26.39 15.41 -2.60
CA SER C 288 -25.43 15.15 -1.54
C SER C 288 -25.98 14.13 -0.56
N LEU C 289 -25.14 13.17 -0.20
CA LEU C 289 -25.45 12.19 0.83
C LEU C 289 -24.32 12.21 1.84
N VAL C 290 -24.67 11.95 3.10
CA VAL C 290 -23.69 11.95 4.19
C VAL C 290 -24.07 10.86 5.18
N SER C 291 -23.15 9.91 5.40
CA SER C 291 -23.23 8.92 6.46
C SER C 291 -24.31 7.86 6.25
N VAL C 292 -24.79 7.69 5.02
CA VAL C 292 -25.85 6.74 4.72
C VAL C 292 -25.23 5.47 4.14
N THR C 293 -25.51 4.33 4.78
CA THR C 293 -24.90 3.06 4.40
C THR C 293 -25.72 2.40 3.30
N ILE C 294 -25.22 2.45 2.07
CA ILE C 294 -25.80 1.70 0.96
C ILE C 294 -24.73 0.70 0.55
N GLU C 295 -24.76 -0.49 1.14
CA GLU C 295 -23.65 -1.42 1.00
C GLU C 295 -23.75 -2.27 -0.27
N ARG C 296 -24.86 -2.96 -0.46
CA ARG C 296 -24.98 -3.90 -1.57
C ARG C 296 -26.03 -3.39 -2.56
N VAL C 297 -25.55 -2.89 -3.70
CA VAL C 297 -26.39 -2.40 -4.77
C VAL C 297 -25.57 -2.30 -6.04
N LYS C 298 -26.15 -2.72 -7.16
CA LYS C 298 -25.41 -2.86 -8.40
C LYS C 298 -25.69 -1.70 -9.37
N ASP C 299 -26.93 -1.23 -9.41
CA ASP C 299 -27.37 -0.34 -10.48
C ASP C 299 -27.26 1.12 -10.02
N PHE C 300 -26.06 1.68 -10.17
CA PHE C 300 -25.88 3.11 -10.09
C PHE C 300 -25.97 3.78 -11.45
N SER C 301 -25.84 3.02 -12.53
CA SER C 301 -25.92 3.57 -13.87
C SER C 301 -27.32 4.11 -14.14
N TYR C 302 -27.45 5.43 -14.17
CA TYR C 302 -28.72 6.10 -14.40
C TYR C 302 -28.44 7.54 -14.77
N ASN C 303 -29.37 8.14 -15.50
CA ASN C 303 -29.22 9.51 -15.98
C ASN C 303 -29.92 10.47 -15.02
N PHE C 304 -29.16 11.40 -14.46
CA PHE C 304 -29.68 12.51 -13.68
C PHE C 304 -29.01 13.79 -14.13
N GLY C 305 -29.71 14.92 -13.97
CA GLY C 305 -29.07 16.22 -14.12
C GLY C 305 -28.55 16.70 -12.77
N TRP C 306 -27.27 16.46 -12.51
CA TRP C 306 -26.67 16.66 -11.20
C TRP C 306 -25.36 17.41 -11.36
N GLN C 307 -25.39 18.74 -11.29
CA GLN C 307 -24.20 19.54 -11.52
C GLN C 307 -23.25 19.57 -10.32
N HIS C 308 -23.53 18.83 -9.26
CA HIS C 308 -22.59 18.67 -8.16
C HIS C 308 -23.03 17.49 -7.32
N LEU C 309 -22.07 16.61 -7.00
CA LEU C 309 -22.32 15.43 -6.17
C LEU C 309 -21.30 15.41 -5.05
N GLU C 310 -21.68 14.77 -3.93
CA GLU C 310 -20.77 14.62 -2.81
C GLU C 310 -21.21 13.41 -2.00
N LEU C 311 -20.27 12.50 -1.73
CA LEU C 311 -20.53 11.28 -0.97
C LEU C 311 -19.49 11.22 0.13
N VAL C 312 -19.78 11.86 1.26
CA VAL C 312 -18.83 11.99 2.36
C VAL C 312 -19.23 11.00 3.45
N ASN C 313 -18.28 10.19 3.90
CA ASN C 313 -18.42 9.29 5.03
C ASN C 313 -19.43 8.17 4.77
N CYS C 314 -19.72 7.87 3.51
CA CYS C 314 -20.64 6.80 3.17
C CYS C 314 -19.92 5.46 3.13
N LYS C 315 -20.65 4.40 3.45
CA LYS C 315 -20.13 3.04 3.36
C LYS C 315 -20.75 2.34 2.16
N PHE C 316 -19.97 1.47 1.55
CA PHE C 316 -20.44 0.65 0.43
C PHE C 316 -19.81 -0.73 0.55
N GLY C 317 -20.03 -1.56 -0.46
CA GLY C 317 -19.33 -2.82 -0.56
C GLY C 317 -18.58 -2.87 -1.87
N GLN C 318 -18.95 -1.97 -2.76
CA GLN C 318 -18.38 -1.86 -4.09
C GLN C 318 -18.19 -0.39 -4.42
N PHE C 319 -17.26 -0.10 -5.31
CA PHE C 319 -17.17 1.25 -5.82
C PHE C 319 -18.40 1.51 -6.68
N PRO C 320 -19.19 2.54 -6.39
CA PRO C 320 -20.39 2.80 -7.21
C PRO C 320 -20.03 3.09 -8.65
N THR C 321 -20.91 2.67 -9.56
CA THR C 321 -20.70 2.83 -11.00
C THR C 321 -21.48 4.05 -11.48
N LEU C 322 -20.81 5.21 -11.45
CA LEU C 322 -21.45 6.47 -11.79
C LEU C 322 -21.50 6.65 -13.30
N LYS C 323 -22.65 7.07 -13.80
CA LYS C 323 -22.83 7.39 -15.23
C LYS C 323 -23.67 8.67 -15.30
N LEU C 324 -23.01 9.82 -15.32
CA LEU C 324 -23.68 11.10 -15.20
C LEU C 324 -23.26 12.01 -16.34
N LYS C 325 -24.20 12.31 -17.24
CA LYS C 325 -23.89 13.14 -18.40
C LYS C 325 -23.58 14.58 -18.01
N SER C 326 -24.02 15.02 -16.82
CA SER C 326 -23.85 16.41 -16.38
C SER C 326 -23.51 16.40 -14.90
N LEU C 327 -22.22 16.41 -14.58
CA LEU C 327 -21.74 16.45 -13.20
C LEU C 327 -20.35 17.07 -13.19
N LYS C 328 -20.25 18.29 -12.67
CA LYS C 328 -19.02 19.07 -12.78
C LYS C 328 -18.08 18.88 -11.59
N ARG C 329 -18.57 18.49 -10.42
CA ARG C 329 -17.73 18.33 -9.26
C ARG C 329 -18.15 17.10 -8.49
N LEU C 330 -17.17 16.43 -7.90
CA LEU C 330 -17.39 15.24 -7.09
C LEU C 330 -16.47 15.30 -5.88
N THR C 331 -16.95 14.77 -4.76
CA THR C 331 -16.15 14.71 -3.54
C THR C 331 -16.44 13.37 -2.87
N PHE C 332 -15.67 12.35 -3.24
CA PHE C 332 -15.77 11.01 -2.69
C PHE C 332 -14.67 10.89 -1.63
N THR C 333 -14.88 11.55 -0.50
CA THR C 333 -13.83 11.72 0.49
C THR C 333 -14.22 11.07 1.81
N SER C 334 -13.25 10.42 2.44
CA SER C 334 -13.37 9.80 3.76
C SER C 334 -14.38 8.67 3.81
N ASN C 335 -14.76 8.10 2.67
CA ASN C 335 -15.57 6.89 2.67
C ASN C 335 -14.77 5.73 3.27
N LYS C 336 -15.47 4.66 3.64
CA LYS C 336 -14.81 3.60 4.39
C LYS C 336 -14.98 2.21 3.78
N GLY C 337 -16.04 2.00 3.01
CA GLY C 337 -16.41 0.64 2.62
C GLY C 337 -15.53 -0.10 1.61
N GLY C 338 -15.58 0.31 0.34
CA GLY C 338 -15.04 -0.51 -0.73
C GLY C 338 -13.73 -0.04 -1.32
N ASN C 339 -12.65 -0.72 -0.97
CA ASN C 339 -11.29 -0.25 -1.28
C ASN C 339 -10.86 -0.81 -2.63
N ALA C 340 -11.38 -0.22 -3.68
CA ALA C 340 -11.03 -0.55 -5.07
C ALA C 340 -11.39 0.65 -5.92
N PHE C 341 -11.42 0.46 -7.24
CA PHE C 341 -11.83 1.51 -8.14
C PHE C 341 -12.09 0.89 -9.51
N SER C 342 -13.17 1.33 -10.15
CA SER C 342 -13.50 0.91 -11.50
C SER C 342 -13.87 2.14 -12.31
N GLU C 343 -13.68 2.05 -13.62
CA GLU C 343 -13.84 3.21 -14.48
C GLU C 343 -15.26 3.77 -14.39
N VAL C 344 -15.35 5.04 -14.04
CA VAL C 344 -16.60 5.77 -14.05
C VAL C 344 -16.65 6.58 -15.34
N ASP C 345 -17.83 7.11 -15.66
CA ASP C 345 -18.01 7.86 -16.90
C ASP C 345 -18.70 9.19 -16.57
N LEU C 346 -17.88 10.24 -16.44
CA LEU C 346 -18.33 11.58 -16.10
C LEU C 346 -17.89 12.50 -17.23
N PRO C 347 -18.62 12.51 -18.35
CA PRO C 347 -18.12 13.20 -19.56
C PRO C 347 -17.80 14.66 -19.38
N SER C 348 -18.43 15.36 -18.43
CA SER C 348 -18.19 16.79 -18.21
C SER C 348 -17.90 16.99 -16.72
N LEU C 349 -16.64 16.79 -16.35
CA LEU C 349 -16.20 16.88 -14.96
C LEU C 349 -14.91 17.68 -14.91
N GLU C 350 -14.84 18.64 -13.99
CA GLU C 350 -13.71 19.56 -13.90
C GLU C 350 -13.05 19.57 -12.54
N PHE C 351 -13.57 18.81 -11.58
CA PHE C 351 -12.97 18.73 -10.26
C PHE C 351 -13.19 17.31 -9.76
N LEU C 352 -12.26 16.82 -8.95
CA LEU C 352 -12.33 15.45 -8.48
C LEU C 352 -11.47 15.32 -7.24
N ASP C 353 -12.00 14.67 -6.22
CA ASP C 353 -11.33 14.55 -4.93
C ASP C 353 -11.67 13.18 -4.37
N LEU C 354 -10.71 12.27 -4.37
CA LEU C 354 -10.87 10.97 -3.74
C LEU C 354 -9.77 10.87 -2.70
N SER C 355 -10.02 11.44 -1.53
CA SER C 355 -9.00 11.61 -0.50
C SER C 355 -9.39 10.84 0.74
N ARG C 356 -8.40 10.24 1.39
CA ARG C 356 -8.56 9.53 2.65
C ARG C 356 -9.61 8.43 2.58
N ASN C 357 -9.93 7.96 1.38
CA ASN C 357 -10.76 6.77 1.25
C ASN C 357 -9.99 5.52 1.61
N GLY C 358 -8.77 5.39 1.08
CA GLY C 358 -7.99 4.19 1.26
C GLY C 358 -8.08 3.21 0.12
N LEU C 359 -8.73 3.57 -0.98
CA LEU C 359 -8.92 2.65 -2.09
C LEU C 359 -7.62 2.50 -2.89
N SER C 360 -7.63 1.50 -3.78
CA SER C 360 -6.44 1.12 -4.52
C SER C 360 -6.69 1.18 -6.02
N PHE C 361 -5.69 1.66 -6.76
CA PHE C 361 -5.81 1.82 -8.23
C PHE C 361 -4.91 0.82 -8.95
N LYS C 362 -5.49 -0.05 -9.77
CA LYS C 362 -4.67 -0.99 -10.58
C LYS C 362 -4.59 -0.43 -12.00
N GLY C 363 -5.66 0.24 -12.46
CA GLY C 363 -5.65 0.88 -13.79
C GLY C 363 -5.11 2.29 -13.68
N CYS C 364 -4.59 2.68 -12.51
CA CYS C 364 -4.00 4.03 -12.26
C CYS C 364 -4.79 5.20 -12.85
N CYS C 365 -4.12 6.05 -13.64
CA CYS C 365 -4.73 7.26 -14.14
C CYS C 365 -4.53 7.38 -15.64
N SER C 366 -5.64 7.42 -16.38
CA SER C 366 -5.67 7.66 -17.80
C SER C 366 -7.05 8.18 -18.16
N GLN C 367 -7.17 8.81 -19.33
CA GLN C 367 -8.48 9.28 -19.79
C GLN C 367 -9.49 8.15 -19.85
N SER C 368 -9.04 6.90 -19.94
CA SER C 368 -9.91 5.74 -19.97
C SER C 368 -10.58 5.46 -18.63
N ASP C 369 -10.11 6.06 -17.54
CA ASP C 369 -10.59 5.72 -16.21
C ASP C 369 -11.78 6.57 -15.79
N PHE C 370 -11.71 7.88 -15.99
CA PHE C 370 -12.77 8.77 -15.53
C PHE C 370 -13.66 9.27 -16.66
N GLY C 371 -13.43 8.82 -17.89
CA GLY C 371 -14.30 9.14 -19.00
C GLY C 371 -14.32 10.59 -19.44
N THR C 372 -13.70 11.49 -18.69
CA THR C 372 -13.68 12.90 -19.05
C THR C 372 -12.41 13.22 -19.82
N THR C 373 -12.29 14.48 -20.26
CA THR C 373 -11.05 14.94 -20.86
C THR C 373 -10.66 16.35 -20.45
N SER C 374 -11.41 17.00 -19.56
CA SER C 374 -11.01 18.30 -19.00
C SER C 374 -11.15 18.23 -17.49
N LEU C 375 -10.15 17.69 -16.82
CA LEU C 375 -10.13 17.54 -15.37
C LEU C 375 -9.01 18.41 -14.83
N LYS C 376 -9.38 19.55 -14.23
CA LYS C 376 -8.39 20.52 -13.79
C LYS C 376 -7.79 20.18 -12.43
N TYR C 377 -8.41 19.29 -11.66
CA TYR C 377 -8.01 19.06 -10.29
C TYR C 377 -8.18 17.59 -10.00
N LEU C 378 -7.27 17.05 -9.20
CA LEU C 378 -7.30 15.63 -8.89
C LEU C 378 -6.49 15.40 -7.62
N ASP C 379 -7.10 14.72 -6.66
CA ASP C 379 -6.47 14.45 -5.38
C ASP C 379 -6.71 12.99 -5.05
N LEU C 380 -5.65 12.18 -5.12
CA LEU C 380 -5.70 10.79 -4.75
C LEU C 380 -4.85 10.53 -3.51
N SER C 381 -4.69 11.56 -2.69
CA SER C 381 -3.78 11.47 -1.55
C SER C 381 -4.39 10.66 -0.41
N PHE C 382 -3.51 10.09 0.40
CA PHE C 382 -3.90 9.31 1.59
C PHE C 382 -4.73 8.08 1.20
N ASN C 383 -4.39 7.46 0.08
CA ASN C 383 -5.03 6.22 -0.37
C ASN C 383 -4.09 5.04 -0.11
N GLY C 384 -4.50 3.86 -0.56
CA GLY C 384 -3.77 2.64 -0.24
C GLY C 384 -2.55 2.30 -1.08
N VAL C 385 -2.75 1.94 -2.35
CA VAL C 385 -1.66 1.51 -3.22
C VAL C 385 -2.00 1.86 -4.66
N ILE C 386 -1.13 2.64 -5.30
CA ILE C 386 -1.37 3.18 -6.64
C ILE C 386 -0.29 2.64 -7.56
N THR C 387 -0.70 1.87 -8.57
CA THR C 387 0.24 1.22 -9.48
C THR C 387 0.23 1.96 -10.81
N MET C 388 1.40 2.43 -11.22
CA MET C 388 1.53 3.22 -12.44
C MET C 388 1.70 2.29 -13.64
N SER C 389 0.64 2.15 -14.43
CA SER C 389 0.71 1.44 -15.69
C SER C 389 0.52 2.36 -16.88
N SER C 390 0.33 3.63 -16.63
CA SER C 390 0.04 4.58 -17.70
C SER C 390 0.37 5.97 -17.18
N ASN C 391 1.26 6.69 -17.87
CA ASN C 391 1.41 8.11 -17.61
C ASN C 391 0.12 8.81 -18.02
N PHE C 392 -0.17 9.93 -17.38
CA PHE C 392 -1.52 10.48 -17.39
C PHE C 392 -1.75 10.75 -18.87
N LEU C 393 -2.71 10.04 -19.46
CA LEU C 393 -2.86 9.99 -20.91
C LEU C 393 -4.29 10.45 -21.18
N GLY C 394 -4.44 11.43 -22.05
CA GLY C 394 -5.72 12.08 -22.25
C GLY C 394 -6.07 13.09 -21.19
N LEU C 395 -5.18 13.34 -20.23
CA LEU C 395 -5.37 14.31 -19.15
C LEU C 395 -4.38 15.46 -19.27
N GLU C 396 -4.15 15.94 -20.49
CA GLU C 396 -3.14 16.97 -20.74
C GLU C 396 -3.51 18.32 -20.13
N GLN C 397 -4.67 18.43 -19.49
CA GLN C 397 -5.15 19.67 -18.87
C GLN C 397 -5.41 19.38 -17.40
N LEU C 398 -4.37 19.44 -16.58
CA LEU C 398 -4.47 19.05 -15.19
C LEU C 398 -3.46 19.87 -14.41
N GLU C 399 -3.94 20.89 -13.70
CA GLU C 399 -3.07 21.84 -13.05
C GLU C 399 -2.76 21.48 -11.60
N HIS C 400 -3.56 20.63 -10.98
CA HIS C 400 -3.33 20.21 -9.61
C HIS C 400 -3.22 18.69 -9.59
N LEU C 401 -2.33 18.19 -8.75
CA LEU C 401 -2.12 16.75 -8.64
C LEU C 401 -1.46 16.47 -7.31
N ASP C 402 -2.18 15.78 -6.43
CA ASP C 402 -1.65 15.39 -5.13
C ASP C 402 -1.61 13.88 -5.03
N PHE C 403 -0.57 13.39 -4.36
CA PHE C 403 -0.40 11.97 -4.12
C PHE C 403 0.06 11.67 -2.70
N GLN C 404 0.22 12.68 -1.85
CA GLN C 404 1.02 12.51 -0.65
C GLN C 404 0.45 11.44 0.26
N HIS C 405 1.35 10.64 0.83
CA HIS C 405 1.07 9.55 1.77
C HIS C 405 0.31 8.40 1.13
N SER C 406 0.29 8.32 -0.21
CA SER C 406 -0.17 7.14 -0.92
C SER C 406 0.98 6.13 -1.01
N ASN C 407 0.84 5.12 -1.86
CA ASN C 407 1.89 4.12 -2.09
C ASN C 407 2.06 3.96 -3.60
N LEU C 408 2.97 4.74 -4.17
CA LEU C 408 3.23 4.68 -5.60
C LEU C 408 4.14 3.52 -5.94
N LYS C 409 3.73 2.73 -6.92
CA LYS C 409 4.50 1.59 -7.38
C LYS C 409 4.97 1.84 -8.80
N GLN C 410 6.18 1.36 -9.10
CA GLN C 410 6.73 1.41 -10.45
C GLN C 410 6.91 2.84 -10.93
N MET C 411 7.25 3.74 -10.01
CA MET C 411 7.39 5.14 -10.35
C MET C 411 8.72 5.47 -11.02
N SER C 412 9.69 4.56 -10.99
CA SER C 412 11.00 4.78 -11.57
C SER C 412 11.18 4.13 -12.93
N GLU C 413 10.26 3.25 -13.33
CA GLU C 413 10.43 2.41 -14.50
C GLU C 413 10.23 3.14 -15.82
N PHE C 414 9.65 4.33 -15.80
CA PHE C 414 9.51 5.16 -17.01
C PHE C 414 9.15 6.56 -16.56
N SER C 415 9.11 7.48 -17.51
CA SER C 415 8.71 8.86 -17.22
C SER C 415 7.22 8.86 -16.92
N VAL C 416 6.87 8.85 -15.63
CA VAL C 416 5.48 8.68 -15.24
C VAL C 416 4.67 9.97 -15.42
N PHE C 417 5.28 11.14 -15.24
CA PHE C 417 4.60 12.41 -15.49
C PHE C 417 4.94 12.96 -16.88
N LEU C 418 4.77 12.19 -17.95
CA LEU C 418 5.31 12.62 -19.24
C LEU C 418 4.32 13.43 -20.06
N SER C 419 3.04 13.44 -19.71
CA SER C 419 2.05 14.17 -20.49
C SER C 419 1.63 15.48 -19.86
N LEU C 420 1.95 15.72 -18.59
CA LEU C 420 1.43 16.84 -17.82
C LEU C 420 2.25 18.10 -18.11
N ARG C 421 1.96 18.73 -19.24
CA ARG C 421 2.69 19.93 -19.62
C ARG C 421 2.13 21.19 -18.96
N ASN C 422 0.88 21.15 -18.50
CA ASN C 422 0.27 22.25 -17.73
C ASN C 422 0.05 21.70 -16.33
N LEU C 423 1.07 21.80 -15.48
CA LEU C 423 0.95 21.36 -14.09
C LEU C 423 1.75 22.31 -13.23
N ILE C 424 1.09 22.95 -12.29
CA ILE C 424 1.72 23.91 -11.39
C ILE C 424 2.11 23.28 -10.08
N TYR C 425 1.30 22.34 -9.60
CA TYR C 425 1.44 21.77 -8.27
C TYR C 425 1.74 20.28 -8.38
N LEU C 426 2.55 19.78 -7.46
CA LEU C 426 2.86 18.35 -7.41
C LEU C 426 3.33 18.03 -6.00
N ASP C 427 2.64 17.11 -5.33
CA ASP C 427 3.00 16.69 -3.99
C ASP C 427 3.08 15.17 -3.99
N ILE C 428 4.30 14.64 -4.08
CA ILE C 428 4.53 13.20 -3.97
C ILE C 428 5.28 12.96 -2.68
N SER C 429 5.04 13.81 -1.68
CA SER C 429 5.71 13.67 -0.40
C SER C 429 5.31 12.37 0.29
N HIS C 430 6.28 11.73 0.91
CA HIS C 430 6.09 10.57 1.78
C HIS C 430 5.41 9.39 1.09
N THR C 431 5.51 9.30 -0.23
CA THR C 431 5.25 8.04 -0.89
C THR C 431 6.50 7.17 -0.80
N HIS C 432 6.32 5.85 -0.85
CA HIS C 432 7.43 4.92 -0.69
C HIS C 432 8.21 4.84 -2.00
N THR C 433 8.97 5.90 -2.27
CA THR C 433 9.64 6.10 -3.54
C THR C 433 11.14 6.00 -3.40
N ARG C 434 11.78 5.33 -4.36
CA ARG C 434 13.23 5.20 -4.44
C ARG C 434 13.67 5.77 -5.79
N VAL C 435 14.15 7.01 -5.80
CA VAL C 435 14.49 7.69 -7.04
C VAL C 435 15.79 7.10 -7.58
N ALA C 436 15.68 6.38 -8.70
CA ALA C 436 16.83 5.71 -9.31
C ALA C 436 16.82 5.86 -10.83
N PHE C 437 16.13 6.88 -11.33
CA PHE C 437 16.05 7.13 -12.77
C PHE C 437 16.15 8.63 -12.98
N ASN C 438 17.13 9.07 -13.76
CA ASN C 438 17.34 10.51 -13.98
C ASN C 438 16.23 11.15 -14.80
N GLY C 439 15.22 10.40 -15.23
CA GLY C 439 14.14 10.97 -16.02
C GLY C 439 12.78 10.87 -15.36
N ILE C 440 12.74 10.88 -14.03
CA ILE C 440 11.47 10.75 -13.32
C ILE C 440 10.62 12.00 -13.49
N PHE C 441 11.22 13.19 -13.39
CA PHE C 441 10.46 14.43 -13.42
C PHE C 441 10.45 15.02 -14.82
N ASN C 442 10.51 14.18 -15.83
CA ASN C 442 10.53 14.64 -17.21
C ASN C 442 9.12 14.94 -17.67
N GLY C 443 8.96 16.08 -18.34
CA GLY C 443 7.68 16.51 -18.86
C GLY C 443 7.07 17.68 -18.12
N LEU C 444 7.37 17.82 -16.83
CA LEU C 444 6.84 18.91 -16.00
C LEU C 444 7.63 20.17 -16.28
N SER C 445 7.18 20.95 -17.26
CA SER C 445 7.87 22.19 -17.61
C SER C 445 7.32 23.40 -16.87
N SER C 446 6.05 23.35 -16.44
CA SER C 446 5.43 24.46 -15.73
C SER C 446 5.40 24.25 -14.23
N LEU C 447 6.00 23.17 -13.73
CA LEU C 447 5.97 22.91 -12.30
C LEU C 447 6.75 23.99 -11.55
N GLU C 448 6.08 24.65 -10.62
CA GLU C 448 6.67 25.68 -9.80
C GLU C 448 6.78 25.30 -8.33
N VAL C 449 5.89 24.43 -7.83
CA VAL C 449 5.95 23.91 -6.47
C VAL C 449 6.19 22.41 -6.58
N LEU C 450 7.35 21.95 -6.11
CA LEU C 450 7.68 20.54 -6.07
C LEU C 450 7.92 20.15 -4.62
N LYS C 451 7.01 19.39 -4.04
CA LYS C 451 7.15 18.84 -2.70
C LYS C 451 7.47 17.36 -2.80
N MET C 452 8.59 16.95 -2.22
CA MET C 452 8.91 15.53 -2.03
C MET C 452 9.83 15.42 -0.81
N ALA C 453 9.25 15.06 0.31
CA ALA C 453 9.96 14.97 1.58
C ALA C 453 9.70 13.60 2.18
N GLY C 454 10.69 12.74 2.15
CA GLY C 454 10.55 11.38 2.60
C GLY C 454 10.74 10.33 1.53
N ASN C 455 11.46 10.64 0.45
CA ASN C 455 11.66 9.74 -0.67
C ASN C 455 13.14 9.44 -0.78
N SER C 456 13.47 8.16 -0.85
CA SER C 456 14.86 7.73 -0.83
C SER C 456 15.59 8.21 -2.09
N PHE C 457 16.88 7.93 -2.14
CA PHE C 457 17.69 8.23 -3.31
C PHE C 457 18.70 7.12 -3.51
N GLN C 458 18.94 6.79 -4.78
CA GLN C 458 19.87 5.70 -5.12
C GLN C 458 21.25 5.99 -4.57
N GLU C 459 21.70 5.14 -3.65
CA GLU C 459 22.97 5.26 -2.92
C GLU C 459 23.07 6.56 -2.13
N ASN C 460 21.97 7.29 -1.99
CA ASN C 460 21.92 8.54 -1.22
C ASN C 460 22.82 9.60 -1.84
N PHE C 461 22.69 9.77 -3.15
CA PHE C 461 23.47 10.76 -3.89
C PHE C 461 22.51 11.48 -4.82
N LEU C 462 22.33 12.78 -4.59
CA LEU C 462 21.38 13.56 -5.36
C LEU C 462 21.84 13.68 -6.81
N PRO C 463 21.14 13.10 -7.77
CA PRO C 463 21.52 13.23 -9.18
C PRO C 463 20.95 14.52 -9.76
N ASP C 464 21.25 14.74 -11.03
CA ASP C 464 20.76 15.93 -11.73
C ASP C 464 19.41 15.60 -12.35
N ILE C 465 18.37 15.62 -11.51
CA ILE C 465 17.02 15.35 -11.98
C ILE C 465 16.17 16.61 -12.10
N PHE C 466 16.61 17.73 -11.56
CA PHE C 466 15.85 18.97 -11.63
C PHE C 466 16.21 19.80 -12.85
N THR C 467 16.22 19.20 -14.03
CA THR C 467 16.51 19.92 -15.25
C THR C 467 15.23 20.07 -16.06
N GLU C 468 15.15 21.15 -16.82
CA GLU C 468 13.97 21.60 -17.57
C GLU C 468 12.86 22.08 -16.63
N LEU C 469 13.04 21.98 -15.31
CA LEU C 469 12.13 22.55 -14.33
C LEU C 469 12.69 23.92 -13.94
N ARG C 470 12.46 24.90 -14.80
CA ARG C 470 13.05 26.21 -14.61
C ARG C 470 12.14 27.20 -13.88
N ASN C 471 10.85 26.90 -13.75
CA ASN C 471 9.93 27.75 -13.00
C ASN C 471 9.90 27.40 -11.52
N LEU C 472 10.64 26.38 -11.09
CA LEU C 472 10.58 25.92 -9.72
C LEU C 472 11.08 27.01 -8.79
N THR C 473 10.15 27.60 -8.02
CA THR C 473 10.49 28.59 -7.01
C THR C 473 10.57 27.99 -5.62
N PHE C 474 9.85 26.90 -5.39
CA PHE C 474 9.77 26.23 -4.10
C PHE C 474 10.19 24.78 -4.28
N LEU C 475 11.20 24.34 -3.53
CA LEU C 475 11.72 22.99 -3.64
C LEU C 475 11.87 22.38 -2.26
N ASP C 476 11.18 21.27 -2.02
CA ASP C 476 11.17 20.60 -0.73
C ASP C 476 11.97 19.31 -0.82
N LEU C 477 12.97 19.17 0.05
CA LEU C 477 13.80 17.98 0.13
C LEU C 477 14.22 17.83 1.59
N SER C 478 13.49 17.02 2.35
CA SER C 478 13.84 16.81 3.75
C SER C 478 13.45 15.40 4.13
N GLN C 479 14.31 14.76 4.93
CA GLN C 479 14.25 13.34 5.23
C GLN C 479 14.50 12.47 3.99
N CYS C 480 15.31 12.97 3.05
CA CYS C 480 15.72 12.21 1.89
C CYS C 480 17.10 11.57 2.06
N GLN C 481 17.61 11.52 3.29
CA GLN C 481 18.80 10.75 3.69
C GLN C 481 19.97 10.95 2.74
N LEU C 482 20.11 12.17 2.24
CA LEU C 482 21.15 12.50 1.28
C LEU C 482 22.47 12.68 2.01
N GLU C 483 23.50 11.97 1.56
CA GLU C 483 24.85 12.13 2.09
C GLU C 483 25.77 12.87 1.15
N GLN C 484 25.42 12.94 -0.13
CA GLN C 484 26.17 13.71 -1.10
C GLN C 484 25.20 14.33 -2.09
N LEU C 485 25.66 15.36 -2.75
CA LEU C 485 24.90 16.03 -3.80
C LEU C 485 25.83 16.27 -4.98
N SER C 486 25.31 16.05 -6.17
CA SER C 486 26.08 16.39 -7.36
C SER C 486 26.53 17.85 -7.27
N PRO C 487 27.80 18.15 -7.53
CA PRO C 487 28.24 19.56 -7.51
C PRO C 487 27.50 20.43 -8.50
N THR C 488 27.03 19.89 -9.62
CA THR C 488 26.16 20.59 -10.55
C THR C 488 24.79 19.93 -10.54
N ALA C 489 23.96 20.30 -9.56
CA ALA C 489 22.62 19.75 -9.39
C ALA C 489 21.53 20.80 -9.57
N PHE C 490 21.61 21.91 -8.85
CA PHE C 490 20.60 22.97 -8.94
C PHE C 490 20.97 24.02 -9.98
N ASN C 491 21.29 23.59 -11.19
CA ASN C 491 21.51 24.53 -12.28
C ASN C 491 20.24 24.62 -13.11
N SER C 492 20.17 25.67 -13.93
CA SER C 492 18.98 26.03 -14.70
C SER C 492 17.85 26.48 -13.77
N LEU C 493 18.09 26.45 -12.45
CA LEU C 493 17.12 26.87 -11.45
C LEU C 493 17.45 28.30 -11.05
N SER C 494 16.89 29.26 -11.79
CA SER C 494 17.12 30.67 -11.54
C SER C 494 15.96 31.31 -10.77
N SER C 495 14.84 30.63 -10.60
CA SER C 495 13.68 31.17 -9.92
C SER C 495 13.47 30.59 -8.54
N LEU C 496 14.34 29.68 -8.10
CA LEU C 496 14.17 29.07 -6.80
C LEU C 496 14.53 30.06 -5.70
N GLN C 497 13.60 30.30 -4.79
CA GLN C 497 13.78 31.24 -3.69
C GLN C 497 13.82 30.55 -2.34
N VAL C 498 12.88 29.67 -2.07
CA VAL C 498 12.95 28.76 -0.92
C VAL C 498 13.61 27.48 -1.37
N LEU C 499 14.49 26.93 -0.54
CA LEU C 499 15.20 25.69 -0.86
C LEU C 499 15.43 24.92 0.44
N ASN C 500 14.60 23.92 0.66
CA ASN C 500 14.66 23.12 1.87
C ASN C 500 15.62 21.95 1.67
N MET C 501 16.60 21.82 2.57
CA MET C 501 17.56 20.72 2.50
C MET C 501 17.92 20.19 3.88
N SER C 502 17.01 20.23 4.83
CA SER C 502 17.38 19.87 6.18
C SER C 502 16.89 18.47 6.52
N HIS C 503 17.40 17.95 7.63
CA HIS C 503 17.08 16.63 8.18
C HIS C 503 17.70 15.49 7.37
N ASN C 504 18.66 15.81 6.50
CA ASN C 504 19.48 14.82 5.82
C ASN C 504 20.68 14.51 6.72
N ASN C 505 21.69 13.83 6.18
CA ASN C 505 22.90 13.51 6.94
C ASN C 505 24.09 13.99 6.14
N PHE C 506 24.41 15.26 6.28
CA PHE C 506 25.59 15.87 5.68
C PHE C 506 26.70 15.97 6.73
N PHE C 507 27.91 16.19 6.25
CA PHE C 507 29.03 16.50 7.13
C PHE C 507 29.93 17.59 6.59
N SER C 508 29.62 18.21 5.44
CA SER C 508 30.44 19.26 4.88
C SER C 508 29.57 20.28 4.15
N LEU C 509 29.66 21.54 4.56
CA LEU C 509 29.01 22.64 3.87
C LEU C 509 29.95 23.25 2.85
N ASP C 510 29.40 23.70 1.73
CA ASP C 510 30.16 24.45 0.74
C ASP C 510 29.23 25.34 -0.06
N THR C 511 29.83 26.30 -0.75
CA THR C 511 29.09 27.31 -1.50
C THR C 511 29.15 27.15 -3.00
N PHE C 512 29.99 26.23 -3.51
CA PHE C 512 30.04 26.04 -4.96
C PHE C 512 28.73 25.55 -5.53
N PRO C 513 28.06 24.53 -4.96
CA PRO C 513 26.76 24.13 -5.52
C PRO C 513 25.76 25.26 -5.59
N TYR C 514 25.91 26.31 -4.78
CA TYR C 514 25.02 27.47 -4.78
C TYR C 514 25.73 28.73 -5.27
N LYS C 515 26.77 28.57 -6.10
CA LYS C 515 27.46 29.73 -6.64
C LYS C 515 26.53 30.60 -7.46
N CYS C 516 25.64 29.99 -8.25
CA CYS C 516 24.76 30.71 -9.16
C CYS C 516 23.31 30.36 -8.84
N LEU C 517 22.73 31.06 -7.86
CA LEU C 517 21.28 31.08 -7.62
C LEU C 517 20.89 32.52 -7.37
N ASN C 518 20.32 33.19 -8.38
CA ASN C 518 20.07 34.62 -8.28
C ASN C 518 18.87 34.99 -7.42
N SER C 519 17.92 34.06 -7.22
CA SER C 519 16.66 34.39 -6.55
C SER C 519 16.52 33.73 -5.20
N LEU C 520 17.53 33.01 -4.72
CA LEU C 520 17.42 32.35 -3.44
C LEU C 520 17.40 33.36 -2.30
N GLN C 521 16.47 33.17 -1.36
CA GLN C 521 16.35 34.06 -0.21
C GLN C 521 16.48 33.27 1.08
N VAL C 522 15.98 32.04 1.08
CA VAL C 522 16.05 31.14 2.22
C VAL C 522 16.83 29.89 1.81
N LEU C 523 17.61 29.36 2.73
CA LEU C 523 18.31 28.09 2.51
C LEU C 523 18.45 27.39 3.85
N ASP C 524 17.73 26.28 4.00
CA ASP C 524 17.61 25.58 5.27
C ASP C 524 18.53 24.38 5.29
N TYR C 525 19.49 24.37 6.24
CA TYR C 525 20.32 23.20 6.56
C TYR C 525 20.26 23.04 8.08
N SER C 526 19.23 22.41 8.61
CA SER C 526 19.08 22.42 10.07
C SER C 526 19.48 21.09 10.73
N LEU C 527 18.74 20.04 10.45
CA LEU C 527 18.94 18.82 11.26
C LEU C 527 19.95 17.88 10.60
N ASN C 528 21.08 18.46 10.21
CA ASN C 528 22.18 17.70 9.64
C ASN C 528 23.17 17.40 10.77
N HIS C 529 24.37 16.94 10.42
CA HIS C 529 25.50 16.93 11.36
C HIS C 529 26.70 17.46 10.61
N ILE C 530 26.80 18.78 10.52
CA ILE C 530 27.76 19.42 9.64
C ILE C 530 28.88 19.99 10.48
N MET C 531 30.09 19.46 10.29
CA MET C 531 31.21 19.75 11.15
C MET C 531 32.31 20.55 10.49
N THR C 532 32.59 20.32 9.21
CA THR C 532 33.68 21.03 8.54
C THR C 532 33.30 21.24 7.09
N SER C 533 34.29 21.57 6.27
CA SER C 533 34.08 21.95 4.90
C SER C 533 35.05 21.22 3.99
N LYS C 534 34.92 21.46 2.69
CA LYS C 534 35.95 21.03 1.74
C LYS C 534 37.29 21.65 2.12
N LYS C 535 37.36 22.98 2.08
CA LYS C 535 38.51 23.81 2.40
C LYS C 535 38.00 25.23 2.30
N GLN C 536 38.73 26.17 2.89
CA GLN C 536 38.24 27.52 3.16
C GLN C 536 38.31 28.14 1.76
N GLU C 537 37.64 27.60 0.76
CA GLU C 537 37.51 28.26 -0.56
C GLU C 537 36.02 28.58 -0.57
N LEU C 538 35.35 28.25 0.55
CA LEU C 538 33.92 28.58 0.71
C LEU C 538 33.78 30.05 0.36
N GLN C 539 32.94 30.36 -0.62
CA GLN C 539 32.86 31.77 -1.06
C GLN C 539 31.55 32.40 -0.61
N HIS C 540 31.44 33.72 -0.77
CA HIS C 540 30.23 34.46 -0.49
C HIS C 540 29.07 33.83 -1.25
N PHE C 541 27.94 33.69 -0.58
CA PHE C 541 26.74 33.24 -1.25
C PHE C 541 26.26 34.35 -2.17
N PRO C 542 25.35 34.05 -3.11
CA PRO C 542 24.80 35.12 -3.94
C PRO C 542 24.15 36.20 -3.09
N SER C 543 24.13 37.41 -3.64
CA SER C 543 23.62 38.56 -2.88
C SER C 543 22.20 38.31 -2.37
N SER C 544 21.38 37.64 -3.17
CA SER C 544 19.98 37.46 -2.84
C SER C 544 19.75 36.74 -1.52
N LEU C 545 20.70 35.92 -1.09
CA LEU C 545 20.52 35.16 0.14
C LEU C 545 20.32 36.12 1.30
N ALA C 546 19.16 36.02 1.94
CA ALA C 546 18.85 36.82 3.11
C ALA C 546 18.67 35.96 4.36
N PHE C 547 18.76 34.65 4.23
CA PHE C 547 18.50 33.75 5.34
C PHE C 547 19.27 32.45 5.12
N LEU C 548 20.08 32.06 6.11
CA LEU C 548 20.82 30.79 6.08
C LEU C 548 20.64 30.13 7.44
N ASN C 549 19.59 29.34 7.57
CA ASN C 549 19.42 28.56 8.79
C ASN C 549 20.47 27.45 8.87
N LEU C 550 21.30 27.50 9.90
CA LEU C 550 22.36 26.53 10.14
C LEU C 550 22.21 25.86 11.51
N THR C 551 21.04 26.00 12.12
CA THR C 551 20.78 25.60 13.49
C THR C 551 20.78 24.07 13.60
N GLN C 552 20.99 23.58 14.82
CA GLN C 552 20.61 22.25 15.29
C GLN C 552 21.55 21.12 14.92
N ASN C 553 22.72 21.40 14.34
CA ASN C 553 23.64 20.31 13.98
C ASN C 553 24.92 20.40 14.80
N ASP C 554 25.67 19.30 14.80
CA ASP C 554 26.86 19.16 15.63
C ASP C 554 27.99 20.03 15.11
N PHE C 555 28.99 20.27 15.97
CA PHE C 555 30.12 21.12 15.65
C PHE C 555 31.36 20.65 16.40
N ALA C 556 32.53 21.13 15.96
CA ALA C 556 33.82 20.59 16.38
C ALA C 556 34.75 21.71 16.85
N CYS C 557 34.91 21.76 18.17
CA CYS C 557 35.51 22.89 18.89
C CYS C 557 36.94 22.52 19.30
N THR C 558 37.82 22.44 18.32
CA THR C 558 39.25 22.28 18.57
C THR C 558 40.01 23.20 17.65
N CYS C 559 41.33 23.37 17.87
CA CYS C 559 42.06 24.40 17.15
C CYS C 559 41.92 24.23 15.64
N GLU C 560 42.18 23.03 15.13
CA GLU C 560 42.04 22.84 13.70
C GLU C 560 40.59 23.05 13.32
N HIS C 561 40.36 23.48 12.07
CA HIS C 561 39.08 23.97 11.55
C HIS C 561 38.45 24.96 12.50
N GLN C 562 39.27 25.70 13.25
CA GLN C 562 38.83 26.99 13.77
C GLN C 562 38.69 28.00 12.65
N SER C 563 39.32 27.73 11.50
CA SER C 563 39.09 28.57 10.33
C SER C 563 37.68 28.37 9.79
N PHE C 564 37.12 27.17 9.96
CA PHE C 564 35.72 26.95 9.58
C PHE C 564 34.78 27.75 10.47
N LEU C 565 35.03 27.75 11.78
CA LEU C 565 34.19 28.55 12.66
C LEU C 565 34.43 30.04 12.45
N GLN C 566 35.62 30.40 11.97
CA GLN C 566 35.86 31.76 11.52
C GLN C 566 35.04 32.09 10.29
N TRP C 567 34.86 31.13 9.40
CA TRP C 567 34.03 31.36 8.22
C TRP C 567 32.54 31.27 8.57
N ILE C 568 32.19 30.80 9.76
CA ILE C 568 30.80 30.98 10.17
C ILE C 568 30.62 32.17 11.10
N LYS C 569 31.71 32.81 11.53
CA LYS C 569 31.63 34.22 11.93
C LYS C 569 31.90 35.15 10.75
N ASP C 570 32.17 34.58 9.56
CA ASP C 570 32.16 35.34 8.33
C ASP C 570 30.89 36.18 8.22
N GLN C 571 29.74 35.54 8.31
CA GLN C 571 28.45 36.21 8.13
C GLN C 571 27.75 36.27 9.47
N ARG C 572 27.47 37.48 9.93
CA ARG C 572 26.44 37.73 10.92
C ARG C 572 25.17 38.26 10.27
N GLN C 573 25.27 38.66 9.00
CA GLN C 573 24.17 39.25 8.23
C GLN C 573 23.22 38.20 7.67
N LEU C 574 23.62 36.93 7.63
CA LEU C 574 22.78 35.89 7.04
C LEU C 574 22.47 34.74 7.97
N LEU C 575 23.01 34.72 9.19
CA LEU C 575 22.65 33.70 10.15
C LEU C 575 21.23 33.94 10.66
N VAL C 576 20.71 32.96 11.38
CA VAL C 576 19.30 33.00 11.75
C VAL C 576 19.12 32.92 13.27
N GLU C 577 19.48 31.78 13.85
CA GLU C 577 19.24 31.52 15.26
C GLU C 577 20.56 31.09 15.88
N VAL C 578 21.36 32.08 16.31
CA VAL C 578 22.65 31.79 16.90
C VAL C 578 22.52 31.14 18.28
N GLU C 579 21.30 30.92 18.74
CA GLU C 579 21.11 30.36 20.08
C GLU C 579 21.29 28.85 20.08
N ARG C 580 20.78 28.14 19.07
CA ARG C 580 20.90 26.69 19.03
C ARG C 580 22.03 26.21 18.13
N MET C 581 22.85 27.12 17.60
CA MET C 581 24.09 26.76 16.93
C MET C 581 25.21 26.75 17.96
N GLU C 582 25.69 25.57 18.35
CA GLU C 582 26.47 25.41 19.58
C GLU C 582 27.61 24.42 19.34
N CYS C 583 28.24 23.96 20.42
CA CYS C 583 29.34 22.99 20.37
C CYS C 583 28.86 21.60 20.75
N ALA C 584 29.46 20.60 20.08
CA ALA C 584 29.18 19.18 20.30
C ALA C 584 30.44 18.34 20.51
N THR C 585 31.55 18.67 19.85
CA THR C 585 32.61 17.67 19.79
C THR C 585 33.40 17.47 21.09
N PRO C 586 33.94 18.50 21.81
CA PRO C 586 34.62 18.25 23.10
C PRO C 586 33.63 18.15 24.26
N SER C 587 34.09 17.61 25.40
CA SER C 587 33.22 17.52 26.60
C SER C 587 33.26 18.83 27.37
N ASP C 588 34.45 19.43 27.50
CA ASP C 588 34.62 20.70 28.25
C ASP C 588 33.87 21.82 27.52
N LYS C 589 33.97 21.87 26.19
CA LYS C 589 33.21 22.88 25.40
C LYS C 589 31.84 22.28 25.07
N GLN C 590 30.85 22.50 25.93
CA GLN C 590 29.52 21.89 25.71
C GLN C 590 28.43 22.97 25.73
N GLY C 591 27.49 22.90 24.78
CA GLY C 591 26.41 23.86 24.69
C GLY C 591 26.83 25.28 24.42
N MET C 592 28.05 25.51 23.94
CA MET C 592 28.57 26.85 23.82
C MET C 592 28.27 27.40 22.42
N PRO C 593 27.60 28.54 22.29
CA PRO C 593 27.52 29.21 21.00
C PRO C 593 28.89 29.38 20.39
N VAL C 594 28.97 29.23 19.06
CA VAL C 594 30.25 29.12 18.39
C VAL C 594 30.92 30.48 18.25
N LEU C 595 30.21 31.46 17.70
CA LEU C 595 30.79 32.80 17.56
C LEU C 595 31.14 33.41 18.90
N SER C 596 30.82 32.72 20.00
CA SER C 596 30.94 33.29 21.33
C SER C 596 32.30 33.04 21.97
N LEU C 597 32.78 31.80 21.88
CA LEU C 597 34.08 31.41 22.49
C LEU C 597 35.21 32.07 21.69
N ASN C 598 35.88 33.06 22.28
CA ASN C 598 37.04 33.70 21.61
C ASN C 598 38.31 32.91 21.97
N ILE C 599 38.84 32.14 21.01
CA ILE C 599 40.09 31.38 21.25
C ILE C 599 41.09 31.78 20.16
N THR C 600 42.40 31.73 20.47
CA THR C 600 43.42 32.01 19.43
C THR C 600 43.65 30.69 18.68
N CYS C 601 43.74 29.58 19.42
CA CYS C 601 43.92 28.24 18.81
C CYS C 601 43.45 27.19 19.81
N GLU D 1 43.34 -26.53 -31.12
CA GLU D 1 42.28 -27.41 -30.64
C GLU D 1 42.53 -27.91 -29.22
N PRO D 2 42.58 -27.00 -28.23
CA PRO D 2 42.76 -27.42 -26.84
C PRO D 2 41.42 -27.77 -26.18
N CYS D 3 41.28 -29.04 -25.82
CA CYS D 3 40.13 -29.42 -25.00
C CYS D 3 40.23 -28.83 -23.61
N VAL D 4 39.23 -28.03 -23.25
CA VAL D 4 39.19 -27.38 -21.94
C VAL D 4 39.13 -28.43 -20.86
N GLU D 5 40.00 -28.30 -19.86
CA GLU D 5 40.04 -29.20 -18.71
C GLU D 5 39.18 -28.58 -17.61
N VAL D 6 37.96 -29.09 -17.46
CA VAL D 6 37.04 -28.51 -16.48
C VAL D 6 37.43 -28.90 -15.07
N VAL D 7 37.56 -30.19 -14.80
CA VAL D 7 37.99 -30.68 -13.50
C VAL D 7 39.28 -31.47 -13.69
N PRO D 8 40.35 -31.14 -12.96
CA PRO D 8 41.71 -31.56 -13.33
C PRO D 8 41.82 -33.07 -13.51
N ASN D 9 42.06 -33.47 -14.76
CA ASN D 9 42.10 -34.86 -15.15
C ASN D 9 40.90 -35.66 -14.62
N ILE D 10 39.73 -35.03 -14.57
CA ILE D 10 38.51 -35.78 -14.33
C ILE D 10 37.56 -35.51 -15.48
N THR D 11 37.19 -34.25 -15.71
CA THR D 11 36.26 -33.95 -16.79
C THR D 11 36.84 -32.91 -17.73
N TYR D 12 36.82 -33.26 -19.03
CA TYR D 12 37.24 -32.41 -20.13
C TYR D 12 36.02 -32.18 -21.01
N GLN D 13 35.87 -30.97 -21.54
CA GLN D 13 34.81 -30.69 -22.49
C GLN D 13 35.41 -30.14 -23.78
N CYS D 14 34.97 -30.69 -24.90
CA CYS D 14 35.47 -30.32 -26.22
C CYS D 14 34.23 -29.98 -27.06
N MET D 15 33.75 -28.75 -26.93
CA MET D 15 32.52 -28.33 -27.57
C MET D 15 32.84 -27.33 -28.66
N GLU D 16 32.29 -27.56 -29.85
CA GLU D 16 32.45 -26.68 -31.01
C GLU D 16 33.89 -26.65 -31.51
N LEU D 17 34.81 -27.27 -30.77
CA LEU D 17 36.16 -27.49 -31.27
C LEU D 17 36.06 -28.39 -32.48
N ASN D 18 36.38 -27.87 -33.66
CA ASN D 18 36.00 -28.56 -34.88
C ASN D 18 36.87 -29.80 -34.87
N PHE D 19 36.26 -30.93 -34.50
CA PHE D 19 36.91 -32.23 -34.44
C PHE D 19 36.39 -33.05 -35.61
N TYR D 20 37.05 -34.16 -35.85
CA TYR D 20 36.50 -35.20 -36.72
C TYR D 20 36.69 -36.59 -36.14
N LYS D 21 37.47 -36.75 -35.08
CA LYS D 21 37.72 -38.02 -34.44
C LYS D 21 37.77 -37.83 -32.94
N ILE D 22 37.61 -38.92 -32.22
CA ILE D 22 37.65 -38.83 -30.75
C ILE D 22 39.03 -38.36 -30.31
N PRO D 23 39.13 -37.41 -29.38
CA PRO D 23 40.46 -37.01 -28.88
C PRO D 23 41.04 -38.04 -27.92
N ASP D 24 41.63 -39.11 -28.47
CA ASP D 24 42.23 -40.13 -27.62
C ASP D 24 43.60 -39.72 -27.12
N ASN D 25 44.08 -38.54 -27.49
CA ASN D 25 45.25 -37.95 -26.83
C ASN D 25 44.80 -37.18 -25.59
N LEU D 26 43.95 -37.81 -24.80
CA LEU D 26 43.38 -37.27 -23.58
C LEU D 26 43.69 -38.23 -22.46
N PRO D 27 43.67 -37.76 -21.21
CA PRO D 27 44.08 -38.61 -20.08
C PRO D 27 43.33 -39.94 -20.07
N PHE D 28 43.95 -40.94 -19.44
CA PHE D 28 43.48 -42.32 -19.62
C PHE D 28 42.30 -42.66 -18.73
N SER D 29 42.14 -41.98 -17.59
CA SER D 29 41.03 -42.24 -16.69
C SER D 29 40.11 -41.03 -16.72
N THR D 30 39.14 -41.04 -17.63
CA THR D 30 38.21 -39.94 -17.83
C THR D 30 36.86 -40.25 -17.21
N LYS D 31 36.14 -39.20 -16.87
CA LYS D 31 34.73 -39.26 -16.54
C LYS D 31 34.06 -38.00 -17.05
N ASN D 32 32.83 -38.14 -17.56
CA ASN D 32 32.04 -37.01 -18.05
C ASN D 32 32.66 -36.24 -19.23
N LEU D 33 32.99 -36.98 -20.27
CA LEU D 33 33.49 -36.39 -21.50
C LEU D 33 32.39 -35.73 -22.31
N ASP D 34 32.39 -34.40 -22.36
CA ASP D 34 31.48 -33.66 -23.22
C ASP D 34 32.06 -33.57 -24.62
N LEU D 35 31.26 -33.94 -25.62
CA LEU D 35 31.71 -33.91 -27.00
C LEU D 35 30.45 -33.67 -27.84
N SER D 36 30.17 -32.40 -28.13
CA SER D 36 28.95 -32.02 -28.82
C SER D 36 29.24 -30.87 -29.77
N PHE D 37 28.47 -30.83 -30.85
CA PHE D 37 28.64 -29.90 -31.96
C PHE D 37 29.96 -30.10 -32.71
N ASN D 38 30.66 -31.21 -32.47
CA ASN D 38 31.82 -31.57 -33.27
C ASN D 38 31.37 -32.53 -34.36
N PRO D 39 31.66 -32.27 -35.64
CA PRO D 39 31.12 -33.12 -36.71
C PRO D 39 31.75 -34.50 -36.68
N LEU D 40 30.91 -35.51 -36.44
CA LEU D 40 31.30 -36.93 -36.50
C LEU D 40 30.26 -37.62 -37.37
N ARG D 41 30.48 -37.62 -38.68
CA ARG D 41 29.45 -38.08 -39.60
C ARG D 41 29.23 -39.59 -39.55
N HIS D 42 30.02 -40.33 -38.76
CA HIS D 42 29.89 -41.79 -38.67
C HIS D 42 30.79 -42.28 -37.55
N LEU D 43 30.37 -43.35 -36.89
CA LEU D 43 31.16 -43.96 -35.82
C LEU D 43 31.57 -45.37 -36.21
N GLY D 44 32.64 -45.84 -35.58
CA GLY D 44 33.14 -47.18 -35.85
C GLY D 44 33.21 -48.03 -34.61
N SER D 45 33.38 -49.34 -34.79
CA SER D 45 33.43 -50.25 -33.66
C SER D 45 34.62 -49.93 -32.77
N TYR D 46 34.42 -50.06 -31.45
CA TYR D 46 35.43 -49.74 -30.46
C TYR D 46 35.93 -48.31 -30.60
N SER D 47 34.99 -47.39 -30.88
CA SER D 47 35.37 -46.00 -31.06
C SER D 47 35.99 -45.43 -29.78
N PHE D 48 35.37 -45.68 -28.65
CA PHE D 48 35.82 -45.12 -27.37
C PHE D 48 36.63 -46.17 -26.60
N PHE D 49 37.82 -46.46 -27.12
CA PHE D 49 38.67 -47.49 -26.51
C PHE D 49 39.67 -46.93 -25.51
N SER D 50 40.24 -45.75 -25.77
CA SER D 50 41.19 -45.17 -24.82
C SER D 50 40.50 -44.60 -23.59
N PHE D 51 39.19 -44.74 -23.49
CA PHE D 51 38.42 -44.33 -22.31
C PHE D 51 37.81 -45.57 -21.67
N PRO D 52 38.61 -46.39 -20.99
CA PRO D 52 38.06 -47.59 -20.36
C PRO D 52 37.07 -47.26 -19.27
N GLU D 53 37.25 -46.13 -18.58
CA GLU D 53 36.30 -45.64 -17.58
C GLU D 53 35.58 -44.44 -18.17
N LEU D 54 34.25 -44.43 -18.05
CA LEU D 54 33.45 -43.32 -18.53
C LEU D 54 32.07 -43.36 -17.90
N GLN D 55 31.68 -42.30 -17.19
CA GLN D 55 30.37 -42.24 -16.58
C GLN D 55 29.34 -41.61 -17.50
N VAL D 56 29.61 -40.40 -17.98
CA VAL D 56 28.67 -39.63 -18.79
C VAL D 56 29.30 -39.35 -20.14
N LEU D 57 28.52 -39.53 -21.20
CA LEU D 57 28.97 -39.25 -22.56
C LEU D 57 27.87 -38.51 -23.29
N ASP D 58 28.25 -37.44 -23.99
CA ASP D 58 27.31 -36.58 -24.69
C ASP D 58 27.69 -36.54 -26.16
N LEU D 59 26.74 -36.84 -27.04
CA LEU D 59 26.91 -36.65 -28.48
C LEU D 59 25.65 -35.94 -28.97
N SER D 60 25.65 -34.62 -28.84
CA SER D 60 24.51 -33.79 -29.21
C SER D 60 24.89 -32.98 -30.45
N ARG D 61 24.05 -33.08 -31.49
CA ARG D 61 24.27 -32.38 -32.75
C ARG D 61 25.61 -32.76 -33.39
N CYS D 62 26.18 -33.90 -32.99
CA CYS D 62 27.38 -34.39 -33.65
C CYS D 62 27.08 -35.02 -35.01
N GLU D 63 25.86 -34.86 -35.52
CA GLU D 63 25.41 -35.31 -36.84
C GLU D 63 25.94 -36.71 -37.17
N ILE D 64 25.54 -37.67 -36.33
CA ILE D 64 25.86 -39.08 -36.52
C ILE D 64 24.85 -39.66 -37.50
N GLN D 65 25.30 -40.00 -38.70
CA GLN D 65 24.40 -40.61 -39.67
C GLN D 65 24.11 -42.06 -39.33
N THR D 66 25.15 -42.85 -39.02
CA THR D 66 25.00 -44.27 -38.76
C THR D 66 25.86 -44.68 -37.58
N ILE D 67 25.30 -45.48 -36.67
CA ILE D 67 26.05 -46.08 -35.58
C ILE D 67 26.29 -47.54 -35.96
N GLU D 68 27.53 -47.88 -36.27
CA GLU D 68 27.87 -49.22 -36.73
C GLU D 68 27.76 -50.22 -35.59
N ASP D 69 27.73 -51.50 -35.96
CA ASP D 69 27.66 -52.61 -35.01
C ASP D 69 28.76 -52.50 -33.97
N GLY D 70 28.50 -53.05 -32.80
CA GLY D 70 29.56 -53.27 -31.82
C GLY D 70 30.16 -52.00 -31.25
N ALA D 71 29.68 -50.84 -31.67
CA ALA D 71 30.16 -49.59 -31.13
C ALA D 71 29.93 -49.55 -29.62
N TYR D 72 30.63 -48.63 -28.95
CA TYR D 72 30.54 -48.48 -27.50
C TYR D 72 30.95 -49.73 -26.74
N GLN D 73 31.62 -50.69 -27.41
CA GLN D 73 31.79 -52.02 -26.83
C GLN D 73 32.64 -51.99 -25.58
N SER D 74 33.86 -51.49 -25.69
CA SER D 74 34.77 -51.53 -24.54
C SER D 74 34.44 -50.40 -23.60
N LEU D 75 33.17 -50.28 -23.22
CA LEU D 75 32.69 -49.09 -22.52
C LEU D 75 31.55 -49.50 -21.58
N SER D 76 31.90 -49.76 -20.33
CA SER D 76 30.95 -49.95 -19.26
C SER D 76 31.18 -48.88 -18.19
N HIS D 77 30.34 -48.91 -17.16
CA HIS D 77 30.20 -47.84 -16.18
C HIS D 77 29.57 -46.62 -16.82
N LEU D 78 29.15 -46.73 -18.08
CA LEU D 78 28.57 -45.62 -18.83
C LEU D 78 27.11 -45.49 -18.44
N SER D 79 26.80 -44.51 -17.60
CA SER D 79 25.46 -44.33 -17.07
C SER D 79 24.56 -43.49 -17.97
N THR D 80 25.12 -42.72 -18.90
CA THR D 80 24.31 -41.76 -19.64
C THR D 80 24.79 -41.67 -21.09
N LEU D 81 23.83 -41.68 -22.02
CA LEU D 81 24.08 -41.32 -23.40
C LEU D 81 23.07 -40.27 -23.82
N ILE D 82 23.53 -39.27 -24.55
CA ILE D 82 22.68 -38.17 -25.01
C ILE D 82 22.88 -38.08 -26.52
N LEU D 83 22.06 -38.80 -27.26
CA LEU D 83 22.12 -38.79 -28.73
C LEU D 83 21.11 -37.81 -29.30
N THR D 84 21.18 -36.56 -28.88
CA THR D 84 20.18 -35.56 -29.24
C THR D 84 20.53 -34.88 -30.56
N GLY D 85 19.54 -34.79 -31.44
CA GLY D 85 19.69 -34.07 -32.68
C GLY D 85 20.51 -34.76 -33.76
N ASN D 86 21.00 -35.97 -33.51
CA ASN D 86 21.75 -36.72 -34.50
C ASN D 86 20.77 -37.41 -35.44
N PRO D 87 20.73 -37.06 -36.72
CA PRO D 87 19.80 -37.76 -37.62
C PRO D 87 20.31 -39.13 -38.00
N ILE D 88 19.73 -40.17 -37.41
CA ILE D 88 20.21 -41.53 -37.59
C ILE D 88 19.32 -42.20 -38.63
N GLN D 89 19.88 -42.47 -39.81
CA GLN D 89 19.17 -43.14 -40.88
C GLN D 89 19.48 -44.62 -40.98
N SER D 90 20.54 -45.09 -40.32
CA SER D 90 20.87 -46.51 -40.29
C SER D 90 21.47 -46.83 -38.90
N LEU D 91 20.60 -47.21 -37.99
CA LEU D 91 21.02 -47.71 -36.68
C LEU D 91 21.13 -49.22 -36.81
N ALA D 92 22.35 -49.74 -36.83
CA ALA D 92 22.56 -51.15 -37.10
C ALA D 92 22.06 -52.00 -35.93
N LEU D 93 21.48 -53.15 -36.27
CA LEU D 93 21.08 -54.11 -35.26
C LEU D 93 22.25 -54.45 -34.36
N GLY D 94 21.96 -54.74 -33.09
CA GLY D 94 23.00 -55.06 -32.15
C GLY D 94 23.88 -53.88 -31.76
N ALA D 95 23.60 -52.68 -32.23
CA ALA D 95 24.26 -51.50 -31.69
C ALA D 95 23.93 -51.38 -30.21
N PHE D 96 24.67 -50.50 -29.52
CA PHE D 96 24.56 -50.38 -28.07
C PHE D 96 24.85 -51.71 -27.38
N SER D 97 25.70 -52.54 -28.00
CA SER D 97 25.88 -53.91 -27.56
C SER D 97 26.45 -54.02 -26.14
N GLY D 98 27.70 -53.64 -25.95
CA GLY D 98 28.28 -53.81 -24.64
C GLY D 98 28.13 -52.58 -23.78
N LEU D 99 27.09 -52.57 -22.94
CA LEU D 99 26.80 -51.45 -22.05
C LEU D 99 26.22 -52.05 -20.77
N SER D 100 27.10 -52.26 -19.79
CA SER D 100 26.72 -53.06 -18.63
C SER D 100 25.77 -52.31 -17.71
N SER D 101 26.03 -51.03 -17.44
CA SER D 101 25.23 -50.25 -16.49
C SER D 101 24.81 -48.96 -17.19
N LEU D 102 23.73 -49.04 -17.95
CA LEU D 102 23.18 -47.88 -18.64
C LEU D 102 21.78 -47.60 -18.10
N GLN D 103 21.56 -46.38 -17.63
CA GLN D 103 20.29 -45.97 -17.04
C GLN D 103 19.55 -44.96 -17.89
N LYS D 104 20.19 -43.87 -18.25
CA LYS D 104 19.56 -42.82 -19.03
C LYS D 104 19.87 -43.00 -20.50
N LEU D 105 18.90 -42.66 -21.35
CA LEU D 105 19.08 -42.83 -22.80
C LEU D 105 18.18 -41.80 -23.48
N VAL D 106 18.77 -40.73 -23.97
CA VAL D 106 18.05 -39.63 -24.57
C VAL D 106 18.27 -39.69 -26.07
N ALA D 107 17.21 -39.95 -26.82
CA ALA D 107 17.25 -39.96 -28.28
C ALA D 107 16.14 -39.03 -28.77
N VAL D 108 16.44 -37.74 -28.79
CA VAL D 108 15.50 -36.71 -29.18
C VAL D 108 15.91 -36.19 -30.55
N GLU D 109 14.91 -35.83 -31.36
CA GLU D 109 15.11 -35.27 -32.70
C GLU D 109 15.82 -36.29 -33.60
N THR D 110 15.97 -37.51 -33.11
CA THR D 110 16.43 -38.61 -33.95
C THR D 110 15.26 -39.09 -34.80
N ASN D 111 15.53 -39.33 -36.09
CA ASN D 111 14.46 -39.67 -37.03
C ASN D 111 14.02 -41.13 -36.81
N LEU D 112 13.36 -41.35 -35.69
CA LEU D 112 12.78 -42.67 -35.42
C LEU D 112 11.53 -42.89 -36.26
N ALA D 113 11.13 -44.16 -36.36
CA ALA D 113 9.92 -44.52 -37.08
C ALA D 113 8.99 -45.44 -36.29
N SER D 114 9.51 -46.26 -35.38
CA SER D 114 8.70 -47.10 -34.50
C SER D 114 9.63 -47.68 -33.45
N LEU D 115 9.04 -48.38 -32.48
CA LEU D 115 9.78 -48.91 -31.34
C LEU D 115 10.01 -50.42 -31.40
N GLU D 116 9.46 -51.12 -32.39
CA GLU D 116 9.69 -52.56 -32.46
C GLU D 116 11.05 -52.89 -33.06
N ASN D 117 11.49 -52.13 -34.05
CA ASN D 117 12.84 -52.28 -34.58
C ASN D 117 13.79 -51.29 -33.92
N PHE D 118 13.78 -51.26 -32.59
CA PHE D 118 14.67 -50.38 -31.83
C PHE D 118 15.61 -51.25 -31.00
N PRO D 119 16.92 -51.17 -31.23
CA PRO D 119 17.84 -52.20 -30.74
C PRO D 119 17.89 -52.38 -29.23
N ILE D 120 17.24 -51.56 -28.41
CA ILE D 120 17.25 -51.85 -26.99
C ILE D 120 16.32 -52.98 -26.59
N GLY D 121 16.77 -54.21 -26.75
CA GLY D 121 16.02 -55.34 -26.23
C GLY D 121 16.77 -55.96 -25.09
N HIS D 122 18.09 -56.03 -25.25
CA HIS D 122 18.99 -56.60 -24.26
C HIS D 122 19.19 -55.69 -23.05
N LEU D 123 18.64 -54.48 -23.08
CA LEU D 123 18.99 -53.50 -22.07
C LEU D 123 18.35 -53.84 -20.73
N LYS D 124 19.03 -53.43 -19.67
CA LYS D 124 18.52 -53.51 -18.31
C LYS D 124 19.16 -52.36 -17.55
N THR D 125 18.60 -52.09 -16.37
CA THR D 125 18.99 -50.95 -15.53
C THR D 125 18.55 -49.66 -16.22
N LEU D 126 18.03 -49.76 -17.44
CA LEU D 126 17.56 -48.61 -18.19
C LEU D 126 16.31 -48.04 -17.55
N LYS D 127 16.41 -46.83 -17.00
CA LYS D 127 15.30 -46.19 -16.30
C LYS D 127 14.56 -45.19 -17.19
N GLU D 128 15.26 -44.17 -17.67
CA GLU D 128 14.65 -43.19 -18.55
C GLU D 128 14.80 -43.61 -20.00
N LEU D 129 13.81 -43.26 -20.81
CA LEU D 129 13.87 -43.44 -22.25
C LEU D 129 13.08 -42.27 -22.83
N ASN D 130 13.79 -41.19 -23.16
CA ASN D 130 13.17 -39.98 -23.66
C ASN D 130 13.23 -40.02 -25.18
N VAL D 131 12.12 -40.39 -25.81
CA VAL D 131 12.01 -40.37 -27.27
C VAL D 131 10.99 -39.32 -27.68
N ALA D 132 11.42 -38.07 -27.73
CA ALA D 132 10.55 -36.95 -28.03
C ALA D 132 10.88 -36.35 -29.39
N HIS D 133 9.89 -35.67 -29.96
CA HIS D 133 10.06 -34.96 -31.23
C HIS D 133 10.44 -35.90 -32.37
N ASN D 134 9.93 -37.13 -32.35
CA ASN D 134 10.26 -38.15 -33.32
C ASN D 134 9.13 -38.28 -34.35
N LEU D 135 9.22 -39.30 -35.20
CA LEU D 135 8.20 -39.62 -36.20
C LEU D 135 7.69 -41.03 -35.91
N ILE D 136 6.72 -41.15 -34.99
CA ILE D 136 6.15 -42.43 -34.60
C ILE D 136 4.65 -42.37 -34.85
N GLN D 137 4.10 -43.43 -35.44
CA GLN D 137 2.76 -43.35 -36.01
C GLN D 137 1.69 -44.09 -35.22
N SER D 138 2.02 -45.10 -34.43
CA SER D 138 1.00 -45.79 -33.65
C SER D 138 1.57 -46.26 -32.32
N PHE D 139 0.80 -46.06 -31.25
CA PHE D 139 1.19 -46.32 -29.88
C PHE D 139 1.02 -47.80 -29.53
N LYS D 140 1.67 -48.68 -30.29
CA LYS D 140 1.61 -50.12 -30.03
C LYS D 140 2.93 -50.54 -29.39
N LEU D 141 2.88 -50.87 -28.11
CA LEU D 141 4.10 -51.18 -27.38
C LEU D 141 4.67 -52.52 -27.82
N PRO D 142 5.91 -52.56 -28.29
CA PRO D 142 6.50 -53.84 -28.72
C PRO D 142 6.73 -54.78 -27.55
N GLU D 143 6.98 -56.05 -27.90
CA GLU D 143 6.93 -57.12 -26.93
C GLU D 143 8.17 -57.18 -26.05
N TYR D 144 9.31 -56.69 -26.52
CA TYR D 144 10.52 -56.77 -25.72
C TYR D 144 10.42 -55.95 -24.44
N PHE D 145 9.43 -55.07 -24.33
CA PHE D 145 9.18 -54.39 -23.07
C PHE D 145 8.94 -55.38 -21.93
N SER D 146 8.61 -56.63 -22.25
CA SER D 146 8.47 -57.65 -21.23
C SER D 146 9.78 -57.86 -20.49
N ASN D 147 10.87 -58.08 -21.23
CA ASN D 147 12.18 -58.22 -20.62
C ASN D 147 12.66 -56.94 -19.98
N LEU D 148 12.15 -55.79 -20.43
CA LEU D 148 12.67 -54.50 -20.04
C LEU D 148 11.92 -54.06 -18.78
N THR D 149 12.51 -54.34 -17.62
CA THR D 149 12.01 -53.82 -16.36
C THR D 149 12.75 -52.53 -16.00
N ASN D 150 12.44 -51.98 -14.83
CA ASN D 150 13.09 -50.80 -14.29
C ASN D 150 12.77 -49.53 -15.07
N LEU D 151 12.03 -49.66 -16.17
CA LEU D 151 11.66 -48.49 -16.96
C LEU D 151 10.68 -47.65 -16.16
N GLU D 152 11.07 -46.42 -15.84
CA GLU D 152 10.26 -45.54 -15.02
C GLU D 152 9.65 -44.38 -15.78
N HIS D 153 10.40 -43.78 -16.70
CA HIS D 153 9.85 -42.74 -17.55
C HIS D 153 9.77 -43.22 -18.99
N LEU D 154 8.77 -42.73 -19.71
CA LEU D 154 8.68 -42.95 -21.15
C LEU D 154 8.00 -41.72 -21.74
N ASP D 155 8.80 -40.76 -22.16
CA ASP D 155 8.29 -39.47 -22.61
C ASP D 155 8.36 -39.44 -24.13
N LEU D 156 7.23 -39.73 -24.78
CA LEU D 156 7.13 -39.61 -26.23
C LEU D 156 6.09 -38.52 -26.50
N SER D 157 6.58 -37.29 -26.53
CA SER D 157 5.79 -36.10 -26.79
C SER D 157 6.03 -35.66 -28.23
N SER D 158 5.14 -34.80 -28.72
CA SER D 158 5.32 -34.15 -30.02
C SER D 158 5.40 -35.16 -31.16
N ASN D 159 4.84 -36.36 -30.97
CA ASN D 159 4.88 -37.38 -32.01
C ASN D 159 3.63 -37.30 -32.87
N LYS D 160 3.61 -38.10 -33.95
CA LYS D 160 2.52 -38.07 -34.91
C LYS D 160 1.53 -39.21 -34.70
N ILE D 161 1.35 -39.62 -33.45
CA ILE D 161 0.47 -40.72 -33.11
C ILE D 161 -0.97 -40.23 -33.25
N GLN D 162 -1.75 -40.91 -34.11
CA GLN D 162 -3.07 -40.43 -34.49
C GLN D 162 -4.20 -41.02 -33.65
N SER D 163 -4.18 -42.32 -33.38
CA SER D 163 -5.25 -42.93 -32.59
C SER D 163 -4.80 -44.28 -32.06
N ILE D 164 -5.65 -44.88 -31.23
CA ILE D 164 -5.34 -46.05 -30.44
C ILE D 164 -6.43 -47.09 -30.63
N TYR D 165 -6.07 -48.36 -30.46
CA TYR D 165 -7.00 -49.47 -30.61
C TYR D 165 -6.94 -50.37 -29.38
N CYS D 166 -7.77 -51.42 -29.38
CA CYS D 166 -7.96 -52.22 -28.17
C CYS D 166 -6.71 -53.00 -27.80
N THR D 167 -6.22 -53.83 -28.72
CA THR D 167 -5.10 -54.71 -28.42
C THR D 167 -3.77 -54.00 -28.51
N ASP D 168 -3.73 -52.74 -28.91
CA ASP D 168 -2.60 -51.93 -28.52
C ASP D 168 -2.52 -51.93 -27.00
N LEU D 169 -1.30 -51.99 -26.47
CA LEU D 169 -1.10 -52.19 -25.05
C LEU D 169 -1.69 -53.52 -24.59
N ARG D 170 -1.60 -54.58 -25.41
CA ARG D 170 -1.76 -55.94 -24.89
C ARG D 170 -0.66 -56.29 -23.92
N VAL D 171 0.53 -55.73 -24.10
CA VAL D 171 1.56 -55.72 -23.08
C VAL D 171 0.97 -54.88 -21.95
N LEU D 172 1.59 -54.90 -20.77
CA LEU D 172 1.15 -54.23 -19.55
C LEU D 172 -0.01 -54.97 -18.90
N HIS D 173 -0.45 -56.11 -19.45
CA HIS D 173 -1.43 -56.96 -18.78
C HIS D 173 -0.68 -58.13 -18.14
N GLN D 174 0.65 -58.08 -18.18
CA GLN D 174 1.53 -59.14 -17.74
C GLN D 174 2.56 -58.60 -16.75
N MET D 175 2.31 -57.39 -16.24
CA MET D 175 3.26 -56.68 -15.41
C MET D 175 2.76 -56.65 -13.98
N PRO D 176 3.24 -57.52 -13.09
CA PRO D 176 2.89 -57.38 -11.68
C PRO D 176 3.35 -56.06 -11.09
N LEU D 177 4.53 -55.59 -11.51
CA LEU D 177 5.09 -54.34 -11.04
C LEU D 177 5.49 -53.51 -12.25
N LEU D 178 4.95 -52.29 -12.34
CA LEU D 178 5.26 -51.42 -13.48
C LEU D 178 4.98 -49.99 -13.08
N ASN D 179 6.03 -49.18 -12.99
CA ASN D 179 5.92 -47.74 -12.84
C ASN D 179 6.27 -47.12 -14.19
N LEU D 180 5.28 -46.50 -14.82
CA LEU D 180 5.49 -45.89 -16.14
C LEU D 180 4.88 -44.49 -16.14
N SER D 181 5.69 -43.49 -15.79
CA SER D 181 5.25 -42.10 -15.81
C SER D 181 5.18 -41.65 -17.26
N LEU D 182 4.14 -42.09 -17.94
CA LEU D 182 3.95 -41.82 -19.36
C LEU D 182 3.53 -40.36 -19.58
N ASP D 183 3.96 -39.80 -20.71
CA ASP D 183 3.65 -38.41 -21.06
C ASP D 183 3.47 -38.31 -22.56
N LEU D 184 2.23 -38.11 -23.01
CA LEU D 184 1.88 -38.03 -24.43
C LEU D 184 1.26 -36.65 -24.62
N SER D 185 2.05 -35.68 -25.10
CA SER D 185 1.55 -34.33 -25.26
C SER D 185 1.82 -33.89 -26.69
N LEU D 186 0.93 -33.02 -27.19
CA LEU D 186 1.05 -32.41 -28.51
C LEU D 186 0.92 -33.44 -29.64
N ASN D 187 0.22 -34.54 -29.38
CA ASN D 187 0.00 -35.57 -30.40
C ASN D 187 -1.37 -35.35 -31.02
N PRO D 188 -1.47 -35.01 -32.31
CA PRO D 188 -2.79 -34.71 -32.86
C PRO D 188 -3.60 -35.99 -32.99
N MET D 189 -4.53 -36.20 -32.07
CA MET D 189 -5.26 -37.45 -32.00
C MET D 189 -6.75 -37.19 -31.95
N ASN D 190 -7.50 -37.99 -32.69
CA ASN D 190 -8.92 -37.71 -32.93
C ASN D 190 -9.79 -38.95 -32.76
N PHE D 191 -9.28 -40.00 -32.12
CA PHE D 191 -10.06 -41.21 -31.91
C PHE D 191 -9.39 -42.11 -30.88
N ILE D 192 -10.15 -42.57 -29.90
CA ILE D 192 -9.71 -43.58 -28.95
C ILE D 192 -10.84 -44.58 -28.84
N GLN D 193 -10.75 -45.66 -29.60
CA GLN D 193 -11.85 -46.63 -29.59
C GLN D 193 -11.95 -47.25 -28.20
N PRO D 194 -13.17 -47.49 -27.71
CA PRO D 194 -13.34 -47.86 -26.30
C PRO D 194 -12.63 -49.15 -25.94
N GLY D 195 -12.48 -49.35 -24.63
CA GLY D 195 -11.88 -50.56 -24.09
C GLY D 195 -10.38 -50.70 -24.28
N ALA D 196 -9.74 -49.78 -25.01
CA ALA D 196 -8.31 -49.88 -25.25
C ALA D 196 -7.52 -49.85 -23.94
N PHE D 197 -7.58 -48.73 -23.22
CA PHE D 197 -7.01 -48.66 -21.89
C PHE D 197 -7.96 -49.38 -20.93
N LYS D 198 -7.48 -50.43 -20.27
CA LYS D 198 -8.35 -51.23 -19.42
C LYS D 198 -7.51 -52.17 -18.55
N GLU D 199 -7.79 -52.18 -17.25
CA GLU D 199 -6.98 -52.88 -16.25
C GLU D 199 -5.52 -52.43 -16.30
N ILE D 200 -5.28 -51.23 -16.81
CA ILE D 200 -3.94 -50.70 -16.98
C ILE D 200 -3.63 -49.80 -15.78
N ARG D 201 -2.34 -49.56 -15.54
CA ARG D 201 -1.91 -48.68 -14.48
C ARG D 201 -0.81 -47.75 -14.99
N LEU D 202 -0.81 -46.52 -14.47
CA LEU D 202 0.23 -45.55 -14.78
C LEU D 202 0.64 -44.87 -13.47
N HIS D 203 1.56 -43.92 -13.59
CA HIS D 203 1.98 -43.10 -12.46
C HIS D 203 2.00 -41.62 -12.83
N LYS D 204 1.73 -41.29 -14.10
CA LYS D 204 1.45 -39.96 -14.57
C LYS D 204 0.93 -40.09 -15.99
N LEU D 205 0.14 -39.14 -16.44
CA LEU D 205 -0.34 -39.13 -17.81
C LEU D 205 -0.58 -37.69 -18.21
N THR D 206 0.15 -37.21 -19.21
CA THR D 206 0.20 -35.80 -19.57
C THR D 206 -0.30 -35.64 -21.00
N LEU D 207 -1.50 -35.11 -21.17
CA LEU D 207 -2.07 -34.83 -22.49
C LEU D 207 -2.44 -33.36 -22.55
N ARG D 208 -1.57 -32.53 -23.12
CA ARG D 208 -1.83 -31.11 -23.23
C ARG D 208 -1.69 -30.69 -24.69
N ASN D 209 -2.68 -29.94 -25.18
CA ASN D 209 -2.68 -29.36 -26.52
C ASN D 209 -2.67 -30.44 -27.59
N ASN D 210 -3.66 -31.33 -27.58
CA ASN D 210 -3.74 -32.37 -28.59
C ASN D 210 -5.10 -32.54 -29.24
N PHE D 211 -6.18 -32.07 -28.62
CA PHE D 211 -7.53 -32.20 -29.16
C PHE D 211 -7.94 -30.85 -29.74
N ASP D 212 -8.47 -30.88 -30.97
CA ASP D 212 -8.73 -29.66 -31.72
C ASP D 212 -10.10 -29.05 -31.48
N SER D 213 -10.99 -29.75 -30.78
CA SER D 213 -12.33 -29.23 -30.53
C SER D 213 -12.84 -29.85 -29.24
N LEU D 214 -14.09 -29.52 -28.90
CA LEU D 214 -14.71 -30.06 -27.69
C LEU D 214 -15.27 -31.46 -27.89
N ASN D 215 -15.77 -31.76 -29.08
CA ASN D 215 -16.33 -33.08 -29.35
C ASN D 215 -15.24 -34.14 -29.42
N VAL D 216 -14.15 -33.84 -30.13
CA VAL D 216 -12.99 -34.73 -30.17
C VAL D 216 -12.55 -35.07 -28.75
N MET D 217 -12.28 -34.03 -27.95
CA MET D 217 -11.85 -34.23 -26.57
C MET D 217 -12.87 -35.05 -25.79
N LYS D 218 -14.15 -34.74 -25.95
CA LYS D 218 -15.18 -35.43 -25.18
C LYS D 218 -15.17 -36.92 -25.45
N THR D 219 -15.28 -37.30 -26.73
CA THR D 219 -15.40 -38.72 -27.01
C THR D 219 -14.08 -39.47 -26.87
N CYS D 220 -12.95 -38.75 -26.90
CA CYS D 220 -11.68 -39.43 -26.63
C CYS D 220 -11.50 -39.66 -25.13
N ILE D 221 -11.95 -38.70 -24.31
CA ILE D 221 -12.08 -38.96 -22.88
C ILE D 221 -12.99 -40.15 -22.64
N GLN D 222 -14.03 -40.27 -23.47
CA GLN D 222 -14.86 -41.48 -23.44
C GLN D 222 -14.05 -42.71 -23.86
N GLY D 223 -13.02 -42.52 -24.68
CA GLY D 223 -12.19 -43.64 -25.06
C GLY D 223 -11.44 -44.25 -23.88
N LEU D 224 -10.79 -43.41 -23.07
CA LEU D 224 -10.10 -43.91 -21.88
C LEU D 224 -11.14 -44.29 -20.84
N ALA D 225 -11.09 -45.54 -20.39
CA ALA D 225 -12.15 -46.07 -19.52
C ALA D 225 -11.53 -47.00 -18.49
N GLY D 226 -11.67 -46.66 -17.22
CA GLY D 226 -11.08 -47.47 -16.17
C GLY D 226 -9.57 -47.47 -16.21
N LEU D 227 -8.97 -46.28 -16.32
CA LEU D 227 -7.52 -46.19 -16.51
C LEU D 227 -6.75 -46.34 -15.19
N GLU D 228 -7.19 -45.67 -14.13
CA GLU D 228 -6.46 -45.59 -12.87
C GLU D 228 -5.06 -45.00 -13.08
N VAL D 229 -5.05 -43.72 -13.44
CA VAL D 229 -3.83 -42.93 -13.47
C VAL D 229 -3.66 -42.24 -12.12
N HIS D 230 -2.46 -42.31 -11.55
CA HIS D 230 -2.23 -41.72 -10.24
C HIS D 230 -2.05 -40.21 -10.30
N ARG D 231 -1.81 -39.65 -11.48
CA ARG D 231 -1.71 -38.20 -11.63
C ARG D 231 -1.97 -37.84 -13.07
N LEU D 232 -3.02 -37.06 -13.32
CA LEU D 232 -3.39 -36.66 -14.67
C LEU D 232 -3.06 -35.18 -14.88
N VAL D 233 -2.63 -34.84 -16.09
CA VAL D 233 -2.26 -33.47 -16.42
C VAL D 233 -2.81 -33.15 -17.81
N LEU D 234 -3.89 -32.37 -17.87
CA LEU D 234 -4.44 -31.86 -19.11
C LEU D 234 -4.20 -30.35 -19.20
N GLY D 235 -4.53 -29.80 -20.36
CA GLY D 235 -4.40 -28.36 -20.55
C GLY D 235 -4.20 -27.97 -22.00
N GLU D 236 -3.25 -27.08 -22.24
CA GLU D 236 -2.77 -26.73 -23.57
C GLU D 236 -1.53 -25.88 -23.38
N PHE D 237 -1.01 -25.32 -24.47
CA PHE D 237 0.19 -24.51 -24.42
C PHE D 237 -0.07 -23.16 -25.04
N ARG D 238 0.36 -22.10 -24.35
CA ARG D 238 0.18 -20.71 -24.78
C ARG D 238 0.80 -20.51 -26.15
N ASN D 239 1.73 -21.40 -26.51
CA ASN D 239 2.50 -21.26 -27.72
C ASN D 239 1.85 -21.47 -29.08
N GLU D 240 0.77 -22.26 -29.15
CA GLU D 240 0.13 -22.59 -30.42
C GLU D 240 -1.38 -22.36 -30.40
N GLY D 241 -2.06 -22.84 -31.45
CA GLY D 241 -3.51 -22.76 -31.47
C GLY D 241 -4.14 -23.62 -30.40
N ASN D 242 -5.36 -23.24 -30.00
CA ASN D 242 -5.97 -23.78 -28.80
C ASN D 242 -7.45 -24.03 -29.03
N LEU D 243 -8.09 -24.60 -28.01
CA LEU D 243 -9.54 -24.79 -28.03
C LEU D 243 -10.24 -23.44 -28.01
N GLU D 244 -11.41 -23.37 -28.66
CA GLU D 244 -12.21 -22.16 -28.67
C GLU D 244 -13.53 -22.34 -27.92
N LYS D 245 -13.64 -23.36 -27.07
CA LYS D 245 -14.85 -23.59 -26.30
C LYS D 245 -14.53 -24.54 -25.15
N PHE D 246 -15.09 -24.25 -23.98
CA PHE D 246 -14.86 -25.09 -22.81
C PHE D 246 -15.96 -24.77 -21.81
N ASP D 247 -16.90 -25.68 -21.61
CA ASP D 247 -17.91 -25.49 -20.56
C ASP D 247 -18.39 -26.86 -20.07
N LYS D 248 -19.56 -26.86 -19.44
CA LYS D 248 -19.91 -27.87 -18.44
C LYS D 248 -19.75 -29.30 -18.93
N SER D 249 -20.29 -29.65 -20.08
CA SER D 249 -20.33 -31.05 -20.49
C SER D 249 -19.04 -31.49 -21.18
N ALA D 250 -18.15 -30.55 -21.51
CA ALA D 250 -16.77 -30.95 -21.69
C ALA D 250 -16.23 -31.48 -20.36
N LEU D 251 -15.16 -32.25 -20.43
CA LEU D 251 -14.56 -32.87 -19.24
C LEU D 251 -15.50 -33.91 -18.64
N GLU D 252 -16.68 -34.09 -19.23
CA GLU D 252 -17.56 -35.17 -18.82
C GLU D 252 -17.03 -36.48 -19.37
N GLY D 253 -17.49 -37.59 -18.80
CA GLY D 253 -16.98 -38.89 -19.15
C GLY D 253 -15.65 -39.21 -18.52
N LEU D 254 -14.96 -38.22 -17.93
CA LEU D 254 -13.75 -38.32 -17.13
C LEU D 254 -13.98 -38.99 -15.83
N CYS D 255 -15.27 -39.31 -15.70
CA CYS D 255 -15.87 -39.85 -14.49
C CYS D 255 -15.79 -41.37 -14.35
N ASN D 256 -15.20 -42.07 -15.33
CA ASN D 256 -14.98 -43.50 -15.22
C ASN D 256 -13.58 -43.85 -14.74
N LEU D 257 -12.66 -42.89 -14.72
CA LEU D 257 -11.28 -43.18 -14.36
C LEU D 257 -11.15 -43.26 -12.84
N THR D 258 -9.92 -43.48 -12.37
CA THR D 258 -9.59 -43.47 -10.96
C THR D 258 -8.39 -42.55 -10.80
N ILE D 259 -8.66 -41.26 -10.67
CA ILE D 259 -7.63 -40.24 -10.54
C ILE D 259 -7.35 -40.01 -9.07
N GLU D 260 -6.15 -39.51 -8.76
CA GLU D 260 -5.86 -39.08 -7.39
C GLU D 260 -5.27 -37.69 -7.37
N GLU D 261 -4.56 -37.31 -8.44
CA GLU D 261 -3.96 -35.99 -8.54
C GLU D 261 -4.25 -35.42 -9.92
N PHE D 262 -4.86 -34.24 -9.96
CA PHE D 262 -5.26 -33.61 -11.21
C PHE D 262 -4.44 -32.34 -11.44
N ARG D 263 -4.28 -31.97 -12.70
CA ARG D 263 -3.75 -30.64 -13.01
C ARG D 263 -4.21 -30.23 -14.40
N LEU D 264 -5.06 -29.20 -14.47
CA LEU D 264 -5.30 -28.46 -15.69
C LEU D 264 -4.28 -27.32 -15.72
N ALA D 265 -3.52 -27.20 -16.80
CA ALA D 265 -2.33 -26.37 -16.78
C ALA D 265 -2.38 -25.14 -17.67
N TYR D 266 -3.45 -24.94 -18.43
CA TYR D 266 -3.66 -23.69 -19.16
C TYR D 266 -5.03 -23.72 -19.83
N LEU D 267 -5.62 -22.55 -20.08
CA LEU D 267 -6.89 -22.46 -20.78
C LEU D 267 -7.03 -21.04 -21.32
N ASP D 268 -7.10 -20.91 -22.64
CA ASP D 268 -7.28 -19.62 -23.30
C ASP D 268 -8.71 -19.11 -23.23
N TYR D 269 -9.63 -19.87 -22.63
CA TYR D 269 -11.04 -19.50 -22.58
C TYR D 269 -11.38 -18.94 -21.21
N TYR D 270 -12.07 -17.79 -21.20
CA TYR D 270 -12.47 -17.14 -19.96
C TYR D 270 -13.63 -17.92 -19.33
N LEU D 271 -13.28 -19.07 -18.76
CA LEU D 271 -14.25 -19.92 -18.09
C LEU D 271 -14.97 -19.13 -16.99
N ASP D 272 -16.27 -19.40 -16.82
CA ASP D 272 -17.10 -18.56 -15.96
C ASP D 272 -17.93 -19.30 -14.92
N ASP D 273 -17.65 -20.58 -14.65
CA ASP D 273 -18.31 -21.32 -13.58
C ASP D 273 -17.53 -22.59 -13.31
N ILE D 274 -17.51 -23.03 -12.05
CA ILE D 274 -16.56 -24.06 -11.62
C ILE D 274 -17.21 -25.34 -11.12
N ILE D 275 -18.53 -25.44 -11.05
CA ILE D 275 -19.16 -26.70 -10.68
C ILE D 275 -20.31 -27.02 -11.63
N ASP D 276 -20.54 -28.32 -11.81
CA ASP D 276 -21.13 -28.95 -12.99
C ASP D 276 -20.09 -28.89 -14.09
N LEU D 277 -19.01 -28.20 -13.79
CA LEU D 277 -17.72 -28.33 -14.42
C LEU D 277 -16.75 -28.78 -13.34
N PHE D 278 -15.69 -29.46 -13.72
CA PHE D 278 -14.87 -30.20 -12.76
C PHE D 278 -15.76 -31.03 -11.83
N ASN D 279 -16.84 -31.58 -12.36
CA ASN D 279 -17.85 -32.20 -11.51
C ASN D 279 -17.41 -33.57 -11.02
N CYS D 280 -16.95 -34.43 -11.93
CA CYS D 280 -16.43 -35.72 -11.52
C CYS D 280 -14.93 -35.69 -11.26
N LEU D 281 -14.36 -34.50 -11.12
CA LEU D 281 -13.03 -34.34 -10.54
C LEU D 281 -13.09 -34.02 -9.06
N THR D 282 -13.86 -34.79 -8.31
CA THR D 282 -13.79 -34.78 -6.86
C THR D 282 -13.10 -36.06 -6.39
N ASN D 283 -12.83 -36.10 -5.09
CA ASN D 283 -12.12 -37.22 -4.46
C ASN D 283 -10.67 -37.27 -4.92
N VAL D 284 -10.28 -36.38 -5.83
CA VAL D 284 -8.86 -36.23 -6.18
C VAL D 284 -8.19 -35.48 -5.05
N SER D 285 -7.24 -36.13 -4.40
CA SER D 285 -6.65 -35.59 -3.17
C SER D 285 -5.73 -34.40 -3.43
N SER D 286 -5.52 -34.03 -4.69
CA SER D 286 -4.66 -32.88 -5.03
C SER D 286 -5.22 -32.23 -6.29
N PHE D 287 -5.80 -31.05 -6.13
CA PHE D 287 -6.32 -30.25 -7.23
C PHE D 287 -5.32 -29.14 -7.54
N SER D 288 -5.27 -28.72 -8.80
CA SER D 288 -4.34 -27.67 -9.18
C SER D 288 -4.75 -27.06 -10.50
N LEU D 289 -4.73 -25.73 -10.55
CA LEU D 289 -4.95 -24.98 -11.77
C LEU D 289 -3.79 -24.02 -11.96
N VAL D 290 -3.45 -23.76 -13.22
CA VAL D 290 -2.33 -22.88 -13.54
C VAL D 290 -2.69 -22.10 -14.80
N SER D 291 -2.69 -20.77 -14.68
CA SER D 291 -2.78 -19.84 -15.82
C SER D 291 -4.16 -19.81 -16.48
N VAL D 292 -5.20 -20.30 -15.80
CA VAL D 292 -6.54 -20.35 -16.36
C VAL D 292 -7.35 -19.15 -15.86
N THR D 293 -7.87 -18.36 -16.78
CA THR D 293 -8.58 -17.13 -16.44
C THR D 293 -10.04 -17.44 -16.17
N ILE D 294 -10.43 -17.43 -14.90
CA ILE D 294 -11.82 -17.52 -14.50
C ILE D 294 -12.14 -16.20 -13.81
N GLU D 295 -12.60 -15.21 -14.58
CA GLU D 295 -12.67 -13.85 -14.05
C GLU D 295 -13.98 -13.59 -13.29
N ARG D 296 -15.12 -13.85 -13.91
CA ARG D 296 -16.41 -13.51 -13.31
C ARG D 296 -17.16 -14.78 -12.98
N VAL D 297 -17.22 -15.10 -11.69
CA VAL D 297 -17.95 -16.25 -11.18
C VAL D 297 -18.15 -16.09 -9.69
N LYS D 298 -19.34 -16.43 -9.21
CA LYS D 298 -19.73 -16.14 -7.84
C LYS D 298 -19.67 -17.38 -6.95
N ASP D 299 -20.04 -18.53 -7.49
CA ASP D 299 -20.28 -19.72 -6.67
C ASP D 299 -19.04 -20.60 -6.64
N PHE D 300 -18.12 -20.27 -5.74
CA PHE D 300 -17.06 -21.19 -5.37
C PHE D 300 -17.42 -22.06 -4.18
N SER D 301 -18.44 -21.67 -3.42
CA SER D 301 -18.87 -22.43 -2.26
C SER D 301 -19.41 -23.78 -2.68
N TYR D 302 -18.64 -24.84 -2.43
CA TYR D 302 -19.01 -26.19 -2.79
C TYR D 302 -18.14 -27.15 -2.01
N ASN D 303 -18.64 -28.36 -1.81
CA ASN D 303 -17.95 -29.37 -1.02
C ASN D 303 -17.17 -30.30 -1.95
N PHE D 304 -15.86 -30.36 -1.76
CA PHE D 304 -15.00 -31.32 -2.42
C PHE D 304 -14.06 -31.93 -1.39
N GLY D 305 -13.62 -33.16 -1.65
CA GLY D 305 -12.53 -33.73 -0.88
C GLY D 305 -11.21 -33.43 -1.55
N TRP D 306 -10.53 -32.38 -1.12
CA TRP D 306 -9.36 -31.83 -1.79
C TRP D 306 -8.27 -31.58 -0.76
N GLN D 307 -7.40 -32.54 -0.53
CA GLN D 307 -6.37 -32.41 0.51
C GLN D 307 -5.19 -31.54 0.09
N HIS D 308 -5.23 -30.94 -1.11
CA HIS D 308 -4.22 -29.96 -1.50
C HIS D 308 -4.75 -29.18 -2.68
N LEU D 309 -4.65 -27.86 -2.62
CA LEU D 309 -5.07 -26.97 -3.68
C LEU D 309 -3.92 -26.03 -4.04
N GLU D 310 -3.93 -25.55 -5.27
CA GLU D 310 -2.92 -24.58 -5.70
C GLU D 310 -3.48 -23.80 -6.88
N LEU D 311 -3.42 -22.46 -6.79
CA LEU D 311 -3.93 -21.57 -7.83
C LEU D 311 -2.80 -20.60 -8.15
N VAL D 312 -1.93 -20.99 -9.06
CA VAL D 312 -0.74 -20.21 -9.39
C VAL D 312 -0.99 -19.50 -10.71
N ASN D 313 -0.75 -18.19 -10.72
CA ASN D 313 -0.79 -17.35 -11.93
C ASN D 313 -2.18 -17.25 -12.54
N CYS D 314 -3.23 -17.51 -11.76
CA CYS D 314 -4.60 -17.41 -12.23
C CYS D 314 -5.10 -15.98 -12.11
N LYS D 315 -5.99 -15.59 -13.02
CA LYS D 315 -6.64 -14.29 -12.98
C LYS D 315 -8.09 -14.46 -12.53
N PHE D 316 -8.58 -13.46 -11.79
CA PHE D 316 -9.96 -13.44 -11.35
C PHE D 316 -10.44 -12.00 -11.42
N GLY D 317 -11.65 -11.77 -10.93
CA GLY D 317 -12.16 -10.42 -10.75
C GLY D 317 -12.50 -10.20 -9.30
N GLN D 318 -12.62 -11.32 -8.58
CA GLN D 318 -12.98 -11.33 -7.17
C GLN D 318 -12.11 -12.36 -6.47
N PHE D 319 -11.94 -12.18 -5.17
CA PHE D 319 -11.29 -13.23 -4.41
C PHE D 319 -12.25 -14.41 -4.32
N PRO D 320 -11.85 -15.60 -4.76
CA PRO D 320 -12.76 -16.75 -4.71
C PRO D 320 -13.18 -17.07 -3.29
N THR D 321 -14.41 -17.54 -3.15
CA THR D 321 -14.99 -17.85 -1.84
C THR D 321 -14.88 -19.36 -1.60
N LEU D 322 -13.78 -19.77 -0.99
CA LEU D 322 -13.49 -21.18 -0.78
C LEU D 322 -14.22 -21.70 0.45
N LYS D 323 -14.85 -22.86 0.31
CA LYS D 323 -15.51 -23.54 1.42
C LYS D 323 -15.19 -25.03 1.31
N LEU D 324 -14.10 -25.45 1.95
CA LEU D 324 -13.56 -26.80 1.79
C LEU D 324 -13.38 -27.44 3.15
N LYS D 325 -14.18 -28.48 3.42
CA LYS D 325 -14.12 -29.17 4.70
C LYS D 325 -12.81 -29.91 4.90
N SER D 326 -12.11 -30.24 3.81
CA SER D 326 -10.89 -31.04 3.87
C SER D 326 -9.90 -30.47 2.86
N LEU D 327 -9.03 -29.57 3.33
CA LEU D 327 -7.99 -28.97 2.49
C LEU D 327 -6.85 -28.53 3.40
N LYS D 328 -5.73 -29.23 3.32
CA LYS D 328 -4.63 -29.02 4.26
C LYS D 328 -3.60 -28.01 3.79
N ARG D 329 -3.47 -27.77 2.50
CA ARG D 329 -2.48 -26.84 1.99
C ARG D 329 -3.07 -26.03 0.85
N LEU D 330 -2.65 -24.78 0.76
CA LEU D 330 -3.09 -23.87 -0.28
C LEU D 330 -1.90 -23.03 -0.72
N THR D 331 -1.88 -22.69 -2.00
CA THR D 331 -0.82 -21.85 -2.55
C THR D 331 -1.47 -20.90 -3.55
N PHE D 332 -1.92 -19.75 -3.07
CA PHE D 332 -2.52 -18.71 -3.88
C PHE D 332 -1.45 -17.67 -4.15
N THR D 333 -0.50 -18.02 -5.01
CA THR D 333 0.70 -17.23 -5.20
C THR D 333 0.81 -16.70 -6.61
N SER D 334 1.25 -15.45 -6.74
CA SER D 334 1.51 -14.77 -8.00
C SER D 334 0.27 -14.58 -8.86
N ASN D 335 -0.92 -14.68 -8.28
CA ASN D 335 -2.13 -14.32 -9.01
C ASN D 335 -2.11 -12.83 -9.32
N LYS D 336 -2.98 -12.41 -10.26
CA LYS D 336 -2.90 -11.04 -10.74
C LYS D 336 -4.21 -10.28 -10.65
N GLY D 337 -5.34 -10.98 -10.67
CA GLY D 337 -6.62 -10.32 -10.88
C GLY D 337 -7.20 -9.46 -9.76
N GLY D 338 -7.65 -10.08 -8.68
CA GLY D 338 -8.49 -9.38 -7.70
C GLY D 338 -7.82 -9.02 -6.40
N ASN D 339 -7.49 -7.74 -6.24
CA ASN D 339 -6.64 -7.29 -5.13
C ASN D 339 -7.51 -6.92 -3.94
N ALA D 340 -7.99 -7.93 -3.25
CA ALA D 340 -8.78 -7.78 -2.03
C ALA D 340 -8.67 -9.10 -1.27
N PHE D 341 -9.53 -9.29 -0.27
CA PHE D 341 -9.57 -10.53 0.47
C PHE D 341 -10.86 -10.56 1.27
N SER D 342 -11.50 -11.73 1.29
CA SER D 342 -12.70 -11.94 2.10
C SER D 342 -12.55 -13.27 2.82
N GLU D 343 -13.23 -13.39 3.96
CA GLU D 343 -13.03 -14.54 4.82
C GLU D 343 -13.38 -15.84 4.10
N VAL D 344 -12.41 -16.74 4.05
CA VAL D 344 -12.61 -18.07 3.55
C VAL D 344 -12.83 -19.00 4.74
N ASP D 345 -13.29 -20.22 4.47
CA ASP D 345 -13.59 -21.18 5.53
C ASP D 345 -12.91 -22.50 5.20
N LEU D 346 -11.73 -22.71 5.79
CA LEU D 346 -10.91 -23.91 5.58
C LEU D 346 -10.71 -24.56 6.94
N PRO D 347 -11.71 -25.29 7.44
CA PRO D 347 -11.68 -25.76 8.84
C PRO D 347 -10.46 -26.58 9.21
N SER D 348 -9.82 -27.27 8.25
CA SER D 348 -8.65 -28.09 8.55
C SER D 348 -7.55 -27.71 7.57
N LEU D 349 -6.81 -26.66 7.91
CA LEU D 349 -5.75 -26.12 7.07
C LEU D 349 -4.52 -25.86 7.93
N GLU D 350 -3.35 -26.32 7.45
CA GLU D 350 -2.12 -26.24 8.21
C GLU D 350 -1.00 -25.50 7.49
N PHE D 351 -1.24 -25.05 6.26
CA PHE D 351 -0.25 -24.30 5.50
C PHE D 351 -1.00 -23.29 4.66
N LEU D 352 -0.38 -22.15 4.42
CA LEU D 352 -1.04 -21.08 3.69
C LEU D 352 0.01 -20.14 3.15
N ASP D 353 -0.13 -19.78 1.88
CA ASP D 353 0.86 -18.96 1.19
C ASP D 353 0.11 -18.05 0.24
N LEU D 354 0.04 -16.76 0.55
CA LEU D 354 -0.54 -15.77 -0.34
C LEU D 354 0.55 -14.74 -0.59
N SER D 355 1.43 -15.05 -1.53
CA SER D 355 2.64 -14.28 -1.75
C SER D 355 2.63 -13.68 -3.14
N ARG D 356 3.13 -12.45 -3.25
CA ARG D 356 3.29 -11.74 -4.51
C ARG D 356 1.97 -11.64 -5.29
N ASN D 357 0.84 -11.78 -4.60
CA ASN D 357 -0.44 -11.49 -5.24
C ASN D 357 -0.63 -9.98 -5.40
N GLY D 358 -0.36 -9.23 -4.34
CA GLY D 358 -0.62 -7.81 -4.32
C GLY D 358 -1.94 -7.41 -3.68
N LEU D 359 -2.65 -8.36 -3.08
CA LEU D 359 -3.95 -8.06 -2.51
C LEU D 359 -3.82 -7.31 -1.19
N SER D 360 -4.94 -6.80 -0.70
CA SER D 360 -4.96 -5.92 0.46
C SER D 360 -5.89 -6.49 1.53
N PHE D 361 -5.46 -6.36 2.79
CA PHE D 361 -6.23 -6.90 3.93
C PHE D 361 -6.80 -5.75 4.78
N LYS D 362 -8.13 -5.68 4.91
CA LYS D 362 -8.73 -4.65 5.80
C LYS D 362 -9.12 -5.35 7.11
N GLY D 363 -9.51 -6.63 7.04
CA GLY D 363 -9.81 -7.40 8.26
C GLY D 363 -8.57 -8.07 8.80
N CYS D 364 -7.39 -7.74 8.25
CA CYS D 364 -6.07 -8.28 8.68
C CYS D 364 -6.07 -9.78 8.99
N CYS D 365 -5.61 -10.15 10.18
CA CYS D 365 -5.41 -11.55 10.52
C CYS D 365 -6.06 -11.86 11.86
N SER D 366 -7.03 -12.77 11.84
CA SER D 366 -7.68 -13.30 13.03
C SER D 366 -8.26 -14.66 12.67
N GLN D 367 -8.57 -15.46 13.69
CA GLN D 367 -9.21 -16.75 13.45
C GLN D 367 -10.52 -16.59 12.68
N SER D 368 -11.12 -15.41 12.70
CA SER D 368 -12.35 -15.14 11.97
C SER D 368 -12.14 -15.06 10.47
N ASP D 369 -10.91 -14.92 10.00
CA ASP D 369 -10.65 -14.68 8.59
C ASP D 369 -10.51 -15.96 7.78
N PHE D 370 -9.73 -16.93 8.29
CA PHE D 370 -9.47 -18.15 7.55
C PHE D 370 -10.24 -19.34 8.07
N GLY D 371 -11.08 -19.16 9.09
CA GLY D 371 -11.95 -20.21 9.56
C GLY D 371 -11.27 -21.38 10.23
N THR D 372 -9.95 -21.46 10.19
CA THR D 372 -9.23 -22.56 10.81
C THR D 372 -8.77 -22.17 12.21
N THR D 373 -8.15 -23.10 12.91
CA THR D 373 -7.52 -22.78 14.18
C THR D 373 -6.18 -23.47 14.40
N SER D 374 -5.66 -24.22 13.43
CA SER D 374 -4.31 -24.77 13.50
C SER D 374 -3.60 -24.46 12.19
N LEU D 375 -3.05 -23.26 12.08
CA LEU D 375 -2.33 -22.81 10.90
C LEU D 375 -0.88 -22.59 11.29
N LYS D 376 -0.01 -23.51 10.87
CA LYS D 376 1.38 -23.48 11.28
C LYS D 376 2.23 -22.53 10.45
N TYR D 377 1.76 -22.11 9.29
CA TYR D 377 2.58 -21.36 8.36
C TYR D 377 1.70 -20.33 7.69
N LEU D 378 2.27 -19.16 7.43
CA LEU D 378 1.51 -18.07 6.83
C LEU D 378 2.49 -17.10 6.21
N ASP D 379 2.26 -16.76 4.94
CA ASP D 379 3.13 -15.86 4.21
C ASP D 379 2.24 -14.88 3.47
N LEU D 380 2.24 -13.63 3.93
CA LEU D 380 1.52 -12.55 3.27
C LEU D 380 2.49 -11.52 2.70
N SER D 381 3.69 -11.97 2.37
CA SER D 381 4.75 -11.07 1.94
C SER D 381 4.53 -10.60 0.50
N PHE D 382 5.07 -9.42 0.20
CA PHE D 382 5.02 -8.84 -1.13
C PHE D 382 3.58 -8.56 -1.58
N ASN D 383 2.73 -8.15 -0.63
CA ASN D 383 1.35 -7.77 -0.91
C ASN D 383 1.23 -6.24 -0.86
N GLY D 384 0.00 -5.74 -1.01
CA GLY D 384 -0.22 -4.30 -1.15
C GLY D 384 -0.25 -3.48 0.12
N VAL D 385 -1.29 -3.64 0.95
CA VAL D 385 -1.48 -2.83 2.15
C VAL D 385 -2.22 -3.65 3.19
N ILE D 386 -1.61 -3.80 4.37
CA ILE D 386 -2.14 -4.66 5.43
C ILE D 386 -2.41 -3.79 6.64
N THR D 387 -3.68 -3.72 7.05
CA THR D 387 -4.10 -2.87 8.15
C THR D 387 -4.36 -3.71 9.38
N MET D 388 -3.66 -3.40 10.47
CA MET D 388 -3.77 -4.18 11.69
C MET D 388 -4.94 -3.67 12.52
N SER D 389 -6.02 -4.44 12.55
CA SER D 389 -7.14 -4.16 13.43
C SER D 389 -7.31 -5.24 14.49
N SER D 390 -6.44 -6.25 14.49
CA SER D 390 -6.56 -7.38 15.40
C SER D 390 -5.22 -8.06 15.49
N ASN D 391 -4.66 -8.14 16.69
CA ASN D 391 -3.52 -9.02 16.89
C ASN D 391 -3.98 -10.46 16.67
N PHE D 392 -3.06 -11.32 16.26
CA PHE D 392 -3.44 -12.58 15.65
C PHE D 392 -4.20 -13.29 16.76
N LEU D 393 -5.49 -13.51 16.55
CA LEU D 393 -6.40 -13.92 17.60
C LEU D 393 -7.00 -15.23 17.13
N GLY D 394 -6.93 -16.25 17.98
CA GLY D 394 -7.30 -17.59 17.58
C GLY D 394 -6.25 -18.31 16.78
N LEU D 395 -5.10 -17.69 16.55
CA LEU D 395 -3.98 -18.27 15.82
C LEU D 395 -2.78 -18.49 16.72
N GLU D 396 -3.01 -18.98 17.94
CA GLU D 396 -1.96 -19.15 18.92
C GLU D 396 -0.94 -20.22 18.55
N GLN D 397 -1.13 -20.90 17.42
CA GLN D 397 -0.25 -21.97 16.94
C GLN D 397 0.22 -21.58 15.56
N LEU D 398 1.28 -20.77 15.50
CA LEU D 398 1.74 -20.22 14.23
C LEU D 398 3.24 -19.99 14.35
N GLU D 399 4.03 -20.88 13.76
CA GLU D 399 5.47 -20.85 13.94
C GLU D 399 6.19 -20.05 12.87
N HIS D 400 5.57 -19.81 11.73
CA HIS D 400 6.17 -19.03 10.66
C HIS D 400 5.26 -17.85 10.35
N LEU D 401 5.87 -16.71 10.06
CA LEU D 401 5.12 -15.51 9.76
C LEU D 401 6.02 -14.56 8.98
N ASP D 402 5.68 -14.30 7.73
CA ASP D 402 6.43 -13.39 6.90
C ASP D 402 5.54 -12.23 6.49
N PHE D 403 6.13 -11.05 6.40
CA PHE D 403 5.44 -9.85 5.98
C PHE D 403 6.28 -9.00 5.04
N GLN D 404 7.48 -9.44 4.67
CA GLN D 404 8.46 -8.53 4.11
C GLN D 404 7.97 -7.90 2.81
N HIS D 405 8.24 -6.60 2.67
CA HIS D 405 7.90 -5.77 1.52
C HIS D 405 6.40 -5.56 1.35
N SER D 406 5.61 -5.83 2.38
CA SER D 406 4.21 -5.44 2.43
C SER D 406 4.13 -3.98 2.90
N ASN D 407 2.93 -3.53 3.27
CA ASN D 407 2.72 -2.19 3.81
C ASN D 407 1.87 -2.32 5.07
N LEU D 408 2.54 -2.42 6.21
CA LEU D 408 1.85 -2.55 7.49
C LEU D 408 1.40 -1.20 7.99
N LYS D 409 0.13 -1.12 8.38
CA LYS D 409 -0.45 0.11 8.90
C LYS D 409 -0.82 -0.11 10.36
N GLN D 410 -0.67 0.95 11.15
CA GLN D 410 -1.08 0.95 12.55
C GLN D 410 -0.32 -0.09 13.37
N MET D 411 0.95 -0.30 13.02
CA MET D 411 1.73 -1.33 13.70
C MET D 411 2.28 -0.86 15.05
N SER D 412 2.21 0.44 15.34
CA SER D 412 2.73 0.98 16.58
C SER D 412 1.66 1.25 17.62
N GLU D 413 0.39 1.21 17.23
CA GLU D 413 -0.71 1.67 18.07
C GLU D 413 -1.07 0.68 19.18
N PHE D 414 -0.61 -0.55 19.12
CA PHE D 414 -0.80 -1.51 20.20
C PHE D 414 0.16 -2.67 19.96
N SER D 415 0.20 -3.59 20.93
CA SER D 415 1.03 -4.78 20.78
C SER D 415 0.42 -5.67 19.72
N VAL D 416 0.94 -5.59 18.50
CA VAL D 416 0.31 -6.27 17.38
C VAL D 416 0.61 -7.78 17.37
N PHE D 417 1.78 -8.19 17.82
CA PHE D 417 2.10 -9.62 17.96
C PHE D 417 1.87 -10.12 19.38
N LEU D 418 0.69 -9.92 19.97
CA LEU D 418 0.54 -10.19 21.39
C LEU D 418 0.08 -11.61 21.70
N SER D 419 -0.39 -12.36 20.71
CA SER D 419 -0.88 -13.70 20.95
C SER D 419 0.10 -14.79 20.52
N LEU D 420 1.12 -14.45 19.74
CA LEU D 420 1.99 -15.43 19.09
C LEU D 420 3.07 -15.88 20.07
N ARG D 421 2.70 -16.80 20.95
CA ARG D 421 3.65 -17.29 21.94
C ARG D 421 4.54 -18.41 21.39
N ASN D 422 4.11 -19.08 20.33
CA ASN D 422 4.91 -20.09 19.63
C ASN D 422 5.22 -19.51 18.26
N LEU D 423 6.28 -18.73 18.16
CA LEU D 423 6.70 -18.16 16.89
C LEU D 423 8.22 -18.13 16.86
N ILE D 424 8.80 -18.81 15.88
CA ILE D 424 10.25 -18.90 15.74
C ILE D 424 10.77 -17.86 14.75
N TYR D 425 10.01 -17.60 13.70
CA TYR D 425 10.44 -16.78 12.59
C TYR D 425 9.58 -15.53 12.50
N LEU D 426 10.19 -14.43 12.09
CA LEU D 426 9.47 -13.18 11.90
C LEU D 426 10.29 -12.31 10.95
N ASP D 427 9.70 -11.93 9.82
CA ASP D 427 10.36 -11.07 8.84
C ASP D 427 9.42 -9.92 8.53
N ILE D 428 9.68 -8.77 9.16
CA ILE D 428 8.93 -7.55 8.87
C ILE D 428 9.88 -6.58 8.19
N SER D 429 10.84 -7.13 7.46
CA SER D 429 11.82 -6.29 6.77
C SER D 429 11.15 -5.45 5.70
N HIS D 430 11.60 -4.20 5.59
CA HIS D 430 11.23 -3.28 4.51
C HIS D 430 9.73 -3.02 4.43
N THR D 431 9.00 -3.20 5.52
CA THR D 431 7.69 -2.60 5.61
C THR D 431 7.83 -1.14 6.03
N HIS D 432 6.86 -0.32 5.66
CA HIS D 432 6.94 1.12 5.93
C HIS D 432 6.57 1.39 7.39
N THR D 433 7.51 1.04 8.27
CA THR D 433 7.28 1.02 9.71
C THR D 433 8.10 2.09 10.40
N ARG D 434 7.48 2.77 11.37
CA ARG D 434 8.12 3.78 12.21
C ARG D 434 7.97 3.33 13.66
N VAL D 435 9.02 2.74 14.21
CA VAL D 435 8.95 2.16 15.56
C VAL D 435 8.96 3.30 16.57
N ALA D 436 7.83 3.50 17.25
CA ALA D 436 7.67 4.59 18.21
C ALA D 436 6.93 4.11 19.45
N PHE D 437 6.93 2.81 19.71
CA PHE D 437 6.27 2.24 20.88
C PHE D 437 7.17 1.16 21.45
N ASN D 438 7.55 1.28 22.72
CA ASN D 438 8.46 0.32 23.35
C ASN D 438 7.84 -1.05 23.53
N GLY D 439 6.58 -1.25 23.14
CA GLY D 439 5.94 -2.55 23.31
C GLY D 439 5.52 -3.20 22.01
N ILE D 440 6.23 -2.92 20.93
CA ILE D 440 5.87 -3.48 19.62
C ILE D 440 6.12 -4.98 19.59
N PHE D 441 7.27 -5.43 20.11
CA PHE D 441 7.65 -6.83 20.00
C PHE D 441 7.26 -7.60 21.25
N ASN D 442 6.18 -7.18 21.90
CA ASN D 442 5.73 -7.82 23.13
C ASN D 442 4.92 -9.06 22.78
N GLY D 443 5.20 -10.15 23.49
CA GLY D 443 4.52 -11.41 23.31
C GLY D 443 5.36 -12.48 22.64
N LEU D 444 6.32 -12.09 21.80
CA LEU D 444 7.20 -13.02 21.10
C LEU D 444 8.28 -13.51 22.06
N SER D 445 7.99 -14.59 22.76
CA SER D 445 8.96 -15.13 23.71
C SER D 445 9.86 -16.20 23.09
N SER D 446 9.40 -16.88 22.04
CA SER D 446 10.18 -17.92 21.39
C SER D 446 10.85 -17.44 20.12
N LEU D 447 10.75 -16.15 19.80
CA LEU D 447 11.36 -15.64 18.58
C LEU D 447 12.87 -15.74 18.66
N GLU D 448 13.45 -16.45 17.70
CA GLU D 448 14.90 -16.62 17.60
C GLU D 448 15.51 -15.93 16.40
N VAL D 449 14.76 -15.76 15.31
CA VAL D 449 15.20 -15.02 14.14
C VAL D 449 14.31 -13.79 14.00
N LEU D 450 14.89 -12.61 14.16
CA LEU D 450 14.17 -11.36 13.99
C LEU D 450 14.85 -10.58 12.87
N LYS D 451 14.18 -10.48 11.73
CA LYS D 451 14.65 -9.67 10.60
C LYS D 451 13.81 -8.41 10.52
N MET D 452 14.46 -7.26 10.58
CA MET D 452 13.82 -5.98 10.28
C MET D 452 14.90 -5.02 9.78
N ALA D 453 14.98 -4.86 8.47
CA ALA D 453 16.01 -4.04 7.83
C ALA D 453 15.32 -3.08 6.89
N GLY D 454 15.26 -1.82 7.27
CA GLY D 454 14.56 -0.80 6.51
C GLY D 454 13.40 -0.17 7.24
N ASN D 455 13.39 -0.19 8.56
CA ASN D 455 12.30 0.33 9.37
C ASN D 455 12.82 1.48 10.21
N SER D 456 12.13 2.61 10.16
CA SER D 456 12.60 3.82 10.80
C SER D 456 12.60 3.65 12.32
N PHE D 457 13.08 4.67 13.01
CA PHE D 457 13.06 4.70 14.47
C PHE D 457 12.76 6.12 14.93
N GLN D 458 11.99 6.22 16.01
CA GLN D 458 11.58 7.51 16.53
C GLN D 458 12.81 8.33 16.93
N GLU D 459 13.01 9.46 16.24
CA GLU D 459 14.16 10.36 16.38
C GLU D 459 15.49 9.66 16.11
N ASN D 460 15.45 8.45 15.54
CA ASN D 460 16.65 7.69 15.19
C ASN D 460 17.47 7.35 16.44
N PHE D 461 16.80 6.84 17.46
CA PHE D 461 17.43 6.44 18.71
C PHE D 461 16.88 5.08 19.09
N LEU D 462 17.75 4.07 19.12
CA LEU D 462 17.31 2.71 19.39
C LEU D 462 16.85 2.58 20.83
N PRO D 463 15.56 2.33 21.06
CA PRO D 463 15.07 2.15 22.43
C PRO D 463 15.28 0.72 22.88
N ASP D 464 14.89 0.44 24.12
CA ASP D 464 15.00 -0.91 24.69
C ASP D 464 13.73 -1.68 24.36
N ILE D 465 13.66 -2.17 23.12
CA ILE D 465 12.51 -2.95 22.68
C ILE D 465 12.80 -4.44 22.59
N PHE D 466 14.06 -4.84 22.67
CA PHE D 466 14.43 -6.26 22.59
C PHE D 466 14.47 -6.91 23.97
N THR D 467 13.44 -6.75 24.77
CA THR D 467 13.38 -7.36 26.08
C THR D 467 12.35 -8.49 26.05
N GLU D 468 12.59 -9.51 26.86
CA GLU D 468 11.84 -10.77 26.91
C GLU D 468 12.08 -11.61 25.66
N LEU D 469 12.84 -11.11 24.69
CA LEU D 469 13.26 -11.88 23.52
C LEU D 469 14.66 -12.43 23.83
N ARG D 470 14.69 -13.50 24.62
CA ARG D 470 15.97 -14.03 25.10
C ARG D 470 16.51 -15.17 24.24
N ASN D 471 15.71 -15.75 23.36
CA ASN D 471 16.19 -16.78 22.45
C ASN D 471 16.76 -16.20 21.17
N LEU D 472 16.73 -14.89 21.00
CA LEU D 472 17.16 -14.27 19.76
C LEU D 472 18.64 -14.53 19.53
N THR D 473 18.95 -15.37 18.55
CA THR D 473 20.32 -15.63 18.16
C THR D 473 20.75 -14.83 16.95
N PHE D 474 19.79 -14.44 16.11
CA PHE D 474 20.03 -13.70 14.87
C PHE D 474 19.22 -12.42 14.93
N LEU D 475 19.89 -11.27 14.78
CA LEU D 475 19.22 -9.97 14.85
C LEU D 475 19.67 -9.11 13.68
N ASP D 476 18.73 -8.69 12.85
CA ASP D 476 19.01 -7.91 11.66
C ASP D 476 18.55 -6.47 11.88
N LEU D 477 19.46 -5.52 11.69
CA LEU D 477 19.18 -4.10 11.81
C LEU D 477 20.11 -3.39 10.84
N SER D 478 19.62 -3.08 9.65
CA SER D 478 20.44 -2.39 8.66
C SER D 478 19.55 -1.51 7.82
N GLN D 479 20.02 -0.31 7.51
CA GLN D 479 19.24 0.76 6.91
C GLN D 479 18.13 1.26 7.84
N CYS D 480 18.37 1.20 9.15
CA CYS D 480 17.45 1.75 10.14
C CYS D 480 17.86 3.15 10.61
N GLN D 481 18.78 3.80 9.90
CA GLN D 481 19.13 5.21 10.05
C GLN D 481 19.35 5.61 11.51
N LEU D 482 19.94 4.68 12.26
CA LEU D 482 20.17 4.89 13.69
C LEU D 482 21.40 5.78 13.88
N GLU D 483 21.23 6.85 14.64
CA GLU D 483 22.33 7.73 14.99
C GLU D 483 22.79 7.56 16.42
N GLN D 484 21.94 6.99 17.28
CA GLN D 484 22.30 6.69 18.65
C GLN D 484 21.63 5.38 19.04
N LEU D 485 22.18 4.76 20.08
CA LEU D 485 21.63 3.54 20.64
C LEU D 485 21.63 3.68 22.15
N SER D 486 20.56 3.23 22.78
CA SER D 486 20.53 3.21 24.23
C SER D 486 21.75 2.45 24.74
N PRO D 487 22.48 2.99 25.72
CA PRO D 487 23.62 2.26 26.28
C PRO D 487 23.25 0.90 26.86
N THR D 488 22.04 0.75 27.37
CA THR D 488 21.53 -0.55 27.80
C THR D 488 20.36 -0.94 26.88
N ALA D 489 20.71 -1.52 25.73
CA ALA D 489 19.74 -1.95 24.72
C ALA D 489 19.74 -3.45 24.50
N PHE D 490 20.90 -4.04 24.23
CA PHE D 490 20.99 -5.48 23.99
C PHE D 490 21.29 -6.26 25.27
N ASN D 491 20.52 -6.02 26.31
CA ASN D 491 20.63 -6.82 27.52
C ASN D 491 19.56 -7.90 27.51
N SER D 492 19.76 -8.90 28.37
CA SER D 492 18.93 -10.11 28.40
C SER D 492 19.13 -10.94 27.14
N LEU D 493 19.97 -10.45 26.23
CA LEU D 493 20.28 -11.15 24.98
C LEU D 493 21.60 -11.90 25.17
N SER D 494 21.50 -13.12 25.68
CA SER D 494 22.67 -13.94 25.91
C SER D 494 22.91 -14.98 24.82
N SER D 495 21.95 -15.16 23.90
CA SER D 495 22.07 -16.15 22.84
C SER D 495 22.36 -15.54 21.49
N LEU D 496 22.46 -14.22 21.41
CA LEU D 496 22.70 -13.56 20.13
C LEU D 496 24.14 -13.80 19.68
N GLN D 497 24.29 -14.37 18.48
CA GLN D 497 25.60 -14.69 17.92
C GLN D 497 25.93 -13.83 16.71
N VAL D 498 25.01 -13.74 15.76
CA VAL D 498 25.10 -12.77 14.67
C VAL D 498 24.37 -11.50 15.11
N LEU D 499 24.95 -10.34 14.80
CA LEU D 499 24.34 -9.06 15.16
C LEU D 499 24.68 -8.05 14.08
N ASN D 500 23.73 -7.79 13.20
CA ASN D 500 23.91 -6.88 12.08
C ASN D 500 23.55 -5.47 12.50
N MET D 501 24.48 -4.52 12.30
CA MET D 501 24.24 -3.13 12.63
C MET D 501 24.84 -2.18 11.60
N SER D 502 24.92 -2.59 10.34
CA SER D 502 25.64 -1.77 9.38
C SER D 502 24.65 -0.98 8.53
N HIS D 503 25.20 -0.01 7.79
CA HIS D 503 24.48 0.87 6.87
C HIS D 503 23.63 1.91 7.59
N ASN D 504 23.86 2.09 8.89
CA ASN D 504 23.30 3.18 9.66
C ASN D 504 24.23 4.39 9.53
N ASN D 505 24.02 5.41 10.37
CA ASN D 505 24.87 6.60 10.35
C ASN D 505 25.37 6.83 11.77
N PHE D 506 26.45 6.14 12.12
CA PHE D 506 27.13 6.32 13.39
C PHE D 506 28.36 7.20 13.19
N PHE D 507 28.87 7.70 14.30
CA PHE D 507 30.16 8.40 14.28
C PHE D 507 31.03 8.06 15.47
N SER D 508 30.63 7.15 16.35
CA SER D 508 31.44 6.77 17.50
C SER D 508 31.24 5.31 17.84
N LEU D 509 32.32 4.55 17.85
CA LEU D 509 32.29 3.16 18.30
C LEU D 509 32.63 3.09 19.78
N ASP D 510 32.01 2.13 20.48
CA ASP D 510 32.35 1.85 21.86
C ASP D 510 31.99 0.41 22.19
N THR D 511 32.54 -0.06 23.30
CA THR D 511 32.40 -1.45 23.72
C THR D 511 31.49 -1.64 24.93
N PHE D 512 31.06 -0.56 25.58
CA PHE D 512 30.18 -0.72 26.73
C PHE D 512 28.84 -1.34 26.34
N PRO D 513 28.15 -0.89 25.28
CA PRO D 513 26.90 -1.56 24.91
C PRO D 513 27.05 -3.06 24.68
N TYR D 514 28.26 -3.53 24.37
CA TYR D 514 28.53 -4.95 24.15
C TYR D 514 29.45 -5.52 25.22
N LYS D 515 29.43 -4.93 26.41
CA LYS D 515 30.25 -5.46 27.50
C LYS D 515 29.86 -6.89 27.85
N CYS D 516 28.57 -7.20 27.84
CA CYS D 516 28.07 -8.50 28.24
C CYS D 516 27.25 -9.11 27.11
N LEU D 517 27.93 -9.77 26.18
CA LEU D 517 27.30 -10.65 25.19
C LEU D 517 28.17 -11.89 25.10
N ASN D 518 27.74 -12.99 25.74
CA ASN D 518 28.58 -14.16 25.86
C ASN D 518 28.65 -15.00 24.59
N SER D 519 27.68 -14.90 23.69
CA SER D 519 27.58 -15.79 22.54
C SER D 519 27.83 -15.08 21.23
N LEU D 520 28.17 -13.80 21.24
CA LEU D 520 28.38 -13.08 20.00
C LEU D 520 29.66 -13.56 19.31
N GLN D 521 29.56 -13.81 18.00
CA GLN D 521 30.71 -14.26 17.21
C GLN D 521 30.97 -13.30 16.07
N VAL D 522 29.91 -12.73 15.51
CA VAL D 522 30.00 -11.76 14.42
C VAL D 522 29.38 -10.45 14.89
N LEU D 523 29.97 -9.33 14.46
CA LEU D 523 29.40 -8.02 14.74
C LEU D 523 29.75 -7.10 13.58
N ASP D 524 28.75 -6.73 12.80
CA ASP D 524 28.94 -6.00 11.56
C ASP D 524 28.66 -4.52 11.78
N TYR D 525 29.68 -3.67 11.54
CA TYR D 525 29.54 -2.21 11.48
C TYR D 525 30.25 -1.78 10.20
N SER D 526 29.58 -1.86 9.04
CA SER D 526 30.32 -1.62 7.80
C SER D 526 30.04 -0.25 7.18
N LEU D 527 28.81 -0.01 6.75
CA LEU D 527 28.58 1.18 5.94
C LEU D 527 28.15 2.37 6.81
N ASN D 528 28.90 2.59 7.88
CA ASN D 528 28.69 3.72 8.76
C ASN D 528 29.65 4.83 8.34
N HIS D 529 29.79 5.86 9.18
CA HIS D 529 30.89 6.81 9.04
C HIS D 529 31.45 7.02 10.43
N ILE D 530 32.32 6.11 10.87
CA ILE D 530 32.76 6.04 12.24
C ILE D 530 34.18 6.57 12.32
N MET D 531 34.36 7.67 13.02
CA MET D 531 35.63 8.39 13.02
C MET D 531 36.36 8.35 14.35
N THR D 532 35.65 8.40 15.47
CA THR D 532 36.32 8.43 16.76
C THR D 532 35.45 7.69 17.77
N SER D 533 35.73 7.90 19.05
CA SER D 533 35.11 7.15 20.13
C SER D 533 34.65 8.12 21.22
N LYS D 534 34.02 7.55 22.24
CA LYS D 534 33.77 8.30 23.47
C LYS D 534 35.08 8.80 24.05
N LYS D 535 35.95 7.87 24.42
CA LYS D 535 37.27 8.08 25.00
C LYS D 535 37.87 6.69 25.13
N GLN D 536 39.18 6.61 25.28
CA GLN D 536 39.94 5.37 25.10
C GLN D 536 39.62 4.65 26.40
N GLU D 537 38.36 4.36 26.70
CA GLU D 537 37.98 3.49 27.84
C GLU D 537 37.39 2.30 27.10
N LEU D 538 37.44 2.38 25.76
CA LEU D 538 36.99 1.26 24.91
C LEU D 538 37.66 0.01 25.46
N GLN D 539 36.89 -0.99 25.85
CA GLN D 539 37.51 -2.17 26.48
C GLN D 539 37.47 -3.38 25.56
N HIS D 540 38.17 -4.43 25.92
CA HIS D 540 38.16 -5.69 25.18
C HIS D 540 36.72 -6.16 25.02
N PHE D 541 36.40 -6.62 23.82
CA PHE D 541 35.10 -7.22 23.59
C PHE D 541 35.06 -8.56 24.31
N PRO D 542 33.88 -9.13 24.50
CA PRO D 542 33.81 -10.47 25.11
C PRO D 542 34.62 -11.47 24.32
N SER D 543 35.10 -12.51 25.02
CA SER D 543 35.98 -13.49 24.40
C SER D 543 35.36 -14.10 23.16
N SER D 544 34.04 -14.33 23.19
CA SER D 544 33.36 -15.03 22.11
C SER D 544 33.52 -14.33 20.77
N LEU D 545 33.72 -13.02 20.75
CA LEU D 545 33.81 -12.31 19.48
C LEU D 545 34.97 -12.86 18.67
N ALA D 546 34.64 -13.38 17.49
CA ALA D 546 35.64 -13.89 16.56
C ALA D 546 35.68 -13.10 15.27
N PHE D 547 34.81 -12.10 15.13
CA PHE D 547 34.70 -11.35 13.88
C PHE D 547 34.15 -9.97 14.18
N LEU D 548 34.88 -8.93 13.74
CA LEU D 548 34.43 -7.55 13.89
C LEU D 548 34.67 -6.85 12.56
N ASN D 549 33.67 -6.92 11.67
CA ASN D 549 33.76 -6.18 10.43
C ASN D 549 33.63 -4.68 10.69
N LEU D 550 34.67 -3.93 10.34
CA LEU D 550 34.74 -2.48 10.50
C LEU D 550 34.98 -1.78 9.17
N THR D 551 34.80 -2.50 8.07
CA THR D 551 35.15 -2.05 6.73
C THR D 551 34.23 -0.91 6.30
N GLN D 552 34.69 -0.13 5.32
CA GLN D 552 33.90 0.70 4.42
C GLN D 552 33.46 2.05 4.98
N ASN D 553 33.94 2.46 6.16
CA ASN D 553 33.54 3.76 6.70
C ASN D 553 34.72 4.71 6.77
N ASP D 554 34.41 6.00 6.93
CA ASP D 554 35.41 7.06 6.88
C ASP D 554 36.28 7.03 8.14
N PHE D 555 37.44 7.70 8.05
CA PHE D 555 38.41 7.73 9.14
C PHE D 555 39.18 9.05 9.10
N ALA D 556 39.86 9.35 10.21
CA ALA D 556 40.43 10.67 10.47
C ALA D 556 41.91 10.56 10.86
N CYS D 557 42.75 10.94 9.91
CA CYS D 557 44.19 10.67 9.93
C CYS D 557 44.93 11.96 10.30
N THR D 558 44.81 12.34 11.56
CA THR D 558 45.60 13.44 12.11
C THR D 558 46.09 13.04 13.49
N CYS D 559 47.02 13.82 14.06
CA CYS D 559 47.67 13.38 15.29
C CYS D 559 46.66 13.06 16.37
N GLU D 560 45.74 13.99 16.65
CA GLU D 560 44.76 13.69 17.68
C GLU D 560 43.91 12.51 17.23
N HIS D 561 43.38 11.76 18.20
CA HIS D 561 42.73 10.47 18.03
C HIS D 561 43.56 9.55 17.13
N GLN D 562 44.89 9.72 17.16
CA GLN D 562 45.76 8.62 16.80
C GLN D 562 45.72 7.53 17.86
N SER D 563 45.26 7.87 19.07
CA SER D 563 45.02 6.83 20.07
C SER D 563 43.85 5.95 19.67
N PHE D 564 42.87 6.49 18.95
CA PHE D 564 41.78 5.67 18.43
C PHE D 564 42.29 4.69 17.38
N LEU D 565 43.15 5.15 16.47
CA LEU D 565 43.70 4.24 15.49
C LEU D 565 44.67 3.26 16.14
N GLN D 566 45.28 3.65 17.26
CA GLN D 566 46.03 2.71 18.06
C GLN D 566 45.13 1.65 18.67
N TRP D 567 43.92 2.04 19.07
CA TRP D 567 42.99 1.05 19.60
C TRP D 567 42.33 0.23 18.49
N ILE D 568 42.50 0.64 17.23
CA ILE D 568 42.10 -0.29 16.17
C ILE D 568 43.29 -1.07 15.61
N LYS D 569 44.51 -0.73 16.01
CA LYS D 569 45.59 -1.71 15.98
C LYS D 569 45.69 -2.49 17.27
N ASP D 570 44.81 -2.18 18.25
CA ASP D 570 44.62 -3.03 19.41
C ASP D 570 44.42 -4.48 18.99
N GLN D 571 43.44 -4.74 18.13
CA GLN D 571 43.10 -6.10 17.71
C GLN D 571 43.51 -6.28 16.27
N ARG D 572 44.40 -7.24 16.03
CA ARG D 572 44.55 -7.85 14.72
C ARG D 572 43.85 -9.20 14.67
N GLN D 573 43.47 -9.73 15.83
CA GLN D 573 42.85 -11.04 15.98
C GLN D 573 41.36 -11.03 15.66
N LEU D 574 40.72 -9.85 15.61
CA LEU D 574 39.29 -9.77 15.39
C LEU D 574 38.89 -8.91 14.20
N LEU D 575 39.85 -8.27 13.52
CA LEU D 575 39.53 -7.53 12.32
C LEU D 575 39.22 -8.50 11.18
N VAL D 576 38.69 -7.95 10.08
CA VAL D 576 38.19 -8.79 9.01
C VAL D 576 38.87 -8.51 7.69
N GLU D 577 38.65 -7.31 7.16
CA GLU D 577 39.13 -6.94 5.83
C GLU D 577 39.90 -5.63 5.97
N VAL D 578 41.19 -5.74 6.29
CA VAL D 578 42.01 -4.56 6.46
C VAL D 578 42.28 -3.84 5.15
N GLU D 579 41.76 -4.37 4.04
CA GLU D 579 42.03 -3.76 2.74
C GLU D 579 41.15 -2.54 2.48
N ARG D 580 39.87 -2.59 2.85
CA ARG D 580 38.98 -1.47 2.62
C ARG D 580 38.76 -0.61 3.86
N MET D 581 39.49 -0.87 4.94
CA MET D 581 39.55 0.05 6.08
C MET D 581 40.71 1.00 5.86
N GLU D 582 40.41 2.27 5.56
CA GLU D 582 41.40 3.18 4.95
C GLU D 582 41.24 4.58 5.56
N CYS D 583 41.87 5.57 4.92
CA CYS D 583 41.80 6.97 5.35
C CYS D 583 40.87 7.77 4.47
N ALA D 584 40.17 8.72 5.08
CA ALA D 584 39.23 9.63 4.44
C ALA D 584 39.46 11.09 4.77
N THR D 585 39.90 11.42 5.99
CA THR D 585 39.78 12.82 6.38
C THR D 585 40.79 13.77 5.74
N PRO D 586 42.14 13.54 5.70
CA PRO D 586 43.05 14.47 4.99
C PRO D 586 43.10 14.17 3.49
N SER D 587 43.63 15.12 2.71
CA SER D 587 43.77 14.92 1.25
C SER D 587 45.07 14.16 0.96
N ASP D 588 46.15 14.53 1.65
CA ASP D 588 47.47 13.88 1.42
C ASP D 588 47.39 12.41 1.86
N LYS D 589 46.74 12.13 2.99
CA LYS D 589 46.56 10.72 3.43
C LYS D 589 45.26 10.20 2.81
N GLN D 590 45.36 9.60 1.62
CA GLN D 590 44.13 9.13 0.91
C GLN D 590 44.27 7.65 0.55
N GLY D 591 43.20 6.88 0.77
CA GLY D 591 43.19 5.46 0.47
C GLY D 591 44.18 4.63 1.25
N MET D 592 44.72 5.14 2.36
CA MET D 592 45.78 4.46 3.06
C MET D 592 45.21 3.55 4.14
N PRO D 593 45.51 2.26 4.12
CA PRO D 593 45.19 1.41 5.28
C PRO D 593 45.70 2.03 6.57
N VAL D 594 44.90 1.89 7.63
CA VAL D 594 45.14 2.64 8.85
C VAL D 594 46.30 2.04 9.65
N LEU D 595 46.25 0.73 9.92
CA LEU D 595 47.34 0.09 10.68
C LEU D 595 48.66 0.18 9.93
N SER D 596 48.64 0.74 8.71
CA SER D 596 49.82 0.71 7.85
C SER D 596 50.73 1.93 8.03
N LEU D 597 50.13 3.11 8.07
CA LEU D 597 50.92 4.38 8.22
C LEU D 597 51.50 4.45 9.63
N ASN D 598 52.81 4.28 9.76
CA ASN D 598 53.47 4.41 11.09
C ASN D 598 53.83 5.89 11.32
N ILE D 599 53.08 6.56 12.20
CA ILE D 599 53.39 7.98 12.53
C ILE D 599 53.58 8.08 14.05
N THR D 600 54.41 9.02 14.50
CA THR D 600 54.55 9.24 15.97
C THR D 600 53.41 10.17 16.39
N CYS D 601 53.15 11.20 15.59
CA CYS D 601 52.05 12.16 15.88
C CYS D 601 51.68 12.87 14.56
C1 NAG E . 14.52 1.69 -41.53
C2 NAG E . 14.77 2.23 -42.92
C3 NAG E . 16.23 2.67 -43.06
C4 NAG E . 16.60 3.65 -41.96
C5 NAG E . 16.25 3.06 -40.59
C6 NAG E . 16.46 4.04 -39.46
C7 NAG E . 13.59 1.51 -44.94
C8 NAG E . 13.35 0.38 -45.90
N2 NAG E . 14.44 1.25 -43.94
O3 NAG E . 16.42 3.27 -44.34
O4 NAG E . 17.98 3.95 -42.01
O5 NAG E . 14.86 2.68 -40.55
O6 NAG E . 15.31 4.87 -39.26
O7 NAG E . 13.04 2.60 -45.08
C1 NAG E . 18.26 5.27 -42.29
C2 NAG E . 19.59 5.98 -42.12
C3 NAG E . 19.53 7.39 -42.71
C4 NAG E . 19.01 7.35 -44.15
C5 NAG E . 17.69 6.59 -44.20
C6 NAG E . 17.17 6.42 -45.62
C7 NAG E . 20.45 4.98 -40.04
C8 NAG E . 20.78 5.23 -38.60
N2 NAG E . 19.97 6.03 -40.73
O3 NAG E . 20.82 7.98 -42.67
O4 NAG E . 18.81 8.67 -44.63
O5 NAG E . 17.88 5.27 -43.67
O6 NAG E . 18.16 5.89 -46.48
O7 NAG E . 20.58 3.88 -40.56
C1 NAG F . -14.29 -1.67 41.50
C2 NAG F . -14.60 -2.24 42.88
C3 NAG F . -13.63 -1.66 43.90
C4 NAG F . -12.19 -1.87 43.46
C5 NAG F . -11.98 -1.35 42.04
C6 NAG F . -10.61 -1.65 41.49
C7 NAG F . -16.81 -2.94 43.65
C8 NAG F . -18.20 -2.50 44.01
N2 NAG F . -15.96 -1.98 43.27
O3 NAG F . -13.85 -2.27 45.17
O4 NAG F . -11.30 -1.21 44.35
O5 NAG F . -12.93 -1.94 41.15
O6 NAG F . -10.57 -2.94 40.89
O7 NAG F . -16.47 -4.12 43.70
C1 NAG F . -10.47 -2.06 45.05
C2 NAG F . -9.21 -1.68 45.83
C3 NAG F . -8.68 -2.90 46.58
C4 NAG F . -9.77 -3.53 47.43
C5 NAG F . -10.98 -3.83 46.56
C6 NAG F . -12.16 -4.38 47.34
C7 NAG F . -8.25 0.09 44.41
C8 NAG F . -7.10 0.47 43.52
N2 NAG F . -8.19 -1.15 44.93
O3 NAG F . -7.59 -2.49 47.41
O4 NAG F . -9.29 -4.74 48.01
O5 NAG F . -11.43 -2.63 45.93
O6 NAG F . -12.46 -3.56 48.46
O7 NAG F . -9.17 0.86 44.65
C1 NAG G . 11.78 22.50 5.65
C2 NAG G . 11.10 23.69 6.34
C3 NAG G . 10.80 23.36 7.80
C4 NAG G . 10.07 22.03 7.92
C5 NAG G . 10.83 20.95 7.16
C6 NAG G . 10.11 19.63 7.13
C7 NAG G . 11.50 26.03 5.71
C8 NAG G . 12.48 27.16 5.69
N2 NAG G . 11.93 24.88 6.25
O3 NAG G . 9.97 24.40 8.32
O4 NAG G . 9.97 21.66 9.29
O5 NAG G . 10.99 21.35 5.80
O6 NAG G . 9.60 19.29 8.41
O7 NAG G . 10.37 26.16 5.26
C1 NAG G . 8.99 21.99 10.20
C2 NAG G . 8.79 20.91 11.25
C3 NAG G . 7.85 21.40 12.35
C4 NAG G . 8.33 22.72 12.91
C5 NAG G . 8.56 23.73 11.79
C6 NAG G . 9.16 25.03 12.28
C7 NAG G . 7.14 19.54 10.03
C8 NAG G . 6.83 18.16 9.50
N2 NAG G . 8.31 19.66 10.67
O3 NAG G . 7.76 20.42 13.37
O4 NAG G . 7.36 23.25 13.81
O5 NAG G . 9.47 23.18 10.82
O6 NAG G . 10.11 24.80 13.31
O7 NAG G . 6.38 20.48 9.87
C1 BMA G . 7.96 23.09 15.03
C2 BMA G . 7.88 24.51 15.60
C3 BMA G . 7.81 24.44 17.12
C4 BMA G . 6.73 23.45 17.59
C5 BMA G . 6.98 22.07 16.95
C6 BMA G . 5.93 21.05 17.33
O2 BMA G . 6.69 25.15 15.17
O3 BMA G . 7.58 25.72 17.68
O4 BMA G . 6.77 23.33 19.00
O5 BMA G . 6.95 22.25 15.53
O6 BMA G . 4.78 21.27 16.54
C1 NAG H . 24.07 -7.41 7.33
C2 NAG H . 24.85 -8.55 6.67
C3 NAG H . 25.29 -8.17 5.26
C4 NAG H . 24.11 -7.63 4.46
C5 NAG H . 23.39 -6.54 5.23
C6 NAG H . 22.15 -6.04 4.55
C7 NAG H . 26.23 -10.16 7.93
C8 NAG H . 27.46 -10.35 8.76
N2 NAG H . 26.01 -8.91 7.48
O3 NAG H . 25.81 -9.33 4.62
O4 NAG H . 24.57 -7.11 3.21
O5 NAG H . 22.99 -7.05 6.51
O6 NAG H . 22.36 -5.83 3.16
O7 NAG H . 25.46 -11.07 7.69
C1 NAG H . 24.77 -7.77 2.02
C2 NAG H . 24.55 -6.86 0.82
C3 NAG H . 24.96 -7.57 -0.46
C4 NAG H . 26.38 -8.09 -0.35
C5 NAG H . 26.54 -8.94 0.91
C6 NAG H . 27.95 -9.39 1.15
C7 NAG H . 22.11 -7.21 0.57
C8 NAG H . 20.78 -6.53 0.50
N2 NAG H . 23.16 -6.40 0.73
O3 NAG H . 24.86 -6.66 -1.56
O4 NAG H . 26.71 -8.90 -1.48
O5 NAG H . 26.13 -8.19 2.06
O6 NAG H . 28.89 -8.38 0.81
O7 NAG H . 22.22 -8.43 0.49
C1 BMA H . 27.59 -8.10 -2.17
C2 BMA H . 28.78 -9.06 -2.34
C3 BMA H . 29.54 -8.70 -3.61
C4 BMA H . 28.60 -8.56 -4.81
C5 BMA H . 27.48 -7.56 -4.48
C6 BMA H . 26.48 -7.38 -5.60
O2 BMA H . 28.32 -10.39 -2.50
O3 BMA H . 30.55 -9.65 -3.89
O4 BMA H . 29.31 -8.12 -5.94
O5 BMA H . 26.79 -8.03 -3.32
O6 BMA H . 25.57 -8.48 -5.55
C1 NAG I . 15.17 27.66 10.62
C2 NAG I . 14.66 28.39 9.30
C3 NAG I . 13.10 28.59 9.40
C4 NAG I . 12.42 27.25 9.75
C5 NAG I . 13.10 26.70 11.01
C6 NAG I . 12.45 25.33 11.26
C7 NAG I . 15.09 30.45 8.07
C8 NAG I . 15.71 31.79 8.08
N2 NAG I . 15.27 29.70 9.24
O3 NAG I . 12.67 29.01 8.15
O4 NAG I . 11.07 27.61 9.99
O5 NAG I . 14.43 26.45 10.77
O6 NAG I . 13.31 24.62 12.08
O7 NAG I . 14.47 30.03 7.10
C1 NAG I . 9.92 28.26 9.59
C2 NAG I . 9.48 29.16 8.34
C3 NAG I . 7.99 29.56 8.50
C4 NAG I . 7.21 28.26 8.59
C5 NAG I . 7.68 27.55 9.88
C6 NAG I . 6.81 26.29 9.97
C7 NAG I . 10.48 30.95 7.03
C8 NAG I . 11.41 32.14 7.02
N2 NAG I . 10.36 30.30 8.27
O3 NAG I . 7.63 30.25 7.35
O4 NAG I . 5.86 28.64 8.71
O5 NAG I . 9.03 27.15 9.75
O6 NAG I . 5.90 26.49 11.01
O7 NAG I . 9.87 30.59 6.04
C1 NAG I . 4.64 28.56 8.10
C2 NAG I . 3.10 28.27 8.29
C3 NAG I . 2.46 28.07 6.90
C4 NAG I . 2.72 29.39 6.14
C5 NAG I . 4.25 29.59 6.05
C6 NAG I . 4.42 30.92 5.30
C7 NAG I . 2.84 27.29 10.50
C8 NAG I . 2.69 26.04 11.31
N2 NAG I . 2.96 27.09 9.13
O3 NAG I . 1.10 27.90 7.12
O4 NAG I . 2.18 29.18 4.87
O5 NAG I . 4.80 29.73 7.32
O6 NAG I . 3.70 30.85 4.12
O7 NAG I . 2.85 28.41 11.01
C1 NAG J . 31.92 -7.82 6.41
C2 NAG J . 31.41 -9.00 7.35
C3 NAG J . 30.76 -10.12 6.46
C4 NAG J . 29.73 -9.51 5.49
C5 NAG J . 30.42 -8.37 4.72
C6 NAG J . 29.34 -7.73 3.85
C7 NAG J . 32.27 -10.51 9.05
C8 NAG J . 33.48 -11.09 9.69
N2 NAG J . 32.53 -9.57 8.04
O3 NAG J . 30.10 -11.00 7.31
O4 NAG J . 29.38 -10.58 4.64
O5 NAG J . 30.83 -7.39 5.60
O6 NAG J . 29.79 -6.47 3.51
O7 NAG J . 31.15 -10.84 9.38
C1 NAG J . 28.96 -11.89 4.47
C2 NAG J . 28.62 -13.12 5.43
C3 NAG J . 28.19 -14.34 4.57
C4 NAG J . 26.98 -13.87 3.77
C5 NAG J . 27.48 -12.74 2.84
C6 NAG J . 26.27 -12.36 1.99
C7 NAG J . 29.59 -14.08 7.45
C8 NAG J . 30.84 -14.35 8.24
N2 NAG J . 29.79 -13.41 6.24
O3 NAG J . 27.80 -15.34 5.45
O4 NAG J . 26.57 -14.98 3.02
O5 NAG J . 27.86 -11.61 3.60
O6 NAG J . 26.48 -12.85 0.70
O7 NAG J . 28.48 -14.45 7.82
C1 NAG J . 25.54 -15.85 2.80
C2 NAG J . 24.64 -16.58 1.75
C3 NAG J . 23.41 -17.18 2.45
C4 NAG J . 23.97 -18.14 3.52
C5 NAG J . 24.86 -17.34 4.48
C6 NAG J . 25.40 -18.36 5.49
C7 NAG J . 25.09 -15.52 -0.39
C8 NAG J . 24.65 -14.52 -1.42
N2 NAG J . 24.28 -15.62 0.72
O3 NAG J . 22.70 -17.88 1.49
O4 NAG J . 22.85 -18.63 4.19
O5 NAG J . 25.96 -16.77 3.81
O6 NAG J . 24.32 -19.05 6.01
O7 NAG J . 26.10 -16.21 -0.53
C1 2IL K . 2.13 -7.36 -21.11
C2 2IL K . 3.19 -7.04 -22.16
O2 2IL K . 1.50 -6.28 -20.48
C3 2IL K . 4.56 -7.07 -21.49
O3 2IL K . 4.62 -6.12 -20.44
C4 2IL K . 5.65 -6.74 -22.51
O4 2IL K . 4.26 -7.79 -18.71
C5 2IL K . 5.08 -6.09 -23.77
C6 2IL K . 6.02 -6.36 -24.94
C7 2IL K . 6.40 -7.83 -24.94
C8 2IL K . 6.94 -8.21 -26.32
C9 2IL K . 8.11 -7.28 -26.65
C10 2IL K . 9.26 -8.13 -27.21
C11 2IL K . 9.50 -7.74 -28.67
C12 2IL K . 10.95 -8.09 -29.03
C13 2IL K . 11.20 -7.64 -30.47
C14 2IL K . 12.37 -6.65 -30.49
C15 2IL K . 4.94 -6.63 -19.17
C16 2IL K . 6.24 -6.21 -18.47
C17 2IL K . 7.43 -6.56 -19.35
C18 2IL K . 8.02 -5.28 -19.93
C19 2IL K . 8.94 -5.64 -21.11
C20 2IL K . 10.21 -4.80 -21.02
C21 2IL K . 10.31 -3.95 -22.29
C22 2IL K . 11.68 -4.04 -22.94
C23 2IL K . 11.78 -5.35 -23.71
C24 2IL K . 12.18 -5.04 -25.15
C25 2IL K . 13.50 -5.76 -25.50
C26 2IL K . 14.25 -4.93 -26.55
C1 2IL L . 2.49 -10.13 -23.73
O1 2IL L . 1.67 -9.41 -24.64
C2 2IL L . 3.95 -10.37 -24.05
O2 2IL L . 1.94 -10.64 -22.50
C3 2IL L . 4.52 -11.57 -23.28
O3 2IL L . 5.60 -11.16 -22.49
C4 2IL L . 5.00 -12.58 -24.33
O4 2IL L . 4.37 -12.09 -20.61
C5 2IL L . 6.48 -12.93 -24.09
C6 2IL L . 7.37 -12.35 -25.20
C7 2IL L . 8.83 -12.61 -24.81
C8 2IL L . 9.62 -13.21 -25.97
C9 2IL L . 10.15 -14.59 -25.57
C10 2IL L . 11.48 -14.87 -26.29
C11 2IL L . 11.83 -16.35 -26.11
C12 2IL L . 13.11 -16.67 -26.89
C13 2IL L . 13.35 -18.17 -26.90
C14 2IL L . 14.46 -18.49 -27.91
C15 2IL L . 5.45 -11.32 -21.10
C16 2IL L . 6.65 -11.07 -20.18
C17 2IL L . 7.96 -11.29 -20.95
C18 2IL L . 8.53 -9.96 -21.40
C19 2IL L . 9.93 -10.15 -21.99
C20 2IL L . 10.18 -9.05 -23.04
C21 2IL L . 11.67 -8.97 -23.39
C22 2IL L . 12.06 -10.17 -24.25
C23 2IL L . 12.84 -9.69 -25.48
C24 2IL L . 13.08 -10.87 -26.42
C25 2IL L . 14.13 -10.50 -27.47
C26 2IL L . 14.70 -11.78 -28.08
C1 2IL M . -0.16 -2.81 -19.01
C2 2IL M . 1.00 -1.91 -18.59
O2 2IL M . -1.45 -2.23 -19.25
C3 2IL M . 2.35 -2.61 -18.80
O3 2IL M . 3.38 -1.77 -18.32
C4 2IL M . 2.57 -2.83 -20.29
O4 2IL M . 2.88 -2.70 -16.12
C5 2IL M . 2.54 -1.49 -21.01
C6 2IL M . 3.96 -1.12 -21.43
C7 2IL M . 4.59 -2.29 -22.20
C8 2IL M . 6.05 -1.95 -22.49
C9 2IL M . 6.52 -2.74 -23.70
C10 2IL M . 7.65 -1.97 -24.38
C11 2IL M . 8.24 -2.81 -25.49
C12 2IL M . 9.03 -1.87 -26.42
C13 2IL M . 9.11 -2.51 -27.80
C14 2IL M . 9.95 -3.79 -27.66
C15 2IL M . 3.65 -1.85 -16.94
C16 2IL M . 5.00 -1.34 -16.43
C17 2IL M . 6.07 -1.75 -17.44
C18 2IL M . 6.78 -0.50 -17.96
C19 2IL M . 7.78 -0.95 -19.04
C20 2IL M . 8.61 0.25 -19.48
C21 2IL M . 9.81 -0.27 -20.26
C22 2IL M . 10.29 0.80 -21.25
C23 2IL M . 10.91 0.12 -22.46
C24 2IL M . 11.64 1.16 -23.29
C25 2IL M . 12.13 0.49 -24.58
C26 2IL M . 13.58 0.02 -24.41
C1 NAG N . 8.86 -23.97 -38.31
C2 NAG N . 9.68 -24.13 -39.59
C3 NAG N . 8.84 -23.69 -40.79
C4 NAG N . 7.52 -24.45 -40.82
C5 NAG N . 6.79 -24.29 -39.49
C6 NAG N . 5.53 -25.11 -39.40
C7 NAG N . 12.05 -23.80 -40.09
C8 NAG N . 13.24 -22.90 -39.93
N2 NAG N . 10.92 -23.38 -39.53
O3 NAG N . 9.58 -23.93 -41.99
O4 NAG N . 6.70 -23.94 -41.86
O5 NAG N . 7.64 -24.71 -38.41
O6 NAG N . 4.91 -25.25 -40.67
O7 NAG N . 12.11 -24.86 -40.70
C1 NAG O . -31.95 14.17 29.73
C2 NAG O . -32.34 14.49 31.18
C3 NAG O . -33.17 13.36 31.76
C4 NAG O . -34.36 13.05 30.87
C5 NAG O . -33.89 12.78 29.44
C6 NAG O . -35.04 12.59 28.48
C7 NAG O . -31.17 15.66 32.99
C8 NAG O . -29.88 15.81 33.73
N2 NAG O . -31.18 14.76 31.99
O3 NAG O . -33.61 13.72 33.07
O4 NAG O . -35.05 11.91 31.36
O5 NAG O . -33.12 13.89 28.97
O6 NAG O . -36.16 12.00 29.11
O7 NAG O . -32.16 16.34 33.26
C1 2IL P . -15.18 1.80 16.21
C2 2IL P . -14.99 2.01 17.71
O2 2IL P . -14.45 0.76 15.61
C3 2IL P . -13.93 3.07 17.95
O3 2IL P . -12.70 2.66 17.38
C4 2IL P . -13.72 3.29 19.45
O4 2IL P . -13.00 4.06 15.41
C5 2IL P . -14.31 2.14 20.27
C6 2IL P . -14.64 2.66 21.68
C7 2IL P . -15.39 3.98 21.54
C8 2IL P . -16.12 4.28 22.85
C9 2IL P . -15.10 4.28 23.99
C10 2IL P . -15.35 5.50 24.87
C11 2IL P . -15.79 5.03 26.26
C12 2IL P . -15.46 6.13 27.27
C13 2IL P . -15.85 5.62 28.66
C14 2IL P . -14.61 5.63 29.56
C15 2IL P . -12.15 3.55 16.41
C16 2IL P . -10.82 4.24 16.69
C17 2IL P . -10.91 5.05 17.98
C18 2IL P . -10.10 4.35 19.06
C19 2IL P . -10.50 4.93 20.42
C20 2IL P . -9.26 5.16 21.28
C21 2IL P . -9.36 4.29 22.53
C22 2IL P . -9.07 5.09 23.80
C23 2IL P . -10.29 5.93 24.17
C24 2IL P . -10.69 5.61 25.61
C25 2IL P . -10.66 6.90 26.44
C26 2IL P . -10.32 6.54 27.89
C1 2IL Q . -18.23 3.44 17.84
O1 2IL Q . -18.71 2.17 18.28
C2 2IL Q . -17.80 4.47 18.86
O2 2IL Q . -18.16 3.74 16.44
C3 2IL Q . -17.86 5.89 18.29
O3 2IL Q . -16.58 6.49 18.36
C4 2IL Q . -18.83 6.70 19.15
O4 2IL Q . -16.76 6.80 15.96
C5 2IL Q . -18.15 7.95 19.71
C6 2IL Q . -17.93 7.84 21.22
C7 2IL Q . -17.11 9.06 21.67
C8 2IL Q . -17.73 9.73 22.90
C9 2IL Q . -18.13 11.17 22.55
C10 2IL Q . -18.01 12.06 23.79
C11 2IL Q . -18.68 13.40 23.51
C12 2IL Q . -18.63 14.28 24.77
C13 2IL Q . -19.50 15.53 24.56
C14 2IL Q . -19.69 16.23 25.91
C15 2IL Q . -15.99 6.84 17.13
C16 2IL Q . -14.67 7.62 17.13
C17 2IL Q . -14.56 8.46 18.42
C18 2IL Q . -13.66 7.73 19.42
C19 2IL Q . -13.38 8.64 20.63
C20 2IL Q . -13.12 7.75 21.85
C21 2IL Q . -12.49 8.56 22.99
C22 2IL Q . -13.55 9.49 23.62
C23 2IL Q . -13.51 9.35 25.14
C24 2IL Q . -14.68 10.14 25.73
C25 2IL Q . -14.48 10.29 27.24
C26 2IL Q . -15.33 11.45 27.76
C1 GP4 R . -17.01 1.97 13.52
C2 GP4 R . -16.99 2.90 14.64
C3 GP4 R . -18.13 2.70 15.51
C4 GP4 R . -19.40 2.67 14.79
C5 GP4 R . -19.37 2.02 13.47
C6 GP4 R . -20.46 2.58 12.62
N2 GP4 R . -15.70 2.89 15.38
O4 GP4 R . -20.35 2.03 15.60
O6 GP4 R . -21.48 1.58 12.45
O5 GP4 R . -18.18 2.17 12.78
O7A GP4 R . -22.88 1.91 14.73
P4A GP4 R . -21.84 2.67 15.78
O8A GP4 R . -21.79 4.27 15.43
O9A GP4 R . -22.37 2.45 17.32
O47 X6Z S . -16.88 -2.61 12.48
O50 X6Z S . -13.56 0.96 10.79
C1 X6Z S . -16.79 -0.30 12.91
C2 X6Z S . -16.73 -1.65 13.49
C3 X6Z S . -15.47 -1.87 14.19
C4 X6Z S . -14.30 -1.54 13.37
C5 X6Z S . -14.43 -0.29 12.63
C6 X6Z S . -13.36 -0.22 11.58
C48 X6Z S . -18.25 -2.87 12.15
O3 X6Z S . -15.40 -3.20 14.62
O4 X6Z S . -13.19 -1.38 14.22
O5 X6Z S . -15.70 -0.05 12.06
O58 X6Z S . -12.45 3.28 9.99
O60 X6Z S . -11.96 1.01 8.64
O62 X6Z S . -10.92 1.36 11.09
P51 X6Z S . -12.22 1.66 10.12
OXT X6Z S . -16.90 0.63 13.95
C1 NAG T . -30.68 36.25 1.25
C2 NAG T . -29.20 35.89 1.10
C3 NAG T . -28.46 36.98 0.34
C4 NAG T . -29.15 37.27 -0.98
C5 NAG T . -30.63 37.59 -0.73
C6 NAG T . -31.41 37.80 -2.01
C7 NAG T . -27.47 34.99 2.60
C8 NAG T . -27.01 34.87 4.02
N2 NAG T . -28.60 35.68 2.41
O3 NAG T . -27.12 36.54 0.08
O4 NAG T . -28.54 38.37 -1.63
O5 NAG T . -31.25 36.49 -0.04
O6 NAG T . -30.91 38.91 -2.74
O7 NAG T . -26.85 34.49 1.67
C1 NAG U . 6.69 29.08 -16.53
C2 NAG U . 7.24 30.45 -16.88
C3 NAG U . 6.63 30.96 -18.18
C4 NAG U . 6.79 29.93 -19.29
C5 NAG U . 6.30 28.56 -18.82
C6 NAG U . 6.60 27.46 -19.82
C7 NAG U . 5.87 31.83 -15.34
C8 NAG U . 5.91 32.82 -14.22
N2 NAG U . 7.07 31.41 -15.80
O3 NAG U . 7.24 32.19 -18.56
O4 NAG U . 6.04 30.33 -20.43
O5 NAG U . 6.94 28.18 -17.60
O6 NAG U . 7.92 26.96 -19.63
O7 NAG U . 4.81 31.42 -15.81
C1 GP4 V . -0.24 -9.29 -19.96
C2 GP4 V . 1.00 -9.69 -20.62
C3 GP4 V . 0.76 -10.07 -21.99
C4 GP4 V . -0.32 -11.05 -22.14
C5 GP4 V . -1.46 -10.86 -21.23
C6 GP4 V . -2.16 -12.16 -21.03
N2 GP4 V . 2.08 -8.68 -20.49
O4 GP4 V . -0.78 -10.99 -23.46
O6 GP4 V . -3.42 -12.13 -21.70
O5 GP4 V . -1.14 -10.37 -19.97
O7A GP4 V . -2.66 -12.74 -24.23
P4A GP4 V . -1.05 -12.37 -24.29
O8A GP4 V . -0.19 -13.59 -23.61
O9A GP4 V . -0.60 -12.20 -25.87
O47 X6Z W . -3.69 -6.12 -20.15
O50 X6Z W . -0.60 -6.98 -16.10
C1 X6Z W . -1.92 -7.64 -19.89
C2 X6Z W . -2.42 -6.48 -20.63
C3 X6Z W . -1.52 -5.34 -20.53
C4 X6Z W . -1.15 -5.03 -19.15
C5 X6Z W . -0.84 -6.20 -18.34
C6 X6Z W . -0.81 -5.80 -16.90
C48 X6Z W . -4.76 -6.88 -20.71
O3 X6Z W . -2.09 -4.24 -21.16
O4 X6Z W . 0.00 -4.23 -19.17
O5 X6Z W . -1.66 -7.32 -18.54
O58 X6Z W . 1.01 -8.15 -14.29
O60 X6Z W . -0.94 -6.49 -13.48
O62 X6Z W . 1.20 -5.51 -14.77
P51 X6Z W . 0.17 -6.79 -14.66
OXT X6Z W . -0.80 -8.15 -20.56
C1 2IL X . -12.28 -2.49 14.33
C2 2IL X . -10.86 -2.29 14.86
O2 2IL X . -12.71 -3.79 13.94
C3 2IL X . -10.70 -0.97 15.62
O3 2IL X . -9.37 -0.81 16.01
C4 2IL X . -11.57 -1.02 16.88
O4 2IL X . -8.99 0.08 13.78
C5 2IL X . -11.13 -2.19 17.74
C6 2IL X . -10.39 -1.64 18.97
C7 2IL X . -11.23 -0.57 19.65
C8 2IL X . -10.42 0.05 20.77
C9 2IL X . -11.35 0.66 21.81
C10 2IL X . -10.65 0.64 23.17
C11 2IL X . -11.50 1.38 24.20
C12 2IL X . -11.01 0.97 25.58
C13 2IL X . -12.14 1.17 26.58
C14 2IL X . -12.46 2.67 26.64
C15 2IL X . -8.51 -0.26 15.05
C16 2IL X . -7.19 0.36 15.51
C17 2IL X . -7.44 1.12 16.82
C18 2IL X . -6.57 0.54 17.93
C19 2IL X . -6.94 1.25 19.24
C20 2IL X . -5.98 0.81 20.34
C21 2IL X . -6.13 1.77 21.51
C22 2IL X . -5.73 1.06 22.81
C23 2IL X . -6.53 1.67 23.95
C24 2IL X . -5.94 1.20 25.29
C25 2IL X . -6.84 1.69 26.41
C26 2IL X . -6.28 2.99 26.98
C1 NAG Y . 8.01 -45.78 -9.44
C2 NAG Y . 8.48 -44.60 -8.59
C3 NAG Y . 9.14 -45.09 -7.31
C4 NAG Y . 8.23 -46.06 -6.58
C5 NAG Y . 7.80 -47.18 -7.51
C6 NAG Y . 6.82 -48.14 -6.88
C7 NAG Y . 9.64 -42.48 -9.04
C8 NAG Y . 10.59 -41.76 -9.95
N2 NAG Y . 9.38 -43.76 -9.36
O3 NAG Y . 9.43 -43.97 -6.48
O4 NAG Y . 8.93 -46.62 -5.46
O5 NAG Y . 7.15 -46.61 -8.66
O6 NAG Y . 7.39 -48.79 -5.75
O7 NAG Y . 9.14 -41.94 -8.06
C1 NAG Z . 13.37 -20.67 23.79
C2 NAG Z . 14.37 -21.39 24.70
C3 NAG Z . 13.65 -22.47 25.51
C4 NAG Z . 12.45 -21.87 26.25
C5 NAG Z . 11.56 -21.07 25.29
C6 NAG Z . 10.47 -20.31 26.00
C7 NAG Z . 15.37 -22.92 23.02
C8 NAG Z . 16.65 -23.35 22.37
N2 NAG Z . 15.48 -21.95 23.95
O3 NAG Z . 14.55 -23.04 26.43
O4 NAG Z . 11.68 -22.90 26.83
O5 NAG Z . 12.34 -20.10 24.58
O6 NAG Z . 10.95 -19.05 26.46
O7 NAG Z . 14.29 -23.42 22.72
#